data_2FBW
#
_entry.id   2FBW
#
_cell.length_a   118.700
_cell.length_b   200.753
_cell.length_c   67.631
_cell.angle_alpha   90.000
_cell.angle_beta   90.060
_cell.angle_gamma   90.000
#
_symmetry.space_group_name_H-M   'P 1 21 1'
#
loop_
_entity.id
_entity.type
_entity.pdbx_description
1 polymer 'Succinate dehydrogenase [ubiquinone] flavoprotein subunit, mitochondrial'
2 polymer 'Succinate dehydrogenase [ubiquinone] iron-sulfur subunit, mitochondrial'
3 polymer 'Succinate dehydrogenase cytochrome b560 subunit, mitochondrial'
4 polymer 'Succinate dehydrogenase [ubiquinone] cytochrome b small subunit, mitochondrial'
5 non-polymer 'FLAVIN-ADENINE DINUCLEOTIDE'
6 non-polymer '(~{Z})-2-oxidanylbut-2-enedioic acid'
7 non-polymer 'POTASSIUM ION'
8 non-polymer 'AZIDE ION'
9 non-polymer 'UNKNOWN LIGAND'
10 non-polymer 'FE2/S2 (INORGANIC) CLUSTER'
11 non-polymer 'IRON/SULFUR CLUSTER'
12 non-polymer 'FE3-S4 CLUSTER'
13 non-polymer 'SODIUM ION'
14 non-polymer GLYCEROL
15 non-polymer 'PROTOPORPHYRIN IX CONTAINING FE'
16 non-polymer 2-METHYL-N-PHENYL-5,6-DIHYDRO-1,4-OXATHIINE-3-CARBOXAMIDE
17 non-polymer 'octyl beta-D-glucopyranoside'
18 non-polymer UNDECYL-MALTOSIDE
19 water water
#
loop_
_entity_poly.entity_id
_entity_poly.type
_entity_poly.pdbx_seq_one_letter_code
_entity_poly.pdbx_strand_id
1 'polypeptide(L)'
;STKVSDSISTQYPVVDHEFDAVVVGAGGAGLRAAFGLSEAGFNTACVTKLFPTRSHTVAAQGGINAALGNMEDDNWRWHF
YDTVKGSDWLGDQDAIHYMTEQAPAAVIELENYGMPFSRTEEGKIYQRAFGGQSLQFGKGGQAHRCCCVADRTGHSLLHT
LYGRSLRYDTSYFVEYFALDLLMENGECRGVIALCIEDGTIHRFRAKNTVIATGGYGRTYFSCTSAHTSTGDGTAMVTRA
GLPCQDLEFVQFHPTGIYGAGCLITEGCRGEGGILINSQGERFMERYAPVAKDLASRDVVSRSMTIEIREGRGCGPEKDH
VYLQLHHLPPQQLATRLPGISETAMIFAGVDVTKEPIPVLPTVHYNMGGIPTNYKGQVITHVNGEDKVVPGLYACGEAAS
ASVHGANRLGANSLLDLVVFGRACALTIAETCKPGEPVPSIKPNAGEESVANLDKLRFADGTIRTSEARLNMQKTMQSHA
AVFRTGSILQEGCEKLSQIYRDLAHLKTFDRGIVWNTDLVETLELQNLMLCALQTIYGAEARKESRGAHAREDYKLRIDE
FDYSKPLQGQQKRPFEEHWRKHTLSYVDVKSGKVTLKYRPVIDRTLNEEDCSSVPPAIRSY
;
A,N
2 'polypeptide(L)'
;AQTAAAATSRIKKFSIYRWDPDKPGDKPRMQTYEVDLNKCGPMVLDALIKIKNELDSTLTFRRSCREGICGSCAMNIAGG
NTLACTKKIDPDLSKTTKIYPLPHMYVVKDLVPDLSNFYAQYKSIEPYLKKKDESKQGKEQYLQSIEDRQKLDGLYECIL
CACCSTSCPSYWWNGDKYLGPAVLMQAYRWMIDSRDDYTEERLAQLQDPFSLYRCHTIMNCTRTCPKGLNPGKAIAEIKK
MMATYKEKAAAA
;
B,O
3 'polypeptide(L)'
;MATTAKEEMARFWEKNTKSSRPLSPHISIYKWSLPMAMSITHRGTGVALSLGVSLFSLAALLLPEQFPHYVAVVKSLSLS
PALIYSAKFALVFPLSYHTWNGIRHLVWDMGKGFKLSQVEQSGVVVLILTLLSSAAIAAM
;
C,P
4 'polypeptide(L)'
;GSSKAASLHWTSERAVSALLLGLLPAAYLYPGPAVDYSLAAALTLHGHWGLGQVITDYVHGDTPIKVANTGLYVLSAITF
TGLCYFNYYDVGICKAVAMLWSI
;
D,Q
#
loop_
_chem_comp.id
_chem_comp.type
_chem_comp.name
_chem_comp.formula
AZI non-polymer 'AZIDE ION' 'N3 -1'
BOG D-saccharide 'octyl beta-D-glucopyranoside' 'C14 H28 O6'
CBE non-polymer 2-METHYL-N-PHENYL-5,6-DIHYDRO-1,4-OXATHIINE-3-CARBOXAMIDE 'C12 H13 N O2 S'
F3S non-polymer 'FE3-S4 CLUSTER' 'Fe3 S4'
FAD non-polymer 'FLAVIN-ADENINE DINUCLEOTIDE' 'C27 H33 N9 O15 P2'
FES non-polymer 'FE2/S2 (INORGANIC) CLUSTER' 'Fe2 S2'
GOL non-polymer GLYCEROL 'C3 H8 O3'
HEM non-polymer 'PROTOPORPHYRIN IX CONTAINING FE' 'C34 H32 Fe N4 O4'
K non-polymer 'POTASSIUM ION' 'K 1'
NA non-polymer 'SODIUM ION' 'Na 1'
SF4 non-polymer 'IRON/SULFUR CLUSTER' 'Fe4 S4'
UMQ non-polymer UNDECYL-MALTOSIDE 'C23 H44 O11'
UNL non-polymer 'UNKNOWN LIGAND' ?
Y3P non-polymer '(~{Z})-2-oxidanylbut-2-enedioic acid' 'C4 H4 O5'
#
# COMPACT_ATOMS: atom_id res chain seq x y z
N THR A 10 -67.49 14.90 24.00
CA THR A 10 -67.28 16.30 24.36
C THR A 10 -65.83 16.73 24.18
N GLN A 11 -64.94 16.21 25.05
CA GLN A 11 -63.54 16.60 25.03
C GLN A 11 -62.73 15.91 23.93
N TYR A 12 -63.24 14.81 23.37
CA TYR A 12 -62.51 14.13 22.32
C TYR A 12 -63.29 14.19 21.02
N PRO A 13 -62.65 14.51 19.90
CA PRO A 13 -63.35 14.42 18.61
C PRO A 13 -63.61 12.96 18.25
N VAL A 14 -64.86 12.67 17.88
CA VAL A 14 -65.30 11.33 17.51
C VAL A 14 -65.42 11.25 16.01
N VAL A 15 -64.94 10.14 15.43
CA VAL A 15 -65.08 9.86 14.01
C VAL A 15 -65.79 8.52 13.84
N ASP A 16 -66.86 8.53 13.04
CA ASP A 16 -67.71 7.35 12.87
C ASP A 16 -67.48 6.76 11.49
N HIS A 17 -67.31 5.43 11.45
CA HIS A 17 -67.15 4.69 10.22
C HIS A 17 -68.25 3.65 10.10
N GLU A 18 -68.64 3.36 8.86
CA GLU A 18 -69.62 2.30 8.57
C GLU A 18 -68.96 1.28 7.66
N PHE A 19 -68.83 0.04 8.15
CA PHE A 19 -68.31 -1.05 7.36
C PHE A 19 -69.30 -2.23 7.41
N ASP A 20 -69.12 -3.18 6.48
CA ASP A 20 -69.85 -4.45 6.60
C ASP A 20 -69.33 -5.25 7.78
N ALA A 21 -68.01 -5.28 7.94
CA ALA A 21 -67.37 -6.09 8.97
C ALA A 21 -66.14 -5.34 9.46
N VAL A 22 -65.80 -5.55 10.73
CA VAL A 22 -64.60 -4.99 11.30
C VAL A 22 -63.83 -6.11 11.98
N VAL A 23 -62.54 -6.20 11.69
CA VAL A 23 -61.67 -7.21 12.28
C VAL A 23 -60.71 -6.51 13.22
N VAL A 24 -60.67 -6.92 14.48
CA VAL A 24 -59.72 -6.36 15.45
C VAL A 24 -58.57 -7.33 15.56
N GLY A 25 -57.42 -6.95 15.00
CA GLY A 25 -56.28 -7.83 14.95
C GLY A 25 -55.74 -8.04 13.55
N ALA A 26 -54.41 -8.00 13.43
CA ALA A 26 -53.70 -8.15 12.16
C ALA A 26 -52.57 -9.17 12.28
N GLY A 27 -52.76 -10.18 13.12
CA GLY A 27 -51.87 -11.32 13.17
C GLY A 27 -52.24 -12.31 12.09
N GLY A 28 -51.85 -13.57 12.29
CA GLY A 28 -52.23 -14.60 11.34
C GLY A 28 -53.73 -14.73 11.20
N ALA A 29 -54.44 -14.78 12.33
CA ALA A 29 -55.90 -14.91 12.27
C ALA A 29 -56.54 -13.68 11.67
N GLY A 30 -56.23 -12.51 12.23
CA GLY A 30 -56.93 -11.29 11.83
C GLY A 30 -56.75 -10.99 10.35
N LEU A 31 -55.52 -11.08 9.85
CA LEU A 31 -55.28 -10.89 8.43
C LEU A 31 -56.05 -11.89 7.58
N ARG A 32 -56.00 -13.18 7.93
CA ARG A 32 -56.71 -14.17 7.12
C ARG A 32 -58.22 -13.89 7.10
N ALA A 33 -58.78 -13.51 8.25
CA ALA A 33 -60.19 -13.13 8.32
C ALA A 33 -60.45 -11.89 7.49
N ALA A 34 -59.61 -10.86 7.68
CA ALA A 34 -59.84 -9.56 7.05
C ALA A 34 -59.85 -9.65 5.52
N PHE A 35 -58.83 -10.30 4.91
CA PHE A 35 -58.90 -10.37 3.46
C PHE A 35 -59.80 -11.51 2.97
N GLY A 36 -60.13 -12.47 3.83
CA GLY A 36 -61.17 -13.43 3.49
C GLY A 36 -62.53 -12.77 3.36
N LEU A 37 -62.85 -11.84 4.24
CA LEU A 37 -64.09 -11.08 4.10
C LEU A 37 -64.07 -10.25 2.82
N SER A 38 -62.96 -9.54 2.56
CA SER A 38 -62.87 -8.72 1.35
C SER A 38 -62.92 -9.57 0.09
N GLU A 39 -62.27 -10.74 0.12
CA GLU A 39 -62.33 -11.63 -1.04
C GLU A 39 -63.76 -12.11 -1.32
N ALA A 40 -64.62 -12.14 -0.30
CA ALA A 40 -66.03 -12.48 -0.45
C ALA A 40 -66.92 -11.26 -0.75
N GLY A 41 -66.31 -10.10 -0.99
CA GLY A 41 -67.10 -8.93 -1.34
C GLY A 41 -67.52 -8.03 -0.19
N PHE A 42 -67.07 -8.30 1.04
CA PHE A 42 -67.47 -7.49 2.19
C PHE A 42 -66.55 -6.28 2.33
N ASN A 43 -67.16 -5.11 2.50
CA ASN A 43 -66.43 -3.89 2.83
C ASN A 43 -65.92 -4.02 4.26
N THR A 44 -64.62 -4.28 4.42
CA THR A 44 -64.04 -4.75 5.67
C THR A 44 -62.96 -3.82 6.22
N ALA A 45 -63.01 -3.55 7.52
CA ALA A 45 -61.98 -2.80 8.20
C ALA A 45 -61.15 -3.71 9.09
N CYS A 46 -59.86 -3.47 9.13
CA CYS A 46 -58.94 -4.19 10.03
C CYS A 46 -58.25 -3.17 10.92
N VAL A 47 -58.54 -3.23 12.20
CA VAL A 47 -58.08 -2.27 13.19
C VAL A 47 -57.00 -2.96 14.01
N THR A 48 -55.78 -2.44 14.01
CA THR A 48 -54.69 -3.12 14.70
C THR A 48 -53.80 -2.11 15.45
N LYS A 49 -53.40 -2.46 16.67
CA LYS A 49 -52.56 -1.50 17.39
C LYS A 49 -51.12 -1.52 16.91
N LEU A 50 -50.71 -2.50 16.10
CA LEU A 50 -49.37 -2.59 15.54
C LEU A 50 -49.44 -2.62 14.02
N PHE A 51 -48.36 -2.18 13.38
CA PHE A 51 -48.19 -2.51 11.98
C PHE A 51 -48.24 -4.04 11.84
N PRO A 52 -49.00 -4.57 10.88
CA PRO A 52 -49.31 -6.02 10.92
C PRO A 52 -48.12 -6.95 11.12
N THR A 53 -47.02 -6.73 10.40
CA THR A 53 -45.94 -7.71 10.44
C THR A 53 -45.14 -7.64 11.74
N ARG A 54 -45.52 -6.77 12.68
CA ARG A 54 -44.92 -6.77 14.01
C ARG A 54 -45.67 -7.66 15.00
N SER A 55 -46.81 -8.24 14.60
CA SER A 55 -47.61 -9.06 15.52
C SER A 55 -46.82 -10.29 15.97
N HIS A 56 -47.24 -10.86 17.10
CA HIS A 56 -46.50 -11.98 17.68
C HIS A 56 -46.38 -13.16 16.72
N THR A 57 -47.35 -13.34 15.80
CA THR A 57 -47.29 -14.40 14.81
C THR A 57 -45.93 -14.42 14.11
N VAL A 58 -45.34 -13.23 13.93
CA VAL A 58 -44.08 -13.08 13.20
C VAL A 58 -42.95 -13.77 13.95
N ALA A 59 -43.10 -13.98 15.24
CA ALA A 59 -42.06 -14.65 16.00
C ALA A 59 -42.20 -16.18 16.02
N ALA A 60 -43.25 -16.76 15.43
CA ALA A 60 -43.40 -18.22 15.49
C ALA A 60 -42.34 -18.93 14.64
N GLN A 61 -41.91 -20.11 15.09
CA GLN A 61 -40.71 -20.73 14.58
C GLN A 61 -40.93 -22.12 13.98
N GLY A 62 -41.52 -23.04 14.75
CA GLY A 62 -41.38 -24.45 14.45
C GLY A 62 -42.16 -24.88 13.23
N GLY A 63 -43.38 -24.38 13.06
CA GLY A 63 -44.10 -24.65 11.82
C GLY A 63 -45.58 -24.82 12.06
N ILE A 64 -46.27 -25.41 11.07
CA ILE A 64 -47.73 -25.54 11.08
C ILE A 64 -48.09 -26.97 10.66
N ASN A 65 -49.02 -27.61 11.39
CA ASN A 65 -49.37 -29.02 11.17
C ASN A 65 -50.38 -29.22 10.04
N ALA A 66 -50.13 -30.24 9.23
CA ALA A 66 -51.08 -30.70 8.21
C ALA A 66 -50.66 -32.08 7.74
N ALA A 67 -51.64 -32.96 7.57
CA ALA A 67 -51.37 -34.32 7.10
C ALA A 67 -51.24 -34.36 5.57
N LEU A 68 -50.23 -33.64 5.04
CA LEU A 68 -49.98 -33.69 3.60
C LEU A 68 -49.39 -35.02 3.17
N GLY A 69 -48.67 -35.71 4.06
CA GLY A 69 -48.01 -36.93 3.69
C GLY A 69 -46.80 -36.75 2.79
N ASN A 70 -46.07 -35.65 2.93
CA ASN A 70 -44.88 -35.45 2.10
C ASN A 70 -43.68 -36.29 2.52
N MET A 71 -43.63 -36.73 3.77
CA MET A 71 -42.49 -37.45 4.30
C MET A 71 -42.74 -38.94 4.49
N GLU A 72 -43.98 -39.30 4.83
CA GLU A 72 -44.48 -40.68 4.79
C GLU A 72 -45.99 -40.61 4.66
N ASP A 73 -46.64 -41.77 4.56
CA ASP A 73 -48.09 -41.76 4.44
C ASP A 73 -48.72 -41.28 5.74
N ASP A 74 -49.73 -40.41 5.63
CA ASP A 74 -50.37 -39.77 6.77
C ASP A 74 -51.88 -39.82 6.62
N ASN A 75 -52.59 -39.29 7.62
CA ASN A 75 -54.05 -39.28 7.62
C ASN A 75 -54.52 -38.19 8.55
N TRP A 76 -55.41 -37.31 8.07
CA TRP A 76 -55.81 -36.22 8.94
C TRP A 76 -56.53 -36.72 10.19
N ARG A 77 -57.15 -37.91 10.14
CA ARG A 77 -57.83 -38.43 11.33
C ARG A 77 -56.84 -38.85 12.41
N TRP A 78 -55.59 -39.20 12.05
CA TRP A 78 -54.53 -39.38 13.06
C TRP A 78 -54.17 -38.07 13.74
N HIS A 79 -54.12 -36.99 12.96
CA HIS A 79 -53.89 -35.66 13.51
C HIS A 79 -55.06 -35.22 14.41
N PHE A 80 -56.29 -35.54 13.98
CA PHE A 80 -57.47 -35.42 14.84
C PHE A 80 -57.26 -36.15 16.17
N TYR A 81 -56.93 -37.43 16.11
CA TYR A 81 -56.71 -38.18 17.33
C TYR A 81 -55.66 -37.53 18.20
N ASP A 82 -54.50 -37.16 17.62
CA ASP A 82 -53.43 -36.57 18.43
C ASP A 82 -53.91 -35.30 19.12
N THR A 83 -54.79 -34.54 18.49
CA THR A 83 -55.18 -33.26 19.09
C THR A 83 -56.19 -33.47 20.21
N VAL A 84 -57.14 -34.38 20.01
CA VAL A 84 -58.09 -34.76 21.06
C VAL A 84 -57.34 -35.22 22.31
N LYS A 85 -56.47 -36.20 22.16
CA LYS A 85 -55.71 -36.71 23.30
C LYS A 85 -54.85 -35.61 23.91
N GLY A 86 -54.15 -34.86 23.06
CA GLY A 86 -53.34 -33.77 23.55
C GLY A 86 -54.09 -32.83 24.46
N SER A 87 -55.36 -32.55 24.13
CA SER A 87 -56.19 -31.64 24.91
C SER A 87 -56.70 -32.27 26.20
N ASP A 88 -56.45 -33.56 26.43
CA ASP A 88 -56.87 -34.24 27.66
C ASP A 88 -58.40 -34.18 27.80
N TRP A 89 -59.09 -34.31 26.66
CA TRP A 89 -60.54 -34.48 26.55
C TRP A 89 -61.29 -33.29 27.13
N LEU A 90 -60.67 -32.12 27.10
CA LEU A 90 -61.38 -30.87 27.24
C LEU A 90 -61.63 -30.18 25.91
N GLY A 91 -61.09 -30.73 24.82
CA GLY A 91 -61.24 -30.11 23.52
C GLY A 91 -62.57 -30.48 22.87
N ASP A 92 -63.17 -29.51 22.18
CA ASP A 92 -64.44 -29.76 21.51
C ASP A 92 -64.16 -30.48 20.19
N GLN A 93 -64.68 -31.70 20.07
CA GLN A 93 -64.27 -32.58 18.98
C GLN A 93 -64.87 -32.20 17.64
N ASP A 94 -65.96 -31.39 17.64
CA ASP A 94 -66.45 -30.87 16.37
C ASP A 94 -65.46 -29.85 15.79
N ALA A 95 -64.89 -28.99 16.64
CA ALA A 95 -63.94 -28.01 16.14
C ALA A 95 -62.61 -28.66 15.77
N ILE A 96 -62.16 -29.64 16.55
CA ILE A 96 -60.91 -30.34 16.20
C ILE A 96 -61.10 -31.07 14.86
N HIS A 97 -62.26 -31.68 14.69
CA HIS A 97 -62.57 -32.31 13.41
C HIS A 97 -62.42 -31.29 12.29
N TYR A 98 -63.09 -30.15 12.41
CA TYR A 98 -62.98 -29.15 11.36
C TYR A 98 -61.52 -28.77 11.11
N MET A 99 -60.74 -28.56 12.18
CA MET A 99 -59.41 -27.99 12.02
C MET A 99 -58.44 -28.98 11.37
N THR A 100 -58.43 -30.22 11.86
CA THR A 100 -57.47 -31.17 11.31
C THR A 100 -57.87 -31.57 9.88
N GLU A 101 -59.18 -31.69 9.61
CA GLU A 101 -59.60 -32.05 8.25
C GLU A 101 -59.29 -30.93 7.26
N GLN A 102 -59.38 -29.67 7.68
CA GLN A 102 -59.08 -28.57 6.77
C GLN A 102 -57.60 -28.27 6.64
N ALA A 103 -56.75 -28.90 7.46
CA ALA A 103 -55.34 -28.51 7.55
C ALA A 103 -54.59 -28.65 6.23
N PRO A 104 -54.68 -29.76 5.50
CA PRO A 104 -53.94 -29.83 4.22
C PRO A 104 -54.32 -28.68 3.31
N ALA A 105 -55.62 -28.46 3.08
CA ALA A 105 -56.04 -27.37 2.20
C ALA A 105 -55.50 -26.04 2.70
N ALA A 106 -55.45 -25.84 4.01
CA ALA A 106 -55.00 -24.56 4.51
C ALA A 106 -53.51 -24.31 4.22
N VAL A 107 -52.68 -25.35 4.36
CA VAL A 107 -51.25 -25.14 4.14
C VAL A 107 -50.97 -24.99 2.66
N ILE A 108 -51.65 -25.78 1.83
CA ILE A 108 -51.54 -25.59 0.38
C ILE A 108 -51.88 -24.16 0.00
N GLU A 109 -52.97 -23.61 0.55
CA GLU A 109 -53.31 -22.20 0.31
C GLU A 109 -52.12 -21.29 0.59
N LEU A 110 -51.49 -21.42 1.77
CA LEU A 110 -50.37 -20.57 2.13
C LEU A 110 -49.20 -20.74 1.17
N GLU A 111 -48.89 -21.97 0.79
CA GLU A 111 -47.79 -22.14 -0.15
C GLU A 111 -48.16 -21.55 -1.51
N ASN A 112 -49.40 -21.73 -1.96
CA ASN A 112 -49.78 -21.10 -3.22
C ASN A 112 -49.77 -19.57 -3.12
N TYR A 113 -49.81 -19.00 -1.90
CA TYR A 113 -49.56 -17.57 -1.69
C TYR A 113 -48.09 -17.21 -1.87
N GLY A 114 -47.19 -18.18 -1.95
CA GLY A 114 -45.78 -17.89 -2.04
C GLY A 114 -45.00 -18.06 -0.74
N MET A 115 -45.63 -18.54 0.32
CA MET A 115 -44.88 -18.84 1.54
C MET A 115 -43.69 -19.75 1.21
N PRO A 116 -42.45 -19.33 1.52
CA PRO A 116 -41.25 -20.06 1.03
C PRO A 116 -40.86 -21.26 1.89
N PHE A 117 -41.77 -22.22 1.97
CA PHE A 117 -41.51 -23.47 2.68
C PHE A 117 -40.18 -24.11 2.26
N SER A 118 -39.50 -24.73 3.23
CA SER A 118 -38.38 -25.59 2.88
C SER A 118 -38.90 -26.79 2.10
N ARG A 119 -38.00 -27.43 1.35
CA ARG A 119 -38.41 -28.37 0.32
C ARG A 119 -37.79 -29.75 0.51
N THR A 120 -38.51 -30.76 0.04
CA THR A 120 -37.97 -32.12 -0.04
C THR A 120 -37.30 -32.34 -1.38
N GLU A 121 -36.65 -33.51 -1.52
CA GLU A 121 -36.02 -33.84 -2.78
C GLU A 121 -37.03 -34.01 -3.91
N GLU A 122 -38.31 -34.18 -3.61
CA GLU A 122 -39.34 -34.17 -4.64
C GLU A 122 -39.86 -32.77 -4.95
N GLY A 123 -39.40 -31.75 -4.22
CA GLY A 123 -39.90 -30.41 -4.45
C GLY A 123 -41.13 -30.03 -3.65
N LYS A 124 -41.59 -30.89 -2.75
CA LYS A 124 -42.75 -30.64 -1.92
C LYS A 124 -42.33 -30.00 -0.60
N ILE A 125 -43.34 -29.65 0.20
CA ILE A 125 -43.13 -28.99 1.49
C ILE A 125 -42.48 -29.95 2.47
N TYR A 126 -41.35 -29.52 3.04
CA TYR A 126 -40.65 -30.28 4.08
C TYR A 126 -41.43 -30.24 5.40
N GLN A 127 -41.61 -31.41 6.01
CA GLN A 127 -42.32 -31.54 7.28
C GLN A 127 -41.38 -32.16 8.32
N ARG A 128 -41.47 -31.67 9.56
CA ARG A 128 -40.63 -32.21 10.63
C ARG A 128 -41.48 -32.86 11.71
N ALA A 129 -40.82 -33.70 12.52
CA ALA A 129 -41.44 -34.21 13.73
C ALA A 129 -41.67 -33.08 14.71
N PHE A 130 -42.65 -33.26 15.60
CA PHE A 130 -42.99 -32.27 16.63
C PHE A 130 -43.62 -33.02 17.80
N GLY A 131 -43.74 -32.32 18.93
CA GLY A 131 -44.07 -33.00 20.18
C GLY A 131 -45.52 -33.47 20.21
N GLY A 132 -45.72 -34.76 20.48
CA GLY A 132 -47.04 -35.30 20.74
C GLY A 132 -47.84 -35.73 19.52
N GLN A 133 -47.19 -35.97 18.38
CA GLN A 133 -47.88 -36.36 17.17
C GLN A 133 -47.42 -37.73 16.70
N SER A 134 -48.39 -38.56 16.28
CA SER A 134 -48.18 -39.97 16.03
C SER A 134 -48.95 -40.40 14.79
N LEU A 135 -48.57 -41.56 14.27
CA LEU A 135 -49.29 -42.23 13.20
C LEU A 135 -50.16 -43.34 13.79
N GLN A 136 -51.22 -43.68 13.05
CA GLN A 136 -52.06 -44.84 13.37
C GLN A 136 -52.73 -44.70 14.73
N PHE A 137 -53.32 -43.51 14.97
CA PHE A 137 -54.13 -43.29 16.17
C PHE A 137 -53.32 -43.57 17.44
N GLY A 138 -52.08 -43.10 17.46
CA GLY A 138 -51.21 -43.26 18.61
C GLY A 138 -50.46 -44.56 18.67
N LYS A 139 -50.57 -45.44 17.66
CA LYS A 139 -49.98 -46.74 17.78
C LYS A 139 -48.74 -46.93 16.92
N GLY A 140 -48.46 -46.03 15.98
CA GLY A 140 -47.44 -46.31 14.98
C GLY A 140 -46.23 -45.39 14.96
N GLY A 141 -45.89 -44.79 16.09
CA GLY A 141 -44.68 -43.99 16.15
C GLY A 141 -44.85 -42.60 15.60
N GLN A 142 -43.70 -41.91 15.51
CA GLN A 142 -43.65 -40.46 15.35
C GLN A 142 -44.14 -40.03 13.97
N ALA A 143 -45.09 -39.10 13.95
CA ALA A 143 -45.48 -38.47 12.70
C ALA A 143 -44.51 -37.36 12.34
N HIS A 144 -44.47 -37.02 11.04
CA HIS A 144 -43.66 -35.92 10.51
C HIS A 144 -44.58 -35.02 9.68
N ARG A 145 -45.38 -34.20 10.36
CA ARG A 145 -46.38 -33.42 9.64
C ARG A 145 -46.31 -31.93 9.93
N CYS A 146 -45.25 -31.46 10.61
CA CYS A 146 -45.06 -30.04 10.91
C CYS A 146 -44.36 -29.35 9.74
N CYS A 147 -45.13 -28.70 8.87
CA CYS A 147 -44.57 -27.95 7.74
C CYS A 147 -43.85 -26.68 8.19
N CYS A 148 -42.68 -26.41 7.63
CA CYS A 148 -41.92 -25.30 8.17
C CYS A 148 -41.13 -24.55 7.11
N VAL A 149 -40.79 -23.29 7.45
CA VAL A 149 -39.79 -22.50 6.76
C VAL A 149 -38.57 -22.39 7.67
N ALA A 150 -37.69 -23.40 7.61
CA ALA A 150 -36.56 -23.53 8.55
C ALA A 150 -37.15 -23.39 9.95
N ASP A 151 -36.63 -22.51 10.80
CA ASP A 151 -37.22 -22.17 12.10
C ASP A 151 -37.75 -20.74 12.14
N ARG A 152 -38.23 -20.22 11.01
CA ARG A 152 -38.89 -18.93 10.93
C ARG A 152 -40.25 -19.06 10.28
N THR A 153 -41.00 -20.10 10.61
CA THR A 153 -42.26 -20.32 9.90
C THR A 153 -43.24 -19.18 10.13
N GLY A 154 -43.29 -18.64 11.35
CA GLY A 154 -44.25 -17.57 11.63
C GLY A 154 -43.92 -16.30 10.88
N HIS A 155 -42.64 -15.93 10.87
CA HIS A 155 -42.16 -14.79 10.09
C HIS A 155 -42.64 -14.89 8.65
N SER A 156 -42.43 -16.04 8.01
CA SER A 156 -42.82 -16.19 6.61
C SER A 156 -44.33 -16.27 6.47
N LEU A 157 -45.01 -16.95 7.39
CA LEU A 157 -46.46 -16.98 7.36
C LEU A 157 -47.04 -15.57 7.40
N LEU A 158 -46.60 -14.76 8.36
CA LEU A 158 -47.18 -13.42 8.52
C LEU A 158 -46.82 -12.50 7.35
N HIS A 159 -45.57 -12.52 6.90
CA HIS A 159 -45.21 -11.67 5.77
C HIS A 159 -45.93 -12.10 4.49
N THR A 160 -46.17 -13.40 4.32
CA THR A 160 -46.91 -13.89 3.16
C THR A 160 -48.37 -13.42 3.19
N LEU A 161 -49.03 -13.60 4.34
CA LEU A 161 -50.40 -13.14 4.49
C LEU A 161 -50.50 -11.63 4.35
N TYR A 162 -49.51 -10.89 4.87
CA TYR A 162 -49.57 -9.42 4.74
C TYR A 162 -49.46 -8.99 3.28
N GLY A 163 -48.51 -9.56 2.54
CA GLY A 163 -48.42 -9.27 1.11
C GLY A 163 -49.69 -9.62 0.37
N ARG A 164 -50.27 -10.79 0.66
CA ARG A 164 -51.53 -11.17 0.04
C ARG A 164 -52.64 -10.14 0.33
N SER A 165 -52.72 -9.68 1.58
CA SER A 165 -53.75 -8.71 1.96
C SER A 165 -53.67 -7.43 1.13
N LEU A 166 -52.49 -7.11 0.59
CA LEU A 166 -52.30 -5.95 -0.26
C LEU A 166 -53.01 -6.06 -1.60
N ARG A 167 -53.54 -7.23 -1.95
CA ARG A 167 -54.24 -7.40 -3.21
C ARG A 167 -55.73 -7.05 -3.11
N TYR A 168 -56.26 -6.87 -1.92
CA TYR A 168 -57.68 -6.65 -1.69
C TYR A 168 -57.91 -5.24 -1.17
N ASP A 169 -59.17 -4.81 -1.21
CA ASP A 169 -59.54 -3.46 -0.83
C ASP A 169 -59.82 -3.32 0.67
N THR A 170 -59.27 -4.20 1.50
CA THR A 170 -59.43 -4.04 2.94
C THR A 170 -58.94 -2.67 3.37
N SER A 171 -59.71 -2.00 4.24
CA SER A 171 -59.29 -0.73 4.82
C SER A 171 -58.57 -1.00 6.13
N TYR A 172 -57.28 -0.63 6.19
CA TYR A 172 -56.46 -0.87 7.37
C TYR A 172 -56.33 0.38 8.22
N PHE A 173 -56.50 0.22 9.52
CA PHE A 173 -56.45 1.30 10.49
C PHE A 173 -55.31 0.99 11.46
N VAL A 174 -54.10 1.38 11.09
CA VAL A 174 -52.90 0.85 11.72
C VAL A 174 -52.53 1.72 12.89
N GLU A 175 -52.13 1.10 13.99
CA GLU A 175 -51.84 1.83 15.21
C GLU A 175 -53.10 2.50 15.74
N TYR A 176 -54.18 1.71 15.76
CA TYR A 176 -55.42 2.03 16.44
C TYR A 176 -55.62 1.02 17.56
N PHE A 177 -55.99 1.50 18.74
CA PHE A 177 -56.11 0.65 19.92
C PHE A 177 -57.59 0.46 20.24
N ALA A 178 -58.09 -0.78 20.09
CA ALA A 178 -59.51 -1.01 20.38
C ALA A 178 -59.74 -0.98 21.88
N LEU A 179 -60.78 -0.24 22.30
CA LEU A 179 -61.11 -0.03 23.70
C LEU A 179 -62.28 -0.88 24.20
N ASP A 180 -63.32 -1.08 23.39
CA ASP A 180 -64.50 -1.83 23.84
C ASP A 180 -65.34 -2.22 22.64
N LEU A 181 -66.26 -3.15 22.88
CA LEU A 181 -67.33 -3.45 21.92
C LEU A 181 -68.49 -2.50 22.09
N LEU A 182 -69.17 -2.19 20.98
CA LEU A 182 -70.46 -1.48 20.98
C LEU A 182 -71.56 -2.53 21.00
N MET A 183 -72.11 -2.79 22.18
CA MET A 183 -73.16 -3.78 22.35
C MET A 183 -74.51 -3.10 22.46
N GLU A 184 -75.52 -3.71 21.84
CA GLU A 184 -76.89 -3.23 21.96
C GLU A 184 -77.81 -4.42 21.90
N ASN A 185 -78.55 -4.68 22.99
CA ASN A 185 -79.53 -5.75 23.04
CA ASN A 185 -79.53 -5.75 23.04
C ASN A 185 -78.86 -7.13 23.04
N GLY A 186 -77.66 -7.24 23.60
CA GLY A 186 -76.91 -8.47 23.55
C GLY A 186 -76.30 -8.79 22.20
N GLU A 187 -76.31 -7.85 21.27
CA GLU A 187 -75.69 -7.99 19.96
C GLU A 187 -74.51 -7.05 19.87
N CYS A 188 -73.46 -7.48 19.19
CA CYS A 188 -72.34 -6.58 18.92
C CYS A 188 -72.62 -5.80 17.65
N ARG A 189 -72.33 -4.50 17.68
CA ARG A 189 -72.54 -3.65 16.51
C ARG A 189 -71.29 -2.86 16.14
N GLY A 190 -70.13 -3.26 16.64
CA GLY A 190 -68.90 -2.59 16.28
C GLY A 190 -67.98 -2.49 17.46
N VAL A 191 -66.98 -1.62 17.30
CA VAL A 191 -65.94 -1.41 18.30
C VAL A 191 -65.59 0.08 18.33
N ILE A 192 -65.11 0.56 19.47
CA ILE A 192 -64.63 1.93 19.59
C ILE A 192 -63.13 1.87 19.88
N ALA A 193 -62.39 2.84 19.36
CA ALA A 193 -60.94 2.73 19.38
C ALA A 193 -60.29 4.10 19.38
N LEU A 194 -59.05 4.14 19.87
CA LEU A 194 -58.23 5.33 19.86
C LEU A 194 -57.21 5.26 18.73
N CYS A 195 -57.12 6.34 17.94
CA CYS A 195 -56.07 6.49 16.94
C CYS A 195 -54.83 7.03 17.64
N ILE A 196 -53.80 6.18 17.76
CA ILE A 196 -52.61 6.54 18.52
C ILE A 196 -51.85 7.68 17.83
N GLU A 197 -51.96 7.80 16.50
CA GLU A 197 -51.14 8.79 15.80
C GLU A 197 -51.63 10.22 16.00
N ASP A 198 -52.93 10.43 16.23
CA ASP A 198 -53.43 11.81 16.31
C ASP A 198 -54.36 12.09 17.48
N GLY A 199 -54.67 11.09 18.30
CA GLY A 199 -55.42 11.30 19.52
C GLY A 199 -56.91 11.17 19.41
N THR A 200 -57.45 10.86 18.24
CA THR A 200 -58.89 10.90 18.01
C THR A 200 -59.57 9.57 18.35
N ILE A 201 -60.85 9.66 18.67
CA ILE A 201 -61.68 8.51 18.99
C ILE A 201 -62.49 8.13 17.74
N HIS A 202 -62.51 6.85 17.41
CA HIS A 202 -63.20 6.35 16.23
C HIS A 202 -64.16 5.23 16.62
N ARG A 203 -65.37 5.28 16.08
CA ARG A 203 -66.34 4.22 16.24
C ARG A 203 -66.52 3.53 14.90
N PHE A 204 -66.27 2.22 14.87
CA PHE A 204 -66.43 1.40 13.68
C PHE A 204 -67.74 0.64 13.85
N ARG A 205 -68.76 1.03 13.11
CA ARG A 205 -70.04 0.30 13.10
C ARG A 205 -70.03 -0.76 12.00
N ALA A 206 -70.48 -1.96 12.35
CA ALA A 206 -70.55 -3.04 11.38
C ALA A 206 -71.58 -4.06 11.84
N LYS A 207 -72.14 -4.77 10.87
CA LYS A 207 -73.03 -5.87 11.18
C LYS A 207 -72.31 -7.00 11.91
N ASN A 208 -71.01 -7.16 11.65
CA ASN A 208 -70.24 -8.27 12.20
C ASN A 208 -68.86 -7.81 12.64
N THR A 209 -68.45 -8.28 13.79
CA THR A 209 -67.16 -7.94 14.38
C THR A 209 -66.40 -9.22 14.69
N VAL A 210 -65.11 -9.24 14.32
CA VAL A 210 -64.24 -10.40 14.52
C VAL A 210 -63.12 -9.98 15.48
N ILE A 211 -63.01 -10.69 16.61
CA ILE A 211 -61.96 -10.42 17.60
C ILE A 211 -60.81 -11.37 17.31
N ALA A 212 -59.63 -10.82 17.05
CA ALA A 212 -58.47 -11.63 16.68
C ALA A 212 -57.21 -11.05 17.35
N THR A 213 -57.32 -10.76 18.64
CA THR A 213 -56.36 -9.91 19.33
C THR A 213 -55.22 -10.67 20.02
N GLY A 214 -55.14 -11.99 19.87
CA GLY A 214 -54.00 -12.67 20.46
C GLY A 214 -54.21 -13.07 21.91
N GLY A 215 -53.12 -13.51 22.53
CA GLY A 215 -53.15 -13.97 23.90
C GLY A 215 -52.80 -12.89 24.92
N TYR A 216 -52.50 -13.35 26.14
CA TYR A 216 -52.23 -12.47 27.29
C TYR A 216 -51.08 -13.01 28.12
N GLY A 217 -50.06 -13.56 27.46
CA GLY A 217 -48.91 -14.11 28.17
C GLY A 217 -48.16 -13.11 29.02
N ARG A 218 -48.29 -11.81 28.71
N ARG A 218 -48.29 -11.81 28.71
CA ARG A 218 -47.57 -10.79 29.47
CA ARG A 218 -47.57 -10.80 29.48
C ARG A 218 -48.14 -10.58 30.86
C ARG A 218 -48.17 -10.55 30.85
N THR A 219 -49.19 -11.33 31.26
CA THR A 219 -49.64 -11.28 32.65
C THR A 219 -48.58 -11.86 33.58
N TYR A 220 -47.61 -12.60 33.04
CA TYR A 220 -46.58 -13.29 33.81
C TYR A 220 -45.29 -12.48 33.79
N PHE A 221 -44.37 -12.87 34.68
CA PHE A 221 -43.11 -12.14 34.79
C PHE A 221 -42.10 -12.63 33.76
N SER A 222 -42.14 -13.91 33.44
CA SER A 222 -41.30 -14.51 32.40
C SER A 222 -42.18 -15.17 31.35
N CYS A 223 -41.99 -14.79 30.09
CA CYS A 223 -42.82 -15.32 29.01
C CYS A 223 -42.11 -15.17 27.68
N THR A 224 -42.40 -16.09 26.75
CA THR A 224 -41.94 -15.94 25.37
C THR A 224 -42.70 -14.84 24.63
N SER A 225 -43.83 -14.42 25.17
CA SER A 225 -44.76 -13.54 24.47
C SER A 225 -44.19 -12.14 24.27
N ALA A 226 -44.65 -11.50 23.20
CA ALA A 226 -44.33 -10.10 22.91
C ALA A 226 -44.80 -9.19 24.05
N HIS A 227 -44.13 -8.04 24.15
CA HIS A 227 -44.62 -7.01 25.05
C HIS A 227 -46.07 -6.65 24.74
N THR A 228 -46.50 -6.81 23.49
CA THR A 228 -47.84 -6.41 23.09
C THR A 228 -48.92 -7.47 23.32
N SER A 229 -48.61 -8.63 23.92
CA SER A 229 -49.60 -9.70 24.13
C SER A 229 -50.33 -9.47 25.46
N THR A 230 -51.33 -8.58 25.43
CA THR A 230 -51.93 -8.10 26.67
C THR A 230 -53.42 -8.42 26.80
N GLY A 231 -53.94 -9.37 26.03
CA GLY A 231 -55.31 -9.82 26.21
C GLY A 231 -56.38 -8.76 26.00
N ASP A 232 -56.14 -7.81 25.10
CA ASP A 232 -57.06 -6.68 24.95
C ASP A 232 -58.45 -7.12 24.49
N GLY A 233 -58.52 -8.12 23.60
CA GLY A 233 -59.81 -8.56 23.11
C GLY A 233 -60.57 -9.37 24.14
N THR A 234 -59.85 -10.20 24.89
CA THR A 234 -60.46 -10.96 25.99
C THR A 234 -61.11 -10.02 27.01
N ALA A 235 -60.45 -8.89 27.27
CA ALA A 235 -60.95 -7.92 28.25
C ALA A 235 -62.14 -7.13 27.72
N MET A 236 -62.18 -6.85 26.42
CA MET A 236 -63.37 -6.24 25.83
C MET A 236 -64.60 -7.13 26.02
N VAL A 237 -64.45 -8.44 25.76
CA VAL A 237 -65.55 -9.36 25.98
C VAL A 237 -65.97 -9.37 27.45
N THR A 238 -64.98 -9.46 28.36
CA THR A 238 -65.31 -9.42 29.79
C THR A 238 -66.06 -8.15 30.15
N ARG A 239 -65.62 -6.99 29.66
CA ARG A 239 -66.33 -5.76 30.00
C ARG A 239 -67.71 -5.73 29.41
N ALA A 240 -67.96 -6.47 28.33
CA ALA A 240 -69.31 -6.51 27.80
C ALA A 240 -70.24 -7.37 28.63
N GLY A 241 -69.73 -8.01 29.68
CA GLY A 241 -70.53 -8.95 30.46
C GLY A 241 -70.63 -10.35 29.90
N LEU A 242 -69.81 -10.69 28.94
CA LEU A 242 -69.82 -12.00 28.32
C LEU A 242 -68.79 -12.91 28.99
N PRO A 243 -68.97 -14.23 28.94
CA PRO A 243 -67.97 -15.13 29.55
C PRO A 243 -66.70 -15.29 28.71
N CYS A 244 -65.59 -15.47 29.41
CA CYS A 244 -64.42 -16.12 28.85
C CYS A 244 -64.39 -17.57 29.30
N GLN A 245 -63.50 -18.35 28.69
CA GLN A 245 -63.53 -19.80 28.89
C GLN A 245 -62.13 -20.34 29.13
N ASP A 246 -61.99 -21.20 30.13
CA ASP A 246 -60.81 -22.05 30.33
C ASP A 246 -59.53 -21.25 30.52
N LEU A 247 -59.63 -20.05 31.09
CA LEU A 247 -58.46 -19.19 31.21
C LEU A 247 -57.41 -19.76 32.15
N GLU A 248 -57.78 -20.66 33.06
CA GLU A 248 -56.75 -21.24 33.94
C GLU A 248 -55.81 -22.21 33.21
N PHE A 249 -56.03 -22.51 31.94
CA PHE A 249 -55.13 -23.40 31.21
C PHE A 249 -54.10 -22.58 30.47
N VAL A 250 -52.91 -22.48 31.05
CA VAL A 250 -51.81 -21.69 30.53
C VAL A 250 -50.69 -22.64 30.11
N GLN A 251 -50.26 -22.54 28.86
CA GLN A 251 -49.21 -23.41 28.37
C GLN A 251 -47.83 -22.86 28.74
N PHE A 252 -47.04 -23.66 29.44
CA PHE A 252 -45.62 -23.40 29.61
C PHE A 252 -44.87 -24.17 28.53
N HIS A 253 -44.17 -23.44 27.67
CA HIS A 253 -43.33 -24.08 26.67
C HIS A 253 -42.06 -24.61 27.35
N PRO A 254 -41.60 -25.81 26.99
CA PRO A 254 -40.46 -26.39 27.71
C PRO A 254 -39.17 -25.58 27.57
N THR A 255 -38.93 -24.89 26.45
CA THR A 255 -37.60 -24.35 26.16
C THR A 255 -37.66 -22.87 25.76
N GLY A 256 -37.90 -22.00 26.74
CA GLY A 256 -37.53 -20.60 26.63
C GLY A 256 -36.09 -20.50 27.09
N ILE A 257 -35.32 -19.62 26.43
CA ILE A 257 -33.91 -19.49 26.77
C ILE A 257 -33.76 -18.89 28.17
N TYR A 258 -32.83 -19.44 28.94
CA TYR A 258 -32.63 -19.00 30.32
C TYR A 258 -32.25 -17.52 30.35
N GLY A 259 -32.94 -16.76 31.19
CA GLY A 259 -32.63 -15.35 31.27
C GLY A 259 -33.53 -14.51 30.42
N ALA A 260 -33.27 -14.49 29.11
CA ALA A 260 -34.06 -13.64 28.21
C ALA A 260 -35.50 -14.11 28.07
N GLY A 261 -35.75 -15.43 28.11
CA GLY A 261 -37.10 -15.91 27.89
C GLY A 261 -37.45 -16.17 26.43
N CYS A 262 -36.63 -15.73 25.48
CA CYS A 262 -36.90 -15.98 24.07
C CYS A 262 -37.09 -17.47 23.81
N LEU A 263 -38.00 -17.79 22.91
CA LEU A 263 -38.32 -19.19 22.59
C LEU A 263 -37.20 -19.86 21.80
N ILE A 264 -36.91 -21.12 22.14
CA ILE A 264 -36.07 -21.99 21.33
C ILE A 264 -36.95 -23.11 20.78
N THR A 265 -37.09 -23.20 19.46
CA THR A 265 -38.18 -24.00 18.93
C THR A 265 -38.11 -25.46 19.38
N GLU A 266 -39.28 -26.02 19.65
CA GLU A 266 -39.46 -27.45 19.75
C GLU A 266 -39.01 -28.17 18.47
N GLY A 267 -38.84 -27.44 17.36
CA GLY A 267 -38.21 -28.03 16.18
C GLY A 267 -36.82 -28.56 16.47
N CYS A 268 -36.14 -27.99 17.47
CA CYS A 268 -34.84 -28.51 17.88
C CYS A 268 -34.95 -29.97 18.29
N ARG A 269 -35.94 -30.30 19.11
CA ARG A 269 -36.18 -31.69 19.47
C ARG A 269 -36.75 -32.48 18.31
N GLY A 270 -37.60 -31.85 17.48
CA GLY A 270 -38.04 -32.51 16.27
C GLY A 270 -36.88 -32.96 15.39
N GLU A 271 -35.84 -32.13 15.26
CA GLU A 271 -34.71 -32.49 14.43
C GLU A 271 -33.70 -33.42 15.12
N GLY A 272 -33.90 -33.76 16.38
CA GLY A 272 -33.00 -34.70 17.05
C GLY A 272 -32.31 -34.15 18.29
N GLY A 273 -32.55 -32.91 18.69
CA GLY A 273 -31.97 -32.42 19.92
C GLY A 273 -32.56 -33.12 21.12
N ILE A 274 -31.84 -33.06 22.24
CA ILE A 274 -32.27 -33.72 23.46
C ILE A 274 -32.11 -32.80 24.67
N LEU A 275 -32.93 -33.02 25.68
CA LEU A 275 -32.78 -32.33 26.95
C LEU A 275 -31.91 -33.15 27.90
N ILE A 276 -30.95 -32.49 28.54
CA ILE A 276 -30.14 -33.16 29.55
C ILE A 276 -30.12 -32.32 30.82
N ASN A 277 -29.91 -32.99 31.95
CA ASN A 277 -29.77 -32.29 33.21
C ASN A 277 -28.29 -32.17 33.58
N SER A 278 -28.03 -31.79 34.83
CA SER A 278 -26.66 -31.50 35.26
C SER A 278 -25.78 -32.73 35.29
N GLN A 279 -26.37 -33.93 35.35
CA GLN A 279 -25.60 -35.16 35.33
C GLN A 279 -25.39 -35.71 33.90
N GLY A 280 -25.83 -34.98 32.89
CA GLY A 280 -25.74 -35.48 31.55
C GLY A 280 -26.82 -36.46 31.17
N GLU A 281 -27.78 -36.72 32.05
CA GLU A 281 -28.84 -37.67 31.76
C GLU A 281 -29.86 -37.08 30.81
N ARG A 282 -30.20 -37.84 29.78
CA ARG A 282 -31.37 -37.59 28.93
C ARG A 282 -32.60 -38.03 29.70
N PHE A 283 -33.06 -37.14 30.60
CA PHE A 283 -34.03 -37.52 31.62
C PHE A 283 -35.43 -37.76 31.07
N MET A 284 -35.76 -37.31 29.86
CA MET A 284 -37.09 -37.63 29.35
C MET A 284 -37.23 -39.11 29.01
N GLU A 285 -36.12 -39.85 28.92
CA GLU A 285 -36.25 -41.29 28.76
C GLU A 285 -36.92 -41.92 29.96
N ARG A 286 -36.86 -41.26 31.11
CA ARG A 286 -37.41 -41.74 32.36
C ARG A 286 -38.85 -41.29 32.56
N TYR A 287 -39.16 -40.04 32.20
CA TYR A 287 -40.51 -39.50 32.37
C TYR A 287 -41.47 -39.92 31.26
N ALA A 288 -40.96 -40.19 30.06
CA ALA A 288 -41.80 -40.64 28.94
C ALA A 288 -41.02 -41.64 28.11
N PRO A 289 -41.01 -42.91 28.50
CA PRO A 289 -40.13 -43.89 27.83
C PRO A 289 -40.30 -43.93 26.31
N VAL A 290 -41.52 -43.78 25.78
CA VAL A 290 -41.73 -43.85 24.34
C VAL A 290 -41.45 -42.50 23.67
N ALA A 291 -42.15 -41.46 24.10
CA ALA A 291 -42.07 -40.18 23.39
C ALA A 291 -40.79 -39.41 23.69
N LYS A 292 -40.21 -39.59 24.87
CA LYS A 292 -38.93 -38.96 25.27
C LYS A 292 -39.11 -37.44 25.19
N ASP A 293 -38.20 -36.71 24.54
CA ASP A 293 -38.31 -35.26 24.48
C ASP A 293 -39.37 -34.77 23.49
N LEU A 294 -40.12 -35.68 22.86
CA LEU A 294 -41.25 -35.28 22.02
C LEU A 294 -42.58 -35.68 22.67
N ALA A 295 -42.61 -35.69 23.99
CA ALA A 295 -43.86 -35.77 24.72
C ALA A 295 -44.61 -34.44 24.60
N SER A 296 -45.86 -34.43 25.08
CA SER A 296 -46.64 -33.20 25.09
C SER A 296 -46.01 -32.16 26.01
N ARG A 297 -46.32 -30.89 25.73
CA ARG A 297 -45.60 -29.81 26.41
C ARG A 297 -45.94 -29.77 27.90
N ASP A 298 -47.17 -30.08 28.28
CA ASP A 298 -47.49 -30.10 29.71
C ASP A 298 -46.60 -31.12 30.44
N VAL A 299 -46.32 -32.26 29.79
CA VAL A 299 -45.52 -33.32 30.42
C VAL A 299 -44.04 -32.94 30.45
N VAL A 300 -43.49 -32.49 29.33
CA VAL A 300 -42.08 -32.10 29.32
C VAL A 300 -41.81 -30.99 30.32
N SER A 301 -42.71 -30.00 30.38
CA SER A 301 -42.51 -28.87 31.28
C SER A 301 -42.51 -29.31 32.75
N ARG A 302 -43.50 -30.12 33.14
CA ARG A 302 -43.53 -30.65 34.50
C ARG A 302 -42.27 -31.48 34.78
N SER A 303 -41.87 -32.34 33.83
CA SER A 303 -40.66 -33.15 34.00
C SER A 303 -39.44 -32.28 34.22
N MET A 304 -39.24 -31.27 33.36
CA MET A 304 -38.11 -30.35 33.58
C MET A 304 -38.20 -29.67 34.94
N THR A 305 -39.41 -29.26 35.35
CA THR A 305 -39.60 -28.60 36.63
C THR A 305 -39.22 -29.52 37.79
N ILE A 306 -39.56 -30.82 37.68
CA ILE A 306 -39.21 -31.77 38.73
C ILE A 306 -37.70 -31.94 38.79
N GLU A 307 -37.05 -32.14 37.62
CA GLU A 307 -35.60 -32.24 37.59
C GLU A 307 -34.94 -31.09 38.34
N ILE A 308 -35.47 -29.87 38.17
CA ILE A 308 -34.89 -28.71 38.83
C ILE A 308 -35.19 -28.74 40.33
N ARG A 309 -36.47 -28.98 40.70
CA ARG A 309 -36.83 -29.11 42.11
C ARG A 309 -36.00 -30.18 42.83
N GLU A 310 -35.56 -31.21 42.11
CA GLU A 310 -34.87 -32.33 42.75
C GLU A 310 -33.35 -32.20 42.67
N GLY A 311 -32.84 -31.01 42.36
CA GLY A 311 -31.43 -30.71 42.47
C GLY A 311 -30.59 -30.99 41.24
N ARG A 312 -31.18 -31.28 40.09
CA ARG A 312 -30.42 -31.65 38.91
C ARG A 312 -30.42 -30.56 37.85
N GLY A 313 -30.70 -29.32 38.27
CA GLY A 313 -30.56 -28.20 37.37
C GLY A 313 -29.11 -27.80 37.15
N CYS A 314 -28.91 -27.10 36.04
CA CYS A 314 -27.60 -26.65 35.59
C CYS A 314 -27.42 -25.17 35.89
N GLY A 315 -26.19 -24.67 35.70
CA GLY A 315 -25.90 -23.27 35.87
C GLY A 315 -25.49 -22.94 37.30
N PRO A 316 -24.82 -21.80 37.49
CA PRO A 316 -24.45 -21.39 38.86
C PRO A 316 -25.58 -21.48 39.87
N GLU A 317 -26.84 -21.28 39.46
CA GLU A 317 -27.98 -21.33 40.36
C GLU A 317 -28.83 -22.60 40.21
N LYS A 318 -28.37 -23.56 39.41
CA LYS A 318 -29.06 -24.85 39.25
C LYS A 318 -30.55 -24.64 39.04
N ASP A 319 -30.89 -23.67 38.19
CA ASP A 319 -32.28 -23.27 37.99
C ASP A 319 -32.76 -23.48 36.56
N HIS A 320 -31.97 -24.14 35.71
CA HIS A 320 -32.42 -24.43 34.34
C HIS A 320 -31.85 -25.79 33.93
N VAL A 321 -32.13 -26.21 32.70
CA VAL A 321 -31.54 -27.44 32.15
C VAL A 321 -30.93 -27.10 30.79
N TYR A 322 -30.46 -28.13 30.08
CA TYR A 322 -29.73 -27.93 28.83
C TYR A 322 -30.45 -28.59 27.67
N LEU A 323 -30.43 -27.89 26.55
CA LEU A 323 -30.87 -28.40 25.26
C LEU A 323 -29.64 -28.63 24.41
N GLN A 324 -29.36 -29.89 24.06
CA GLN A 324 -28.14 -30.23 23.34
C GLN A 324 -28.43 -30.46 21.85
N LEU A 325 -27.70 -29.74 20.99
CA LEU A 325 -27.78 -29.91 19.54
C LEU A 325 -26.46 -30.26 18.89
N HIS A 326 -25.36 -30.29 19.64
CA HIS A 326 -24.06 -30.34 18.98
C HIS A 326 -23.69 -31.72 18.46
N HIS A 327 -24.44 -32.77 18.84
CA HIS A 327 -24.25 -34.07 18.21
C HIS A 327 -24.83 -34.09 16.79
N LEU A 328 -25.60 -33.02 16.38
CA LEU A 328 -26.19 -32.99 15.05
C LEU A 328 -25.19 -32.42 14.05
N PRO A 329 -25.29 -32.82 12.78
CA PRO A 329 -24.37 -32.29 11.76
C PRO A 329 -24.55 -30.79 11.58
N PRO A 330 -23.45 -30.02 11.58
CA PRO A 330 -23.61 -28.57 11.46
C PRO A 330 -24.40 -28.16 10.23
N GLN A 331 -24.33 -28.94 9.14
CA GLN A 331 -25.12 -28.59 7.96
C GLN A 331 -26.62 -28.66 8.23
N GLN A 332 -27.05 -29.61 9.08
CA GLN A 332 -28.47 -29.68 9.44
C GLN A 332 -28.88 -28.52 10.34
N LEU A 333 -27.97 -28.09 11.23
CA LEU A 333 -28.28 -26.94 12.09
C LEU A 333 -28.45 -25.66 11.26
N ALA A 334 -27.53 -25.44 10.30
CA ALA A 334 -27.62 -24.25 9.46
C ALA A 334 -28.82 -24.29 8.52
N THR A 335 -29.23 -25.49 8.08
CA THR A 335 -30.34 -25.58 7.14
C THR A 335 -31.69 -25.63 7.83
N ARG A 336 -31.80 -26.32 8.97
CA ARG A 336 -33.10 -26.49 9.63
C ARG A 336 -33.33 -25.54 10.80
N LEU A 337 -32.28 -25.15 11.52
CA LEU A 337 -32.45 -24.34 12.73
C LEU A 337 -31.56 -23.10 12.71
N PRO A 338 -31.44 -22.39 11.58
CA PRO A 338 -30.55 -21.23 11.56
C PRO A 338 -31.00 -20.09 12.47
N GLY A 339 -32.31 -19.89 12.61
CA GLY A 339 -32.79 -18.79 13.44
C GLY A 339 -32.37 -18.91 14.89
N ILE A 340 -32.60 -20.09 15.49
CA ILE A 340 -32.22 -20.25 16.88
C ILE A 340 -30.71 -20.36 17.01
N SER A 341 -30.00 -20.73 15.95
CA SER A 341 -28.53 -20.69 15.99
C SER A 341 -28.03 -19.29 16.29
N GLU A 342 -28.60 -18.28 15.61
CA GLU A 342 -28.25 -16.89 15.86
C GLU A 342 -28.71 -16.45 17.24
N THR A 343 -29.96 -16.78 17.59
CA THR A 343 -30.54 -16.35 18.85
C THR A 343 -29.73 -16.88 20.03
N ALA A 344 -29.39 -18.17 19.98
CA ALA A 344 -28.57 -18.76 21.01
C ALA A 344 -27.27 -18.01 21.19
N MET A 345 -26.67 -17.54 20.08
CA MET A 345 -25.42 -16.80 20.21
C MET A 345 -25.67 -15.40 20.78
N ILE A 346 -26.72 -14.72 20.32
CA ILE A 346 -26.95 -13.35 20.78
C ILE A 346 -27.26 -13.34 22.28
N PHE A 347 -28.17 -14.19 22.73
CA PHE A 347 -28.75 -14.05 24.06
C PHE A 347 -28.16 -14.97 25.10
N ALA A 348 -27.30 -15.92 24.72
CA ALA A 348 -26.66 -16.78 25.71
C ALA A 348 -25.20 -17.00 25.37
N GLY A 349 -24.67 -16.35 24.34
CA GLY A 349 -23.29 -16.54 23.96
C GLY A 349 -22.94 -17.97 23.59
N VAL A 350 -23.90 -18.74 23.09
CA VAL A 350 -23.72 -20.17 22.86
C VAL A 350 -23.56 -20.42 21.37
N ASP A 351 -22.54 -21.23 21.03
CA ASP A 351 -22.35 -21.80 19.70
C ASP A 351 -22.98 -23.20 19.68
N VAL A 352 -24.10 -23.38 18.97
CA VAL A 352 -24.86 -24.61 19.11
C VAL A 352 -24.14 -25.82 18.50
N THR A 353 -23.14 -25.62 17.65
CA THR A 353 -22.32 -26.75 17.20
C THR A 353 -21.31 -27.20 18.24
N LYS A 354 -21.23 -26.53 19.40
CA LYS A 354 -20.19 -26.87 20.35
C LYS A 354 -20.73 -27.05 21.77
N GLU A 355 -21.84 -26.38 22.10
CA GLU A 355 -22.25 -26.33 23.50
C GLU A 355 -23.77 -26.27 23.57
N PRO A 356 -24.37 -26.71 24.68
CA PRO A 356 -25.83 -26.73 24.78
C PRO A 356 -26.40 -25.37 25.15
N ILE A 357 -27.68 -25.23 24.86
CA ILE A 357 -28.45 -24.01 25.15
C ILE A 357 -29.07 -24.13 26.54
N PRO A 358 -28.98 -23.11 27.40
CA PRO A 358 -29.67 -23.16 28.69
C PRO A 358 -31.14 -22.77 28.54
N VAL A 359 -32.03 -23.63 29.03
CA VAL A 359 -33.46 -23.48 28.80
C VAL A 359 -34.25 -23.85 30.07
N LEU A 360 -35.49 -23.38 30.12
CA LEU A 360 -36.40 -23.76 31.21
C LEU A 360 -37.83 -23.43 30.78
N PRO A 361 -38.82 -24.08 31.39
CA PRO A 361 -40.22 -23.87 30.97
C PRO A 361 -40.64 -22.43 31.16
N THR A 362 -41.39 -21.90 30.17
CA THR A 362 -41.67 -20.47 30.10
C THR A 362 -43.07 -20.28 29.57
N VAL A 363 -43.87 -19.44 30.26
CA VAL A 363 -45.23 -19.12 29.82
C VAL A 363 -45.19 -18.71 28.37
N HIS A 364 -46.11 -19.24 27.58
CA HIS A 364 -45.99 -19.22 26.13
C HIS A 364 -47.31 -18.96 25.40
N TYR A 365 -48.41 -19.57 25.85
CA TYR A 365 -49.62 -19.63 25.04
C TYR A 365 -50.82 -19.84 25.95
N ASN A 366 -51.95 -19.24 25.59
CA ASN A 366 -53.18 -19.32 26.39
C ASN A 366 -54.19 -20.23 25.70
N MET A 367 -54.46 -21.39 26.30
CA MET A 367 -55.47 -22.30 25.73
C MET A 367 -56.87 -21.70 25.80
N GLY A 368 -57.18 -20.98 26.89
CA GLY A 368 -58.47 -20.33 27.02
C GLY A 368 -58.62 -19.06 26.19
N GLY A 369 -59.83 -18.52 26.20
CA GLY A 369 -60.10 -17.28 25.50
C GLY A 369 -61.58 -16.98 25.43
N ILE A 370 -62.01 -16.39 24.33
CA ILE A 370 -63.43 -16.13 24.11
C ILE A 370 -64.07 -17.42 23.61
N PRO A 371 -65.12 -17.93 24.27
CA PRO A 371 -65.73 -19.19 23.81
C PRO A 371 -66.43 -18.99 22.47
N THR A 372 -66.16 -19.89 21.52
CA THR A 372 -66.84 -19.86 20.22
C THR A 372 -67.37 -21.24 19.89
N ASN A 373 -68.26 -21.31 18.87
CA ASN A 373 -68.59 -22.62 18.34
C ASN A 373 -67.58 -22.96 17.23
N TYR A 374 -67.77 -24.08 16.52
CA TYR A 374 -66.77 -24.46 15.54
C TYR A 374 -66.80 -23.59 14.29
N LYS A 375 -67.80 -22.71 14.17
CA LYS A 375 -67.90 -21.78 13.06
C LYS A 375 -67.23 -20.44 13.36
N GLY A 376 -66.72 -20.25 14.56
CA GLY A 376 -66.13 -19.00 14.94
C GLY A 376 -67.05 -18.03 15.62
N GLN A 377 -68.32 -18.37 15.82
CA GLN A 377 -69.24 -17.44 16.45
C GLN A 377 -69.04 -17.47 17.95
N VAL A 378 -69.03 -16.30 18.58
CA VAL A 378 -68.92 -16.22 20.03
C VAL A 378 -70.21 -16.70 20.66
N ILE A 379 -70.11 -17.52 21.71
CA ILE A 379 -71.28 -18.03 22.41
C ILE A 379 -71.28 -17.55 23.86
N THR A 380 -72.46 -17.52 24.43
CA THR A 380 -72.67 -17.46 25.87
C THR A 380 -73.41 -18.73 26.28
N HIS A 381 -73.72 -18.87 27.57
CA HIS A 381 -74.31 -20.09 28.11
C HIS A 381 -75.34 -19.70 29.15
N VAL A 382 -76.61 -19.88 28.84
CA VAL A 382 -77.73 -19.42 29.66
C VAL A 382 -78.70 -20.56 29.85
N ASN A 383 -79.14 -20.77 31.09
CA ASN A 383 -80.08 -21.84 31.42
C ASN A 383 -79.63 -23.17 30.83
N GLY A 384 -78.34 -23.46 30.99
CA GLY A 384 -77.80 -24.73 30.54
C GLY A 384 -77.80 -24.95 29.04
N GLU A 385 -77.75 -23.90 28.24
CA GLU A 385 -77.62 -24.07 26.80
C GLU A 385 -76.74 -22.97 26.20
N ASP A 386 -75.89 -23.35 25.25
CA ASP A 386 -75.08 -22.39 24.51
C ASP A 386 -75.96 -21.54 23.61
N LYS A 387 -75.59 -20.28 23.45
CA LYS A 387 -76.35 -19.35 22.63
C LYS A 387 -75.39 -18.42 21.90
N VAL A 388 -75.62 -18.25 20.59
CA VAL A 388 -74.74 -17.40 19.80
C VAL A 388 -74.95 -15.94 20.19
N VAL A 389 -73.86 -15.18 20.25
CA VAL A 389 -73.90 -13.73 20.39
C VAL A 389 -74.03 -13.14 18.98
N PRO A 390 -75.17 -12.56 18.62
CA PRO A 390 -75.35 -12.08 17.24
C PRO A 390 -74.29 -11.07 16.87
N GLY A 391 -73.61 -11.31 15.75
CA GLY A 391 -72.69 -10.33 15.21
C GLY A 391 -71.28 -10.34 15.76
N LEU A 392 -70.92 -11.32 16.60
CA LEU A 392 -69.62 -11.36 17.23
C LEU A 392 -68.90 -12.66 16.91
N TYR A 393 -67.68 -12.56 16.38
CA TYR A 393 -66.81 -13.68 16.08
C TYR A 393 -65.47 -13.54 16.81
N ALA A 394 -64.75 -14.65 16.94
CA ALA A 394 -63.40 -14.64 17.49
C ALA A 394 -62.60 -15.77 16.87
N CYS A 395 -61.31 -15.53 16.65
CA CYS A 395 -60.45 -16.59 16.15
C CYS A 395 -59.01 -16.29 16.58
N GLY A 396 -58.17 -17.30 16.46
CA GLY A 396 -56.80 -17.19 16.85
C GLY A 396 -56.61 -17.44 18.33
N GLU A 397 -55.48 -16.98 18.85
CA GLU A 397 -55.18 -17.27 20.25
C GLU A 397 -56.19 -16.62 21.19
N ALA A 398 -56.93 -15.61 20.73
CA ALA A 398 -57.92 -14.96 21.59
C ALA A 398 -59.17 -15.83 21.79
N ALA A 399 -59.42 -16.81 20.93
CA ALA A 399 -60.64 -17.60 21.00
C ALA A 399 -60.42 -18.91 21.73
N SER A 400 -61.50 -19.48 22.27
CA SER A 400 -61.49 -20.88 22.72
C SER A 400 -62.53 -21.66 21.93
N ALA A 401 -62.09 -22.35 20.89
CA ALA A 401 -63.03 -22.93 19.93
C ALA A 401 -63.84 -24.13 20.47
N SER A 402 -63.29 -24.98 21.35
CA SER A 402 -61.90 -25.03 21.80
C SER A 402 -61.16 -26.17 21.11
N VAL A 403 -60.20 -25.85 20.23
CA VAL A 403 -59.43 -26.92 19.59
C VAL A 403 -58.32 -27.46 20.49
N HIS A 404 -57.92 -26.73 21.53
CA HIS A 404 -56.73 -27.10 22.28
C HIS A 404 -57.01 -27.61 23.70
N GLY A 405 -58.26 -27.49 24.18
CA GLY A 405 -58.60 -28.07 25.47
C GLY A 405 -57.65 -27.65 26.57
N ALA A 406 -57.08 -28.63 27.28
CA ALA A 406 -56.21 -28.33 28.41
C ALA A 406 -54.72 -28.35 28.05
N ASN A 407 -54.38 -28.51 26.77
CA ASN A 407 -52.99 -28.48 26.32
C ASN A 407 -52.88 -28.47 24.80
N ARG A 408 -52.33 -27.40 24.23
CA ARG A 408 -52.18 -27.29 22.79
C ARG A 408 -50.96 -28.08 22.28
N LEU A 409 -51.11 -28.73 21.13
CA LEU A 409 -49.98 -29.38 20.48
C LEU A 409 -49.15 -28.35 19.73
N GLY A 410 -47.83 -28.48 19.82
CA GLY A 410 -46.95 -27.65 19.02
C GLY A 410 -47.39 -27.64 17.57
N ALA A 411 -47.36 -26.47 16.94
CA ALA A 411 -47.66 -26.26 15.53
C ALA A 411 -49.14 -26.36 15.23
N ASN A 412 -50.01 -26.57 16.22
CA ASN A 412 -51.45 -26.46 15.94
C ASN A 412 -51.96 -25.01 16.03
N SER A 413 -51.17 -24.07 16.52
CA SER A 413 -51.74 -22.73 16.67
C SER A 413 -51.72 -21.94 15.36
N LEU A 414 -50.60 -21.97 14.63
CA LEU A 414 -50.57 -21.38 13.30
C LEU A 414 -51.63 -22.01 12.41
N LEU A 415 -51.91 -23.29 12.59
CA LEU A 415 -52.98 -23.93 11.86
C LEU A 415 -54.34 -23.34 12.26
N ASP A 416 -54.59 -23.32 13.56
CA ASP A 416 -55.77 -22.69 14.12
C ASP A 416 -56.01 -21.32 13.51
N LEU A 417 -54.96 -20.49 13.42
CA LEU A 417 -55.11 -19.11 12.94
C LEU A 417 -55.73 -19.07 11.55
N VAL A 418 -55.17 -19.82 10.60
CA VAL A 418 -55.67 -19.62 9.25
C VAL A 418 -56.95 -20.39 9.02
N VAL A 419 -57.12 -21.54 9.67
CA VAL A 419 -58.37 -22.30 9.52
C VAL A 419 -59.57 -21.50 10.01
N PHE A 420 -59.50 -20.97 11.24
CA PHE A 420 -60.66 -20.29 11.82
C PHE A 420 -60.75 -18.81 11.48
N GLY A 421 -59.64 -18.18 11.07
CA GLY A 421 -59.77 -16.91 10.38
C GLY A 421 -60.61 -17.08 9.13
N ARG A 422 -60.29 -18.09 8.33
CA ARG A 422 -61.09 -18.39 7.15
C ARG A 422 -62.53 -18.75 7.54
N ALA A 423 -62.71 -19.55 8.61
CA ALA A 423 -64.06 -19.99 8.97
C ALA A 423 -64.94 -18.81 9.38
N CYS A 424 -64.40 -17.87 10.16
CA CYS A 424 -65.18 -16.67 10.48
C CYS A 424 -65.68 -16.01 9.21
N ALA A 425 -64.79 -15.81 8.23
CA ALA A 425 -65.17 -15.15 6.99
C ALA A 425 -66.25 -15.92 6.26
N LEU A 426 -66.02 -17.22 6.06
CA LEU A 426 -67.01 -18.09 5.41
C LEU A 426 -68.36 -18.02 6.12
N THR A 427 -68.36 -18.06 7.45
CA THR A 427 -69.61 -18.08 8.19
C THR A 427 -70.41 -16.79 7.97
N ILE A 428 -69.72 -15.64 8.00
CA ILE A 428 -70.37 -14.36 7.76
C ILE A 428 -70.90 -14.28 6.33
N ALA A 429 -70.10 -14.75 5.37
CA ALA A 429 -70.54 -14.77 3.98
C ALA A 429 -71.72 -15.71 3.75
N GLU A 430 -71.84 -16.79 4.54
CA GLU A 430 -73.00 -17.67 4.42
C GLU A 430 -74.19 -17.17 5.24
N THR A 431 -74.00 -16.17 6.08
CA THR A 431 -75.02 -15.66 6.98
C THR A 431 -75.59 -14.31 6.56
N CYS A 432 -74.77 -13.48 5.91
CA CYS A 432 -75.14 -12.11 5.56
C CYS A 432 -74.71 -11.84 4.13
N LYS A 433 -75.15 -10.68 3.63
CA LYS A 433 -74.71 -10.22 2.33
C LYS A 433 -74.05 -8.85 2.47
N PRO A 434 -73.04 -8.57 1.65
CA PRO A 434 -72.44 -7.23 1.69
C PRO A 434 -73.49 -6.17 1.44
N GLY A 435 -73.33 -5.03 2.12
CA GLY A 435 -74.20 -3.90 1.88
C GLY A 435 -75.53 -3.93 2.59
N GLU A 436 -75.78 -4.91 3.45
CA GLU A 436 -76.98 -4.84 4.26
C GLU A 436 -76.86 -3.65 5.23
N PRO A 437 -78.00 -3.15 5.71
CA PRO A 437 -77.96 -1.94 6.56
C PRO A 437 -77.08 -2.14 7.79
N VAL A 438 -76.30 -1.11 8.10
CA VAL A 438 -75.42 -1.15 9.28
C VAL A 438 -76.27 -0.99 10.53
N PRO A 439 -76.03 -1.76 11.59
CA PRO A 439 -76.84 -1.60 12.81
C PRO A 439 -76.63 -0.25 13.44
N SER A 440 -77.67 0.25 14.10
CA SER A 440 -77.62 1.56 14.74
C SER A 440 -77.10 1.46 16.17
N ILE A 441 -76.50 2.54 16.64
CA ILE A 441 -76.01 2.66 18.00
C ILE A 441 -76.53 3.95 18.61
N LYS A 442 -76.73 3.96 19.92
CA LYS A 442 -77.12 5.17 20.61
C LYS A 442 -76.07 6.27 20.37
N PRO A 443 -76.49 7.52 20.27
CA PRO A 443 -75.53 8.60 19.97
C PRO A 443 -74.34 8.68 20.91
N ASN A 444 -74.51 8.26 22.17
N ASN A 444 -74.49 8.29 22.17
CA ASN A 444 -73.44 8.26 23.17
CA ASN A 444 -73.37 8.29 23.11
C ASN A 444 -72.77 6.90 23.31
C ASN A 444 -72.78 6.90 23.32
N ALA A 445 -73.02 5.97 22.38
CA ALA A 445 -72.42 4.65 22.46
C ALA A 445 -70.91 4.78 22.59
N GLY A 446 -70.36 4.15 23.63
CA GLY A 446 -68.94 4.13 23.86
C GLY A 446 -68.43 5.18 24.82
N GLU A 447 -69.30 6.04 25.35
CA GLU A 447 -68.83 7.15 26.15
C GLU A 447 -68.09 6.69 27.40
N GLU A 448 -68.50 5.57 27.99
CA GLU A 448 -67.79 5.05 29.16
C GLU A 448 -66.36 4.65 28.82
N SER A 449 -66.11 4.17 27.59
CA SER A 449 -64.73 3.87 27.19
C SER A 449 -63.91 5.15 27.14
N VAL A 450 -64.47 6.21 26.58
CA VAL A 450 -63.75 7.49 26.53
C VAL A 450 -63.54 8.04 27.93
N ALA A 451 -64.55 7.90 28.80
CA ALA A 451 -64.37 8.40 30.15
C ALA A 451 -63.28 7.63 30.88
N ASN A 452 -63.23 6.31 30.70
CA ASN A 452 -62.15 5.55 31.33
C ASN A 452 -60.81 5.98 30.78
N LEU A 453 -60.73 6.18 29.46
CA LEU A 453 -59.49 6.65 28.87
C LEU A 453 -59.09 8.01 29.46
N ASP A 454 -60.07 8.87 29.74
CA ASP A 454 -59.73 10.17 30.29
C ASP A 454 -59.32 10.09 31.75
N LYS A 455 -59.84 9.12 32.50
CA LYS A 455 -59.38 8.93 33.87
C LYS A 455 -57.91 8.50 33.93
N LEU A 456 -57.50 7.54 33.08
CA LEU A 456 -56.12 7.10 33.14
C LEU A 456 -55.17 8.17 32.61
N ARG A 457 -55.61 8.97 31.64
CA ARG A 457 -54.74 9.97 31.04
C ARG A 457 -54.24 10.96 32.08
N PHE A 458 -55.11 11.37 33.02
CA PHE A 458 -54.77 12.37 34.03
C PHE A 458 -54.66 11.77 35.43
N ALA A 459 -54.51 10.45 35.55
CA ALA A 459 -54.48 9.82 36.86
C ALA A 459 -53.27 10.30 37.66
N ASP A 460 -53.51 10.63 38.93
CA ASP A 460 -52.48 11.29 39.74
C ASP A 460 -52.44 10.70 41.14
N GLY A 461 -52.53 9.38 41.24
CA GLY A 461 -52.48 8.70 42.52
C GLY A 461 -51.08 8.42 43.01
N THR A 462 -50.89 7.27 43.66
CA THR A 462 -49.63 6.93 44.31
C THR A 462 -49.00 5.64 43.81
N ILE A 463 -49.65 4.91 42.92
CA ILE A 463 -49.14 3.65 42.41
C ILE A 463 -49.01 3.78 40.90
N ARG A 464 -47.79 3.93 40.41
CA ARG A 464 -47.61 4.08 38.98
C ARG A 464 -47.81 2.75 38.26
N THR A 465 -48.16 2.85 36.98
CA THR A 465 -48.54 1.69 36.19
C THR A 465 -47.51 0.58 36.27
N SER A 466 -46.23 0.92 36.06
CA SER A 466 -45.21 -0.14 36.04
C SER A 466 -45.11 -0.85 37.38
N GLU A 467 -45.44 -0.15 38.49
CA GLU A 467 -45.39 -0.78 39.80
C GLU A 467 -46.52 -1.79 39.99
N ALA A 468 -47.74 -1.45 39.57
CA ALA A 468 -48.81 -2.41 39.72
C ALA A 468 -48.68 -3.56 38.71
N ARG A 469 -48.19 -3.27 37.49
CA ARG A 469 -48.00 -4.35 36.53
C ARG A 469 -46.95 -5.35 37.03
N LEU A 470 -45.85 -4.85 37.58
CA LEU A 470 -44.86 -5.78 38.13
C LEU A 470 -45.46 -6.62 39.26
N ASN A 471 -46.24 -5.99 40.14
CA ASN A 471 -46.91 -6.74 41.22
C ASN A 471 -47.78 -7.85 40.65
N MET A 472 -48.55 -7.56 39.60
CA MET A 472 -49.38 -8.58 39.00
C MET A 472 -48.53 -9.72 38.43
N GLN A 473 -47.47 -9.37 37.70
CA GLN A 473 -46.66 -10.40 37.05
C GLN A 473 -45.95 -11.29 38.07
N LYS A 474 -45.42 -10.71 39.15
CA LYS A 474 -44.76 -11.53 40.14
C LYS A 474 -45.75 -12.43 40.87
N THR A 475 -46.95 -11.93 41.14
CA THR A 475 -47.98 -12.75 41.77
C THR A 475 -48.33 -13.96 40.90
N MET A 476 -48.63 -13.73 39.62
CA MET A 476 -48.94 -14.84 38.73
C MET A 476 -47.78 -15.83 38.65
N GLN A 477 -46.55 -15.32 38.53
CA GLN A 477 -45.40 -16.21 38.41
C GLN A 477 -45.25 -17.10 39.65
N SER A 478 -45.58 -16.56 40.82
CA SER A 478 -45.32 -17.25 42.07
C SER A 478 -46.50 -18.07 42.57
N HIS A 479 -47.69 -17.82 42.06
CA HIS A 479 -48.89 -18.44 42.60
C HIS A 479 -49.69 -19.24 41.59
N ALA A 480 -49.35 -19.20 40.30
CA ALA A 480 -50.08 -19.95 39.29
C ALA A 480 -49.11 -20.53 38.26
N ALA A 481 -48.09 -21.24 38.73
CA ALA A 481 -47.01 -21.71 37.86
C ALA A 481 -47.26 -23.17 37.42
N VAL A 482 -46.19 -23.88 37.06
CA VAL A 482 -46.32 -25.21 36.47
C VAL A 482 -47.03 -26.16 37.43
N PHE A 483 -46.64 -26.17 38.71
CA PHE A 483 -47.37 -26.89 39.74
C PHE A 483 -48.14 -25.92 40.62
N ARG A 484 -49.35 -26.31 41.01
CA ARG A 484 -50.25 -25.43 41.75
C ARG A 484 -50.81 -26.15 42.96
N THR A 485 -51.21 -25.39 43.98
CA THR A 485 -51.88 -25.97 45.13
C THR A 485 -52.89 -24.97 45.68
N GLY A 486 -53.85 -25.50 46.42
CA GLY A 486 -55.00 -24.70 46.81
C GLY A 486 -54.64 -23.50 47.68
N SER A 487 -53.77 -23.69 48.66
CA SER A 487 -53.44 -22.58 49.54
C SER A 487 -52.62 -21.51 48.81
N ILE A 488 -51.73 -21.92 47.92
CA ILE A 488 -50.95 -20.93 47.19
C ILE A 488 -51.81 -20.21 46.16
N LEU A 489 -52.73 -20.93 45.50
CA LEU A 489 -53.70 -20.28 44.62
C LEU A 489 -54.55 -19.27 45.38
N GLN A 490 -55.02 -19.63 46.58
CA GLN A 490 -55.89 -18.74 47.33
C GLN A 490 -55.18 -17.46 47.75
N GLU A 491 -53.92 -17.57 48.17
CA GLU A 491 -53.18 -16.36 48.49
C GLU A 491 -52.98 -15.52 47.23
N GLY A 492 -52.72 -16.16 46.10
CA GLY A 492 -52.61 -15.42 44.85
C GLY A 492 -53.91 -14.71 44.49
N CYS A 493 -55.05 -15.38 44.69
CA CYS A 493 -56.34 -14.74 44.44
C CYS A 493 -56.48 -13.49 45.31
N GLU A 494 -56.18 -13.59 46.60
CA GLU A 494 -56.31 -12.44 47.47
C GLU A 494 -55.35 -11.32 47.07
N LYS A 495 -54.14 -11.68 46.66
CA LYS A 495 -53.19 -10.68 46.19
C LYS A 495 -53.70 -9.95 44.95
N LEU A 496 -54.13 -10.69 43.93
CA LEU A 496 -54.60 -10.04 42.71
C LEU A 496 -55.83 -9.17 42.99
N SER A 497 -56.73 -9.65 43.84
CA SER A 497 -57.91 -8.85 44.17
C SER A 497 -57.51 -7.54 44.81
N GLN A 498 -56.48 -7.56 45.67
CA GLN A 498 -56.01 -6.31 46.25
C GLN A 498 -55.37 -5.42 45.18
N ILE A 499 -54.53 -5.99 44.31
CA ILE A 499 -53.94 -5.20 43.25
C ILE A 499 -55.03 -4.58 42.38
N TYR A 500 -56.09 -5.34 42.10
CA TYR A 500 -57.17 -4.81 41.28
C TYR A 500 -57.85 -3.63 41.98
N ARG A 501 -58.11 -3.73 43.28
CA ARG A 501 -58.70 -2.61 43.99
C ARG A 501 -57.77 -1.40 44.00
N ASP A 502 -56.45 -1.64 43.99
CA ASP A 502 -55.50 -0.54 44.07
C ASP A 502 -55.26 0.14 42.72
N LEU A 503 -55.84 -0.37 41.64
CA LEU A 503 -55.85 0.42 40.41
C LEU A 503 -56.56 1.76 40.61
N ALA A 504 -57.38 1.88 41.66
CA ALA A 504 -58.01 3.18 41.92
C ALA A 504 -56.98 4.25 42.25
N HIS A 505 -55.78 3.85 42.63
CA HIS A 505 -54.70 4.76 43.00
C HIS A 505 -53.62 4.84 41.93
N LEU A 506 -53.97 4.59 40.66
CA LEU A 506 -52.98 4.60 39.59
C LEU A 506 -52.41 5.99 39.39
N LYS A 507 -51.17 6.03 38.89
CA LYS A 507 -50.46 7.29 38.66
C LYS A 507 -49.79 7.23 37.29
N THR A 508 -50.14 8.18 36.42
CA THR A 508 -49.46 8.34 35.14
C THR A 508 -48.82 9.72 35.07
N PHE A 509 -48.02 9.91 34.07
CA PHE A 509 -47.22 11.11 33.93
C PHE A 509 -47.43 11.82 32.59
N ASP A 510 -47.50 11.07 31.49
CA ASP A 510 -47.66 11.73 30.20
C ASP A 510 -49.08 12.24 30.10
N ARG A 511 -49.24 13.54 29.86
CA ARG A 511 -50.56 14.15 29.73
C ARG A 511 -50.95 14.40 28.28
N GLY A 512 -50.11 13.98 27.32
CA GLY A 512 -50.41 14.11 25.92
C GLY A 512 -51.41 13.07 25.44
N ILE A 513 -51.75 13.15 24.16
CA ILE A 513 -52.67 12.18 23.57
C ILE A 513 -52.03 11.52 22.35
N VAL A 514 -51.13 12.23 21.66
CA VAL A 514 -50.41 11.68 20.52
C VAL A 514 -49.32 10.72 21.03
N TRP A 515 -49.43 9.44 20.67
CA TRP A 515 -48.41 8.45 20.99
C TRP A 515 -48.07 8.49 22.49
N ASN A 516 -49.12 8.50 23.30
CA ASN A 516 -48.97 8.44 24.74
C ASN A 516 -48.94 6.97 25.12
N THR A 517 -47.76 6.37 25.05
CA THR A 517 -47.61 4.97 25.43
C THR A 517 -47.69 4.79 26.94
N ASP A 518 -47.48 5.85 27.74
CA ASP A 518 -47.79 5.78 29.16
C ASP A 518 -49.27 5.42 29.36
N LEU A 519 -50.14 6.13 28.66
CA LEU A 519 -51.57 5.84 28.69
C LEU A 519 -51.89 4.45 28.12
N VAL A 520 -51.38 4.13 26.93
CA VAL A 520 -51.72 2.86 26.29
C VAL A 520 -51.32 1.69 27.17
N GLU A 521 -50.15 1.77 27.82
CA GLU A 521 -49.75 0.65 28.68
C GLU A 521 -50.61 0.56 29.94
N THR A 522 -51.26 1.65 30.36
CA THR A 522 -52.18 1.57 31.49
C THR A 522 -53.51 0.93 31.09
N LEU A 523 -53.99 1.25 29.88
CA LEU A 523 -55.09 0.51 29.31
C LEU A 523 -54.76 -0.97 29.23
N GLU A 524 -53.57 -1.31 28.74
CA GLU A 524 -53.19 -2.73 28.66
C GLU A 524 -53.14 -3.37 30.04
N LEU A 525 -52.71 -2.62 31.07
CA LEU A 525 -52.69 -3.16 32.44
C LEU A 525 -54.10 -3.52 32.92
N GLN A 526 -55.07 -2.62 32.70
CA GLN A 526 -56.46 -2.95 33.00
C GLN A 526 -56.89 -4.25 32.31
N ASN A 527 -56.52 -4.42 31.04
CA ASN A 527 -56.89 -5.62 30.30
C ASN A 527 -56.20 -6.86 30.86
N LEU A 528 -54.88 -6.78 31.06
CA LEU A 528 -54.14 -7.91 31.64
C LEU A 528 -54.74 -8.34 32.98
N MET A 529 -55.10 -7.38 33.83
CA MET A 529 -55.59 -7.70 35.17
C MET A 529 -56.92 -8.45 35.11
N LEU A 530 -57.78 -8.12 34.13
CA LEU A 530 -59.05 -8.84 34.02
C LEU A 530 -58.79 -10.29 33.61
N CYS A 531 -57.82 -10.50 32.71
CA CYS A 531 -57.43 -11.85 32.33
C CYS A 531 -56.81 -12.60 33.50
N ALA A 532 -55.91 -11.94 34.24
CA ALA A 532 -55.24 -12.63 35.34
C ALA A 532 -56.23 -13.05 36.40
N LEU A 533 -57.17 -12.17 36.76
CA LEU A 533 -58.12 -12.50 37.82
C LEU A 533 -58.89 -13.77 37.50
N GLN A 534 -59.38 -13.87 36.26
CA GLN A 534 -60.16 -15.04 35.87
C GLN A 534 -59.29 -16.28 35.80
N THR A 535 -58.04 -16.13 35.36
CA THR A 535 -57.12 -17.26 35.30
C THR A 535 -56.91 -17.89 36.68
N ILE A 536 -56.58 -17.06 37.67
CA ILE A 536 -56.23 -17.60 38.97
C ILE A 536 -57.46 -18.01 39.76
N TYR A 537 -58.60 -17.32 39.59
CA TYR A 537 -59.80 -17.75 40.29
C TYR A 537 -60.35 -19.06 39.71
N GLY A 538 -60.29 -19.21 38.39
CA GLY A 538 -60.66 -20.48 37.80
C GLY A 538 -59.73 -21.61 38.20
N ALA A 539 -58.42 -21.33 38.27
CA ALA A 539 -57.48 -22.35 38.74
C ALA A 539 -57.78 -22.78 40.18
N GLU A 540 -58.09 -21.82 41.06
CA GLU A 540 -58.39 -22.14 42.45
C GLU A 540 -59.64 -23.03 42.55
N ALA A 541 -60.62 -22.81 41.68
CA ALA A 541 -61.84 -23.61 41.77
C ALA A 541 -61.69 -25.00 41.14
N ARG A 542 -60.80 -25.16 40.15
CA ARG A 542 -60.65 -26.46 39.47
C ARG A 542 -59.83 -27.41 40.33
N LYS A 543 -60.52 -28.28 41.07
CA LYS A 543 -59.85 -29.19 41.99
C LYS A 543 -59.63 -30.53 41.29
N GLU A 544 -58.75 -30.50 40.30
CA GLU A 544 -58.33 -31.70 39.58
C GLU A 544 -57.04 -31.32 38.87
N SER A 545 -56.39 -32.31 38.27
CA SER A 545 -55.27 -32.06 37.36
C SER A 545 -55.67 -32.49 35.96
N ARG A 546 -55.56 -31.56 35.00
CA ARG A 546 -55.91 -31.87 33.62
C ARG A 546 -54.99 -31.09 32.69
N GLY A 547 -54.32 -31.79 31.78
CA GLY A 547 -53.42 -31.13 30.85
C GLY A 547 -52.45 -30.23 31.60
N ALA A 548 -52.37 -28.96 31.16
CA ALA A 548 -51.42 -28.00 31.73
C ALA A 548 -51.75 -27.57 33.16
N HIS A 549 -52.94 -27.88 33.67
CA HIS A 549 -53.35 -27.45 35.00
C HIS A 549 -53.07 -28.62 35.94
N ALA A 550 -52.10 -28.45 36.82
CA ALA A 550 -51.63 -29.52 37.70
C ALA A 550 -51.77 -29.07 39.14
N ARG A 551 -52.57 -29.79 39.91
CA ARG A 551 -52.79 -29.51 41.33
C ARG A 551 -52.07 -30.58 42.13
N GLU A 552 -51.16 -30.18 43.01
CA GLU A 552 -50.50 -31.17 43.84
C GLU A 552 -51.39 -31.66 44.97
N ASP A 553 -52.54 -31.01 45.19
CA ASP A 553 -53.52 -31.45 46.18
C ASP A 553 -54.67 -32.24 45.57
N TYR A 554 -54.80 -32.23 44.22
CA TYR A 554 -55.85 -32.93 43.46
C TYR A 554 -55.18 -33.46 42.20
N LYS A 555 -54.47 -34.58 42.34
CA LYS A 555 -53.58 -35.06 41.30
C LYS A 555 -54.28 -35.81 40.18
N LEU A 556 -55.51 -36.27 40.38
CA LEU A 556 -56.18 -37.08 39.38
C LEU A 556 -57.07 -36.23 38.48
N ARG A 557 -57.15 -36.63 37.21
CA ARG A 557 -58.15 -36.09 36.31
C ARG A 557 -59.52 -36.68 36.66
N ILE A 558 -60.52 -35.84 36.84
CA ILE A 558 -61.82 -36.26 37.38
C ILE A 558 -62.86 -36.13 36.26
N ASP A 559 -63.22 -37.24 35.64
CA ASP A 559 -64.16 -37.28 34.54
C ASP A 559 -65.55 -37.70 35.03
N GLU A 560 -66.50 -37.76 34.10
CA GLU A 560 -67.86 -38.20 34.43
C GLU A 560 -67.92 -39.68 34.77
N PHE A 561 -67.00 -40.47 34.23
CA PHE A 561 -66.76 -41.85 34.63
C PHE A 561 -65.30 -41.97 35.09
N ASP A 562 -64.93 -43.15 35.57
CA ASP A 562 -63.52 -43.49 35.80
C ASP A 562 -63.06 -44.28 34.58
N TYR A 563 -62.43 -43.59 33.63
CA TYR A 563 -62.10 -44.24 32.37
C TYR A 563 -60.86 -45.13 32.43
N SER A 564 -60.25 -45.28 33.60
CA SER A 564 -59.20 -46.28 33.76
C SER A 564 -59.72 -47.65 34.14
N LYS A 565 -61.03 -47.79 34.39
CA LYS A 565 -61.68 -49.06 34.68
C LYS A 565 -62.75 -49.34 33.64
N PRO A 566 -63.28 -50.57 33.59
CA PRO A 566 -64.39 -50.86 32.66
C PRO A 566 -65.62 -50.04 33.02
N LEU A 567 -66.37 -49.64 31.99
CA LEU A 567 -67.50 -48.75 32.22
C LEU A 567 -68.74 -49.49 32.69
N GLN A 568 -68.89 -50.76 32.32
CA GLN A 568 -70.07 -51.54 32.67
C GLN A 568 -70.30 -51.52 34.18
N GLY A 569 -71.49 -51.10 34.58
CA GLY A 569 -71.84 -51.04 35.99
C GLY A 569 -71.43 -49.78 36.72
N GLN A 570 -70.80 -48.83 36.03
CA GLN A 570 -70.42 -47.57 36.67
C GLN A 570 -71.60 -46.63 36.74
N GLN A 571 -71.68 -45.87 37.83
CA GLN A 571 -72.66 -44.79 37.97
C GLN A 571 -72.03 -43.49 37.49
N LYS A 572 -72.58 -42.93 36.42
CA LYS A 572 -72.11 -41.65 35.92
C LYS A 572 -72.17 -40.59 37.01
N ARG A 573 -71.09 -39.81 37.15
CA ARG A 573 -71.10 -38.71 38.10
C ARG A 573 -71.95 -37.57 37.54
N PRO A 574 -72.81 -36.97 38.35
CA PRO A 574 -73.58 -35.80 37.88
C PRO A 574 -72.65 -34.64 37.52
N PHE A 575 -73.18 -33.75 36.67
CA PHE A 575 -72.36 -32.70 36.07
C PHE A 575 -71.65 -31.87 37.12
N GLU A 576 -72.32 -31.61 38.25
CA GLU A 576 -71.75 -30.84 39.34
C GLU A 576 -70.70 -31.61 40.14
N GLU A 577 -70.53 -32.91 39.88
CA GLU A 577 -69.62 -33.71 40.69
C GLU A 577 -68.44 -34.25 39.88
N HIS A 578 -68.15 -33.67 38.72
CA HIS A 578 -66.89 -33.96 38.05
C HIS A 578 -66.39 -32.69 37.39
N TRP A 579 -65.25 -32.80 36.73
CA TRP A 579 -64.55 -31.63 36.21
C TRP A 579 -64.31 -31.66 34.72
N ARG A 580 -64.86 -32.64 34.00
CA ARG A 580 -64.65 -32.61 32.56
C ARG A 580 -65.71 -31.68 31.98
N LYS A 581 -65.42 -30.39 32.08
CA LYS A 581 -66.33 -29.34 31.67
C LYS A 581 -65.53 -28.07 31.55
N HIS A 582 -65.99 -27.16 30.68
CA HIS A 582 -65.32 -25.88 30.51
C HIS A 582 -65.68 -24.93 31.64
N THR A 583 -64.67 -24.19 32.11
CA THR A 583 -64.88 -23.08 33.02
C THR A 583 -65.35 -21.87 32.24
N LEU A 584 -66.44 -21.25 32.67
CA LEU A 584 -66.87 -19.97 32.18
C LEU A 584 -66.69 -18.96 33.29
N SER A 585 -66.03 -17.84 33.00
CA SER A 585 -65.72 -16.85 34.02
C SER A 585 -66.30 -15.50 33.63
N TYR A 586 -66.78 -14.76 34.64
CA TYR A 586 -67.32 -13.42 34.50
C TYR A 586 -66.64 -12.54 35.52
N VAL A 587 -66.55 -11.24 35.23
CA VAL A 587 -66.00 -10.29 36.19
C VAL A 587 -66.96 -9.12 36.27
N ASP A 588 -67.28 -8.71 37.50
CA ASP A 588 -67.94 -7.43 37.75
C ASP A 588 -66.87 -6.37 37.75
N VAL A 589 -66.80 -5.56 36.69
CA VAL A 589 -65.56 -4.84 36.44
C VAL A 589 -65.34 -3.74 37.48
N LYS A 590 -66.41 -3.21 38.07
CA LYS A 590 -66.21 -2.15 39.04
C LYS A 590 -65.71 -2.70 40.37
N SER A 591 -66.14 -3.89 40.77
CA SER A 591 -65.70 -4.49 42.02
C SER A 591 -64.52 -5.44 41.86
N GLY A 592 -64.38 -6.09 40.72
CA GLY A 592 -63.42 -7.16 40.55
C GLY A 592 -63.93 -8.52 40.96
N LYS A 593 -65.17 -8.61 41.43
CA LYS A 593 -65.75 -9.91 41.76
C LYS A 593 -65.78 -10.84 40.55
N VAL A 594 -65.19 -12.02 40.71
CA VAL A 594 -65.20 -13.06 39.69
C VAL A 594 -66.32 -14.06 40.00
N THR A 595 -67.08 -14.44 38.99
CA THR A 595 -68.11 -15.46 39.08
C THR A 595 -67.78 -16.57 38.08
N LEU A 596 -67.95 -17.83 38.50
CA LEU A 596 -67.60 -18.99 37.68
C LEU A 596 -68.82 -19.87 37.43
N LYS A 597 -69.00 -20.29 36.19
CA LYS A 597 -70.02 -21.27 35.79
C LYS A 597 -69.37 -22.29 34.86
N TYR A 598 -70.13 -23.30 34.47
CA TYR A 598 -69.54 -24.39 33.70
C TYR A 598 -70.48 -24.81 32.57
N ARG A 599 -69.89 -25.34 31.50
CA ARG A 599 -70.62 -25.82 30.34
C ARG A 599 -69.97 -27.10 29.86
N PRO A 600 -70.76 -28.03 29.31
CA PRO A 600 -70.19 -29.32 28.90
C PRO A 600 -69.25 -29.22 27.71
N VAL A 601 -68.31 -30.16 27.66
CA VAL A 601 -67.46 -30.35 26.50
C VAL A 601 -68.25 -31.02 25.39
N ILE A 602 -67.93 -30.68 24.14
CA ILE A 602 -68.58 -31.29 22.98
C ILE A 602 -67.76 -32.49 22.52
N ASP A 603 -68.32 -33.69 22.69
CA ASP A 603 -67.63 -34.92 22.30
C ASP A 603 -67.98 -35.38 20.89
N ARG A 604 -69.08 -34.91 20.32
CA ARG A 604 -69.47 -35.33 18.98
C ARG A 604 -68.58 -34.65 17.93
N THR A 605 -68.34 -35.36 16.84
CA THR A 605 -67.60 -34.80 15.74
C THR A 605 -68.59 -34.20 14.73
N LEU A 606 -68.10 -33.76 13.58
CA LEU A 606 -69.00 -33.27 12.54
C LEU A 606 -69.58 -34.41 11.71
N ASN A 607 -69.07 -35.63 11.88
CA ASN A 607 -69.57 -36.76 11.11
C ASN A 607 -69.07 -38.06 11.72
N GLU A 608 -69.89 -38.71 12.56
CA GLU A 608 -69.44 -39.88 13.28
C GLU A 608 -68.93 -40.95 12.32
N GLU A 609 -69.59 -41.09 11.17
CA GLU A 609 -69.23 -42.15 10.24
C GLU A 609 -67.87 -41.91 9.59
N ASP A 610 -67.50 -40.65 9.36
CA ASP A 610 -66.22 -40.34 8.73
C ASP A 610 -65.09 -40.14 9.74
N CYS A 611 -65.42 -39.80 10.98
CA CYS A 611 -64.40 -39.50 11.98
C CYS A 611 -65.07 -39.75 13.34
N SER A 612 -64.76 -40.89 13.94
CA SER A 612 -65.42 -41.31 15.17
C SER A 612 -64.96 -40.46 16.35
N SER A 613 -65.89 -40.17 17.26
CA SER A 613 -65.55 -39.49 18.49
C SER A 613 -64.59 -40.36 19.30
N VAL A 614 -63.66 -39.72 20.00
CA VAL A 614 -62.64 -40.42 20.78
C VAL A 614 -63.03 -40.32 22.26
N PRO A 615 -63.45 -41.40 22.90
CA PRO A 615 -63.83 -41.33 24.31
C PRO A 615 -62.62 -41.04 25.18
N PRO A 616 -62.82 -40.43 26.35
CA PRO A 616 -61.70 -40.18 27.26
C PRO A 616 -60.98 -41.48 27.64
N ALA A 617 -59.66 -41.39 27.80
CA ALA A 617 -58.85 -42.54 28.22
C ALA A 617 -57.70 -42.04 29.07
N ILE A 618 -56.93 -42.97 29.63
CA ILE A 618 -55.71 -42.55 30.31
C ILE A 618 -54.77 -41.93 29.30
N ARG A 619 -54.12 -40.84 29.67
CA ARG A 619 -53.29 -40.04 28.78
C ARG A 619 -51.82 -40.21 29.16
N SER A 620 -51.07 -40.95 28.35
CA SER A 620 -49.65 -41.19 28.62
C SER A 620 -48.84 -41.01 27.35
N TYR A 621 -47.59 -40.57 27.54
CA TYR A 621 -46.68 -40.35 26.43
C TYR A 621 -45.37 -41.14 26.61
N THR B 8 -22.23 -2.63 45.10
CA THR B 8 -21.74 -1.70 44.09
C THR B 8 -22.82 -1.42 43.03
N SER B 9 -22.53 -0.50 42.13
CA SER B 9 -23.41 -0.21 41.01
C SER B 9 -22.57 0.34 39.86
N ARG B 10 -23.06 0.11 38.64
CA ARG B 10 -22.35 0.49 37.43
C ARG B 10 -23.28 1.42 36.66
N ILE B 11 -23.11 2.73 36.84
CA ILE B 11 -24.04 3.74 36.34
C ILE B 11 -23.63 4.09 34.92
N LYS B 12 -24.53 3.86 33.98
CA LYS B 12 -24.28 4.13 32.57
C LYS B 12 -25.20 5.26 32.15
N LYS B 13 -24.68 6.15 31.30
CA LYS B 13 -25.41 7.30 30.81
C LYS B 13 -25.89 7.08 29.38
N PHE B 14 -27.15 7.44 29.14
CA PHE B 14 -27.75 7.44 27.81
C PHE B 14 -28.27 8.84 27.52
N SER B 15 -27.86 9.39 26.39
CA SER B 15 -28.38 10.66 25.90
C SER B 15 -29.37 10.34 24.78
N ILE B 16 -30.63 10.74 24.96
CA ILE B 16 -31.70 10.27 24.10
C ILE B 16 -32.47 11.45 23.50
N TYR B 17 -32.79 11.34 22.21
CA TYR B 17 -33.50 12.38 21.47
C TYR B 17 -34.96 12.47 21.93
N ARG B 18 -35.40 13.69 22.25
CA ARG B 18 -36.75 13.94 22.73
C ARG B 18 -37.43 14.96 21.83
N TRP B 19 -38.71 14.74 21.53
CA TRP B 19 -39.57 15.73 20.91
C TRP B 19 -41.02 15.35 21.13
N ASP B 20 -41.83 16.29 21.57
CA ASP B 20 -43.21 16.02 21.96
C ASP B 20 -44.18 16.73 21.02
N PRO B 21 -44.95 16.01 20.20
CA PRO B 21 -45.85 16.69 19.26
C PRO B 21 -46.93 17.50 19.96
N ASP B 22 -47.28 17.16 21.19
CA ASP B 22 -48.29 17.93 21.91
C ASP B 22 -47.70 19.18 22.56
N LYS B 23 -46.38 19.36 22.51
CA LYS B 23 -45.72 20.62 22.86
C LYS B 23 -44.82 21.02 21.71
N PRO B 24 -45.40 21.25 20.52
CA PRO B 24 -44.58 21.27 19.30
C PRO B 24 -43.51 22.35 19.30
N GLY B 25 -43.69 23.42 20.07
CA GLY B 25 -42.76 24.52 20.06
C GLY B 25 -41.46 24.23 20.77
N ASP B 26 -41.44 23.20 21.62
CA ASP B 26 -40.20 22.81 22.29
C ASP B 26 -39.31 22.09 21.32
N LYS B 27 -38.23 22.74 20.90
CA LYS B 27 -37.37 22.18 19.87
C LYS B 27 -36.83 20.82 20.32
N PRO B 28 -36.51 19.94 19.38
CA PRO B 28 -35.88 18.66 19.75
C PRO B 28 -34.68 18.89 20.63
N ARG B 29 -34.48 18.00 21.60
CA ARG B 29 -33.38 18.14 22.55
C ARG B 29 -32.89 16.74 22.89
N MET B 30 -31.76 16.67 23.60
CA MET B 30 -31.25 15.40 24.11
C MET B 30 -31.41 15.40 25.62
N GLN B 31 -31.90 14.28 26.16
CA GLN B 31 -32.04 14.11 27.59
C GLN B 31 -31.18 12.95 28.07
N THR B 32 -30.48 13.17 29.17
CA THR B 32 -29.57 12.17 29.73
C THR B 32 -30.25 11.38 30.84
N TYR B 33 -30.01 10.09 30.85
CA TYR B 33 -30.57 9.22 31.88
C TYR B 33 -29.44 8.38 32.44
N GLU B 34 -29.43 8.19 33.75
CA GLU B 34 -28.45 7.33 34.41
C GLU B 34 -29.10 6.00 34.77
N VAL B 35 -28.51 4.90 34.30
CA VAL B 35 -29.06 3.55 34.48
C VAL B 35 -28.00 2.68 35.15
N ASP B 36 -28.39 1.99 36.22
CA ASP B 36 -27.51 1.04 36.89
C ASP B 36 -27.53 -0.30 36.17
N LEU B 37 -26.43 -0.63 35.48
CA LEU B 37 -26.40 -1.83 34.64
C LEU B 37 -26.53 -3.13 35.43
N ASN B 38 -26.17 -3.13 36.72
CA ASN B 38 -26.36 -4.31 37.55
C ASN B 38 -27.82 -4.63 37.82
N LYS B 39 -28.74 -3.74 37.46
CA LYS B 39 -30.16 -3.95 37.65
C LYS B 39 -30.88 -3.73 36.34
N CYS B 40 -30.23 -4.11 35.25
CA CYS B 40 -30.76 -3.92 33.91
C CYS B 40 -30.31 -5.09 33.03
N GLY B 41 -31.20 -5.52 32.13
CA GLY B 41 -30.84 -6.48 31.11
C GLY B 41 -29.70 -5.99 30.23
N PRO B 42 -29.17 -6.87 29.39
CA PRO B 42 -27.94 -6.55 28.65
C PRO B 42 -28.15 -5.71 27.38
N MET B 43 -29.37 -5.57 26.90
CA MET B 43 -29.60 -4.90 25.63
C MET B 43 -30.10 -3.47 25.84
N VAL B 44 -29.89 -2.63 24.82
CA VAL B 44 -30.32 -1.24 24.89
C VAL B 44 -31.83 -1.13 25.13
N LEU B 45 -32.64 -1.95 24.44
CA LEU B 45 -34.08 -1.96 24.73
C LEU B 45 -34.36 -2.21 26.21
N ASP B 46 -33.61 -3.11 26.84
CA ASP B 46 -33.75 -3.31 28.27
C ASP B 46 -33.62 -1.99 29.02
N ALA B 47 -32.55 -1.23 28.73
CA ALA B 47 -32.37 0.08 29.35
C ALA B 47 -33.50 1.03 29.02
N LEU B 48 -33.98 1.02 27.77
CA LEU B 48 -35.09 1.91 27.42
C LEU B 48 -36.33 1.58 28.23
N ILE B 49 -36.68 0.29 28.35
CA ILE B 49 -37.88 -0.07 29.11
C ILE B 49 -37.68 0.23 30.59
N LYS B 50 -36.47 0.03 31.09
CA LYS B 50 -36.21 0.36 32.49
C LYS B 50 -36.39 1.85 32.75
N ILE B 51 -35.88 2.69 31.84
CA ILE B 51 -36.05 4.15 31.98
C ILE B 51 -37.53 4.53 32.01
N LYS B 52 -38.29 4.03 31.03
CA LYS B 52 -39.71 4.31 30.99
C LYS B 52 -40.43 3.81 32.25
N ASN B 53 -40.09 2.59 32.72
CA ASN B 53 -40.79 2.06 33.89
C ASN B 53 -40.36 2.71 35.20
N GLU B 54 -39.18 3.28 35.27
CA GLU B 54 -38.67 3.73 36.57
C GLU B 54 -38.30 5.21 36.63
N LEU B 55 -37.95 5.82 35.52
CA LEU B 55 -37.35 7.14 35.51
C LEU B 55 -38.16 8.19 34.78
N ASP B 56 -38.89 7.84 33.72
CA ASP B 56 -39.60 8.83 32.92
C ASP B 56 -40.57 8.13 32.01
N SER B 57 -41.84 8.02 32.40
CA SER B 57 -42.78 7.23 31.64
C SER B 57 -43.27 7.95 30.40
N THR B 58 -42.79 9.17 30.15
CA THR B 58 -43.11 9.88 28.91
C THR B 58 -42.19 9.48 27.76
N LEU B 59 -41.07 8.83 28.05
CA LEU B 59 -40.18 8.39 26.98
C LEU B 59 -40.89 7.39 26.08
N THR B 60 -40.79 7.57 24.77
CA THR B 60 -41.66 6.87 23.84
C THR B 60 -40.86 6.24 22.70
N PHE B 61 -41.15 4.97 22.41
CA PHE B 61 -40.46 4.19 21.40
C PHE B 61 -41.34 3.00 21.03
N ARG B 62 -41.12 2.46 19.84
CA ARG B 62 -41.82 1.27 19.38
C ARG B 62 -41.02 0.04 19.80
N ARG B 63 -41.73 -1.00 20.21
CA ARG B 63 -41.10 -2.29 20.51
C ARG B 63 -42.20 -3.31 20.64
N SER B 64 -41.85 -4.59 20.41
CA SER B 64 -42.82 -5.67 20.61
C SER B 64 -42.16 -6.99 21.02
N CYS B 65 -41.27 -7.53 20.18
N CYS B 65 -41.44 -7.62 20.11
CA CYS B 65 -40.94 -8.97 20.18
CA CYS B 65 -40.80 -8.89 20.43
C CYS B 65 -39.88 -9.37 21.21
C CYS B 65 -39.65 -8.64 21.40
N ARG B 66 -38.77 -8.65 21.30
N ARG B 66 -38.97 -9.71 21.81
CA ARG B 66 -37.69 -8.92 22.26
CA ARG B 66 -37.77 -9.52 22.60
C ARG B 66 -36.49 -9.69 21.69
C ARG B 66 -36.56 -10.17 21.94
N GLU B 67 -36.67 -10.51 20.65
CA GLU B 67 -35.57 -11.30 20.08
C GLU B 67 -35.16 -10.84 18.68
N GLY B 68 -35.41 -9.58 18.34
CA GLY B 68 -34.94 -9.07 17.07
C GLY B 68 -35.60 -9.68 15.85
N ILE B 69 -36.86 -10.09 15.95
CA ILE B 69 -37.55 -10.71 14.83
C ILE B 69 -38.66 -9.84 14.29
N CYS B 70 -39.22 -8.95 15.10
CA CYS B 70 -40.39 -8.21 14.65
C CYS B 70 -40.02 -6.96 13.87
N GLY B 71 -38.87 -6.36 14.18
CA GLY B 71 -38.47 -5.16 13.47
C GLY B 71 -38.95 -3.84 14.04
N SER B 72 -39.66 -3.85 15.18
CA SER B 72 -40.30 -2.64 15.71
C SER B 72 -39.29 -1.59 16.19
N CYS B 73 -38.27 -2.02 16.93
CA CYS B 73 -37.47 -1.10 17.73
C CYS B 73 -36.25 -0.53 17.00
N ALA B 74 -36.27 -0.48 15.67
CA ALA B 74 -35.14 0.08 14.93
C ALA B 74 -34.93 1.55 15.27
N MET B 75 -33.65 1.93 15.49
CA MET B 75 -33.25 3.30 15.84
C MET B 75 -31.75 3.42 15.66
N ASN B 76 -31.22 4.63 15.90
CA ASN B 76 -29.81 4.92 15.67
C ASN B 76 -29.10 4.98 17.02
N ILE B 77 -28.22 4.03 17.26
CA ILE B 77 -27.52 3.86 18.52
C ILE B 77 -26.03 3.93 18.23
N ALA B 78 -25.33 4.84 18.90
CA ALA B 78 -23.89 5.02 18.71
C ALA B 78 -23.56 5.24 17.25
N GLY B 79 -24.42 5.99 16.56
CA GLY B 79 -24.16 6.40 15.20
C GLY B 79 -24.63 5.44 14.12
N GLY B 80 -25.05 4.25 14.47
CA GLY B 80 -25.43 3.24 13.47
C GLY B 80 -26.85 2.76 13.71
N ASN B 81 -27.58 2.53 12.61
CA ASN B 81 -28.95 2.02 12.69
C ASN B 81 -28.96 0.54 13.09
N THR B 82 -29.82 0.20 14.05
CA THR B 82 -29.82 -1.18 14.52
C THR B 82 -31.09 -1.40 15.33
N LEU B 83 -31.28 -2.65 15.76
CA LEU B 83 -32.39 -3.04 16.64
C LEU B 83 -31.94 -2.87 18.08
N ALA B 84 -32.71 -2.12 18.87
CA ALA B 84 -32.39 -1.92 20.28
C ALA B 84 -32.40 -3.23 21.05
N CYS B 85 -33.30 -4.15 20.68
CA CYS B 85 -33.50 -5.37 21.49
C CYS B 85 -32.38 -6.39 21.34
N THR B 86 -31.51 -6.25 20.32
CA THR B 86 -30.35 -7.11 20.14
C THR B 86 -29.03 -6.36 20.19
N LYS B 87 -29.04 -5.07 20.55
CA LYS B 87 -27.82 -4.26 20.61
C LYS B 87 -27.29 -4.26 22.05
N LYS B 88 -26.16 -4.94 22.28
CA LYS B 88 -25.57 -4.95 23.61
C LYS B 88 -25.30 -3.52 24.09
N ILE B 89 -25.65 -3.23 25.35
CA ILE B 89 -25.20 -2.00 25.99
C ILE B 89 -23.69 -2.00 26.07
N ASP B 90 -23.08 -0.86 25.76
CA ASP B 90 -21.63 -0.71 25.92
C ASP B 90 -21.30 -0.48 27.39
N PRO B 91 -20.61 -1.42 28.05
CA PRO B 91 -20.38 -1.30 29.50
C PRO B 91 -19.26 -0.33 29.88
N ASP B 92 -18.69 0.41 28.93
CA ASP B 92 -17.73 1.45 29.28
C ASP B 92 -18.47 2.65 29.86
N LEU B 93 -18.37 2.82 31.19
CA LEU B 93 -19.12 3.85 31.89
C LEU B 93 -18.57 5.26 31.67
N SER B 94 -17.41 5.40 31.03
CA SER B 94 -16.94 6.73 30.69
C SER B 94 -17.56 7.26 29.40
N LYS B 95 -18.23 6.40 28.62
CA LYS B 95 -18.84 6.80 27.35
C LYS B 95 -20.35 6.89 27.50
N THR B 96 -20.92 7.98 26.99
CA THR B 96 -22.35 8.17 26.92
C THR B 96 -22.86 7.65 25.60
N THR B 97 -23.91 6.82 25.65
CA THR B 97 -24.49 6.25 24.44
C THR B 97 -25.60 7.17 23.95
N LYS B 98 -25.45 7.68 22.72
CA LYS B 98 -26.43 8.57 22.12
C LYS B 98 -27.42 7.77 21.28
N ILE B 99 -28.71 8.04 21.47
CA ILE B 99 -29.78 7.33 20.81
C ILE B 99 -30.63 8.35 20.07
N TYR B 100 -30.77 8.17 18.76
CA TYR B 100 -31.56 8.96 17.84
C TYR B 100 -32.60 8.11 17.12
N PRO B 101 -33.66 8.74 16.58
CA PRO B 101 -34.54 8.03 15.65
C PRO B 101 -33.79 7.62 14.39
N LEU B 102 -34.39 6.70 13.63
CA LEU B 102 -33.85 6.38 12.32
C LEU B 102 -33.63 7.68 11.55
N PRO B 103 -32.50 7.84 10.85
CA PRO B 103 -32.11 9.17 10.33
C PRO B 103 -32.92 9.67 9.15
N HIS B 104 -33.04 10.99 9.08
CA HIS B 104 -33.67 11.67 7.95
C HIS B 104 -35.11 11.18 7.75
N MET B 105 -35.83 11.07 8.86
CA MET B 105 -37.22 10.68 8.88
C MET B 105 -38.02 11.73 9.65
N TYR B 106 -39.32 11.79 9.37
CA TYR B 106 -40.24 12.63 10.13
C TYR B 106 -40.55 11.97 11.46
N VAL B 107 -40.31 12.71 12.54
CA VAL B 107 -40.51 12.21 13.90
C VAL B 107 -41.97 12.41 14.30
N VAL B 108 -42.63 11.32 14.66
CA VAL B 108 -43.94 11.40 15.31
C VAL B 108 -43.78 11.87 16.76
N LYS B 109 -42.91 11.20 17.49
CA LYS B 109 -42.62 11.60 18.86
C LYS B 109 -41.38 10.87 19.29
N ASP B 110 -40.50 11.57 20.01
CA ASP B 110 -39.29 10.97 20.57
C ASP B 110 -38.59 10.07 19.55
N LEU B 111 -38.57 8.76 19.78
CA LEU B 111 -37.82 7.85 18.92
C LEU B 111 -38.69 7.16 17.86
N VAL B 112 -39.91 7.65 17.62
CA VAL B 112 -40.87 7.00 16.73
C VAL B 112 -40.85 7.75 15.40
N PRO B 113 -40.35 7.15 14.32
CA PRO B 113 -40.44 7.79 12.99
C PRO B 113 -41.70 7.41 12.23
N ASP B 114 -42.04 8.23 11.25
CA ASP B 114 -43.17 7.94 10.35
C ASP B 114 -42.67 7.05 9.22
N LEU B 115 -43.08 5.78 9.24
CA LEU B 115 -42.67 4.81 8.25
C LEU B 115 -43.66 4.63 7.11
N SER B 116 -44.67 5.51 7.00
CA SER B 116 -45.75 5.22 6.07
C SER B 116 -45.30 5.31 4.60
N ASN B 117 -44.35 6.19 4.26
CA ASN B 117 -43.79 6.13 2.91
C ASN B 117 -43.06 4.82 2.68
N PHE B 118 -42.23 4.42 3.64
CA PHE B 118 -41.50 3.16 3.55
C PHE B 118 -42.45 2.00 3.22
N TYR B 119 -43.58 1.92 3.95
CA TYR B 119 -44.51 0.82 3.72
C TYR B 119 -45.16 0.94 2.36
N ALA B 120 -45.44 2.17 1.93
CA ALA B 120 -46.14 2.35 0.65
C ALA B 120 -45.22 2.02 -0.51
N GLN B 121 -43.92 2.31 -0.38
CA GLN B 121 -42.97 1.88 -1.40
C GLN B 121 -42.92 0.36 -1.46
N TYR B 122 -42.96 -0.31 -0.31
CA TYR B 122 -43.04 -1.77 -0.29
C TYR B 122 -44.29 -2.27 -1.01
N LYS B 123 -45.45 -1.63 -0.77
CA LYS B 123 -46.67 -2.02 -1.46
C LYS B 123 -46.55 -1.87 -2.97
N SER B 124 -45.81 -0.86 -3.41
CA SER B 124 -45.75 -0.53 -4.82
C SER B 124 -45.05 -1.58 -5.66
N ILE B 125 -44.24 -2.47 -5.06
CA ILE B 125 -43.55 -3.50 -5.83
C ILE B 125 -44.32 -4.82 -5.87
N GLU B 126 -45.50 -4.87 -5.27
CA GLU B 126 -46.40 -6.01 -5.30
C GLU B 126 -45.70 -7.24 -4.72
N PRO B 127 -45.41 -7.22 -3.43
CA PRO B 127 -44.63 -8.30 -2.81
C PRO B 127 -45.49 -9.54 -2.53
N TYR B 128 -46.00 -10.15 -3.60
CA TYR B 128 -46.78 -11.37 -3.46
C TYR B 128 -46.63 -12.22 -4.73
N LEU B 129 -46.93 -13.50 -4.59
CA LEU B 129 -46.75 -14.44 -5.69
C LEU B 129 -47.76 -14.16 -6.80
N LYS B 130 -47.26 -14.07 -8.02
CA LYS B 130 -48.10 -13.84 -9.19
C LYS B 130 -47.77 -14.90 -10.24
N LYS B 131 -48.74 -15.73 -10.57
CA LYS B 131 -48.63 -16.68 -11.67
C LYS B 131 -49.53 -16.23 -12.82
N LYS B 132 -49.18 -16.67 -14.02
CA LYS B 132 -49.97 -16.31 -15.20
C LYS B 132 -51.39 -16.86 -15.13
N ASP B 133 -51.60 -18.02 -14.47
CA ASP B 133 -52.93 -18.59 -14.28
C ASP B 133 -53.07 -18.96 -12.82
N GLU B 134 -53.83 -18.16 -12.07
CA GLU B 134 -54.02 -18.36 -10.63
C GLU B 134 -55.29 -19.12 -10.32
N SER B 135 -56.03 -19.58 -11.34
CA SER B 135 -57.34 -20.17 -11.07
C SER B 135 -57.23 -21.52 -10.35
N LYS B 136 -56.08 -22.19 -10.40
CA LYS B 136 -55.91 -23.45 -9.68
C LYS B 136 -55.34 -23.27 -8.28
N GLN B 137 -55.29 -22.04 -7.77
CA GLN B 137 -54.78 -21.79 -6.43
C GLN B 137 -55.56 -22.60 -5.40
N GLY B 138 -54.84 -23.09 -4.38
CA GLY B 138 -55.47 -23.83 -3.31
C GLY B 138 -55.60 -25.32 -3.53
N LYS B 139 -55.31 -25.82 -4.74
CA LYS B 139 -55.55 -27.23 -5.05
C LYS B 139 -54.37 -28.14 -4.75
N GLU B 140 -53.15 -27.73 -5.07
CA GLU B 140 -52.00 -28.58 -4.85
C GLU B 140 -50.80 -27.72 -4.58
N GLN B 141 -49.85 -28.28 -3.82
CA GLN B 141 -48.55 -27.65 -3.66
C GLN B 141 -47.91 -27.37 -5.01
N TYR B 142 -47.48 -26.13 -5.23
CA TYR B 142 -46.51 -25.86 -6.27
C TYR B 142 -45.20 -26.57 -5.96
N LEU B 143 -44.55 -27.10 -6.98
CA LEU B 143 -43.27 -27.79 -6.78
C LEU B 143 -42.13 -26.79 -6.90
N GLN B 144 -41.17 -26.89 -5.99
CA GLN B 144 -39.98 -26.04 -6.01
C GLN B 144 -38.79 -26.88 -5.59
N SER B 145 -37.76 -26.95 -6.44
CA SER B 145 -36.60 -27.76 -6.11
C SER B 145 -35.83 -27.15 -4.94
N ILE B 146 -35.09 -28.01 -4.24
CA ILE B 146 -34.21 -27.55 -3.17
C ILE B 146 -33.28 -26.46 -3.70
N GLU B 147 -32.68 -26.70 -4.87
CA GLU B 147 -31.76 -25.72 -5.43
C GLU B 147 -32.44 -24.37 -5.67
N ASP B 148 -33.63 -24.38 -6.26
CA ASP B 148 -34.35 -23.12 -6.49
C ASP B 148 -34.76 -22.45 -5.18
N ARG B 149 -35.22 -23.23 -4.21
CA ARG B 149 -35.56 -22.67 -2.91
C ARG B 149 -34.34 -22.01 -2.26
N GLN B 150 -33.17 -22.59 -2.46
CA GLN B 150 -31.96 -22.07 -1.83
C GLN B 150 -31.63 -20.68 -2.33
N LYS B 151 -32.09 -20.32 -3.52
CA LYS B 151 -31.85 -18.97 -4.02
C LYS B 151 -32.55 -17.91 -3.19
N LEU B 152 -33.53 -18.27 -2.39
CA LEU B 152 -34.23 -17.29 -1.59
C LEU B 152 -33.54 -17.04 -0.26
N ASP B 153 -32.58 -17.90 0.12
CA ASP B 153 -31.86 -17.69 1.36
C ASP B 153 -31.09 -16.37 1.29
N GLY B 154 -31.14 -15.61 2.38
CA GLY B 154 -30.56 -14.28 2.40
C GLY B 154 -31.49 -13.20 1.90
N LEU B 155 -32.65 -13.55 1.36
CA LEU B 155 -33.62 -12.58 0.89
C LEU B 155 -34.92 -12.60 1.71
N TYR B 156 -35.48 -13.78 2.00
CA TYR B 156 -36.78 -13.82 2.67
C TYR B 156 -36.69 -13.54 4.17
N GLU B 157 -35.48 -13.44 4.71
CA GLU B 157 -35.37 -13.24 6.15
C GLU B 157 -35.61 -11.78 6.57
N CYS B 158 -35.73 -10.84 5.62
CA CYS B 158 -35.90 -9.41 5.95
C CYS B 158 -37.09 -9.20 6.85
N ILE B 159 -36.88 -8.46 7.95
CA ILE B 159 -37.94 -8.12 8.90
C ILE B 159 -38.52 -6.72 8.66
N LEU B 160 -38.13 -6.03 7.58
CA LEU B 160 -38.70 -4.73 7.20
C LEU B 160 -38.55 -3.71 8.33
N CYS B 161 -37.37 -3.66 8.94
CA CYS B 161 -37.12 -2.74 10.04
C CYS B 161 -36.75 -1.34 9.54
N ALA B 162 -36.24 -1.22 8.30
CA ALA B 162 -35.85 0.03 7.61
C ALA B 162 -34.50 0.55 8.04
N CYS B 163 -33.71 -0.24 8.78
CA CYS B 163 -32.37 0.21 9.17
C CYS B 163 -31.52 0.51 7.94
N CYS B 164 -31.63 -0.32 6.90
CA CYS B 164 -30.77 -0.18 5.74
C CYS B 164 -31.15 1.02 4.91
N SER B 165 -32.43 1.17 4.59
CA SER B 165 -32.86 2.30 3.78
C SER B 165 -32.51 3.62 4.46
N THR B 166 -32.79 3.73 5.76
CA THR B 166 -32.53 5.02 6.41
C THR B 166 -31.06 5.19 6.79
N SER B 167 -30.18 4.29 6.34
CA SER B 167 -28.74 4.53 6.40
C SER B 167 -28.17 4.93 5.05
N CYS B 168 -28.98 4.93 4.00
CA CYS B 168 -28.47 5.10 2.64
C CYS B 168 -28.53 6.56 2.24
N PRO B 169 -27.39 7.21 1.97
CA PRO B 169 -27.43 8.62 1.58
C PRO B 169 -28.36 8.90 0.42
N SER B 170 -28.40 8.04 -0.60
CA SER B 170 -29.32 8.26 -1.71
C SER B 170 -30.77 8.27 -1.26
N TYR B 171 -31.10 7.45 -0.27
CA TYR B 171 -32.46 7.45 0.27
C TYR B 171 -32.73 8.70 1.11
N TRP B 172 -31.70 9.26 1.76
CA TRP B 172 -31.84 10.56 2.42
C TRP B 172 -32.22 11.63 1.41
N TRP B 173 -31.46 11.75 0.31
CA TRP B 173 -31.68 12.81 -0.66
C TRP B 173 -32.85 12.52 -1.58
N ASN B 174 -33.21 11.26 -1.80
CA ASN B 174 -34.24 11.02 -2.80
C ASN B 174 -35.25 9.98 -2.36
N GLY B 175 -35.43 9.81 -1.06
CA GLY B 175 -36.43 8.88 -0.57
C GLY B 175 -37.83 9.03 -1.12
N ASP B 176 -38.15 10.14 -1.80
CA ASP B 176 -39.51 10.24 -2.38
C ASP B 176 -39.66 9.36 -3.62
N LYS B 177 -38.56 9.08 -4.32
CA LYS B 177 -38.57 8.37 -5.58
C LYS B 177 -37.69 7.13 -5.61
N TYR B 178 -36.60 7.11 -4.84
CA TYR B 178 -35.74 5.95 -4.76
C TYR B 178 -36.37 4.93 -3.82
N LEU B 179 -36.64 3.73 -4.32
CA LEU B 179 -37.35 2.76 -3.48
C LEU B 179 -36.53 2.36 -2.25
N GLY B 180 -35.21 2.32 -2.38
CA GLY B 180 -34.33 2.06 -1.26
C GLY B 180 -33.99 0.59 -1.12
N PRO B 181 -32.93 0.29 -0.35
CA PRO B 181 -32.42 -1.09 -0.32
C PRO B 181 -33.42 -2.12 0.17
N ALA B 182 -34.19 -1.83 1.22
CA ALA B 182 -35.11 -2.84 1.74
C ALA B 182 -36.13 -3.24 0.68
N VAL B 183 -36.73 -2.25 0.03
CA VAL B 183 -37.77 -2.58 -0.94
C VAL B 183 -37.17 -3.23 -2.17
N LEU B 184 -36.03 -2.72 -2.65
CA LEU B 184 -35.42 -3.30 -3.84
C LEU B 184 -35.01 -4.76 -3.61
N MET B 185 -34.48 -5.08 -2.42
CA MET B 185 -34.11 -6.47 -2.19
C MET B 185 -35.33 -7.37 -2.17
N GLN B 186 -36.45 -6.89 -1.60
CA GLN B 186 -37.69 -7.66 -1.69
C GLN B 186 -38.16 -7.79 -3.13
N ALA B 187 -38.02 -6.73 -3.93
CA ALA B 187 -38.31 -6.88 -5.36
C ALA B 187 -37.48 -8.00 -5.97
N TYR B 188 -36.18 -8.07 -5.63
CA TYR B 188 -35.35 -9.14 -6.13
C TYR B 188 -35.84 -10.50 -5.64
N ARG B 189 -36.25 -10.58 -4.37
CA ARG B 189 -36.78 -11.82 -3.80
C ARG B 189 -37.94 -12.38 -4.62
N TRP B 190 -38.79 -11.51 -5.18
CA TRP B 190 -39.88 -12.05 -6.00
C TRP B 190 -39.45 -12.30 -7.44
N MET B 191 -38.44 -11.56 -7.93
CA MET B 191 -37.90 -11.82 -9.27
C MET B 191 -37.31 -13.23 -9.37
N ILE B 192 -36.57 -13.68 -8.36
CA ILE B 192 -35.88 -14.95 -8.50
C ILE B 192 -36.65 -16.11 -7.92
N ASP B 193 -37.86 -15.89 -7.39
CA ASP B 193 -38.69 -17.00 -6.96
C ASP B 193 -39.10 -17.82 -8.17
N SER B 194 -38.71 -19.11 -8.20
CA SER B 194 -39.04 -19.91 -9.38
C SER B 194 -40.53 -20.06 -9.59
N ARG B 195 -41.34 -19.87 -8.56
CA ARG B 195 -42.80 -20.00 -8.70
C ARG B 195 -43.46 -18.76 -9.29
N ASP B 196 -42.77 -17.62 -9.36
CA ASP B 196 -43.36 -16.36 -9.80
C ASP B 196 -43.17 -16.21 -11.31
N ASP B 197 -44.19 -15.72 -11.99
CA ASP B 197 -44.17 -15.67 -13.45
C ASP B 197 -44.00 -14.26 -14.00
N TYR B 198 -43.75 -13.26 -13.16
CA TYR B 198 -43.82 -11.86 -13.58
C TYR B 198 -42.46 -11.16 -13.51
N THR B 199 -41.39 -11.89 -13.80
CA THR B 199 -40.05 -11.33 -13.63
C THR B 199 -39.83 -10.13 -14.55
N GLU B 200 -40.17 -10.27 -15.82
CA GLU B 200 -39.92 -9.16 -16.75
C GLU B 200 -40.67 -7.91 -16.33
N GLU B 201 -41.93 -8.06 -15.92
CA GLU B 201 -42.71 -6.91 -15.47
C GLU B 201 -42.11 -6.31 -14.21
N ARG B 202 -41.65 -7.14 -13.29
CA ARG B 202 -41.03 -6.60 -12.10
C ARG B 202 -39.80 -5.76 -12.47
N LEU B 203 -39.08 -6.19 -13.50
CA LEU B 203 -37.92 -5.43 -13.95
C LEU B 203 -38.34 -4.16 -14.68
N ALA B 204 -39.32 -4.27 -15.59
CA ALA B 204 -39.81 -3.11 -16.31
C ALA B 204 -40.25 -2.01 -15.35
N GLN B 205 -40.70 -2.38 -14.15
CA GLN B 205 -41.16 -1.35 -13.22
C GLN B 205 -40.03 -0.40 -12.82
N LEU B 206 -38.78 -0.83 -12.91
CA LEU B 206 -37.63 -0.07 -12.43
C LEU B 206 -36.98 0.75 -13.54
N GLN B 207 -37.57 0.79 -14.73
CA GLN B 207 -36.99 1.48 -15.89
C GLN B 207 -37.28 2.99 -15.80
N ASP B 208 -36.57 3.64 -14.88
CA ASP B 208 -36.66 5.08 -14.71
C ASP B 208 -35.45 5.52 -13.91
N PRO B 209 -35.20 6.83 -13.82
CA PRO B 209 -33.92 7.29 -13.24
C PRO B 209 -33.79 7.07 -11.75
N PHE B 210 -34.88 6.78 -11.02
CA PHE B 210 -34.85 6.90 -9.56
C PHE B 210 -35.11 5.59 -8.82
N SER B 211 -36.09 4.81 -9.25
CA SER B 211 -36.59 3.72 -8.42
C SER B 211 -35.44 2.82 -7.97
N LEU B 212 -34.58 2.46 -8.91
CA LEU B 212 -33.44 1.59 -8.69
C LEU B 212 -32.13 2.33 -8.83
N TYR B 213 -32.05 3.27 -9.76
CA TYR B 213 -30.76 3.75 -10.23
C TYR B 213 -30.20 4.93 -9.43
N ARG B 214 -30.85 5.33 -8.33
CA ARG B 214 -30.16 6.22 -7.41
C ARG B 214 -29.14 5.48 -6.55
N CYS B 215 -29.15 4.15 -6.55
CA CYS B 215 -28.13 3.39 -5.84
C CYS B 215 -26.78 3.62 -6.51
N HIS B 216 -25.78 4.07 -5.73
CA HIS B 216 -24.42 4.25 -6.23
C HIS B 216 -23.42 3.37 -5.49
N THR B 217 -23.89 2.24 -4.96
CA THR B 217 -23.01 1.23 -4.35
C THR B 217 -22.24 1.78 -3.15
N ILE B 218 -22.91 2.60 -2.32
CA ILE B 218 -22.28 3.15 -1.13
C ILE B 218 -22.07 2.07 -0.07
N MET B 219 -23.02 1.15 0.06
CA MET B 219 -22.88 -0.07 0.88
C MET B 219 -23.04 0.17 2.38
N ASN B 220 -23.66 1.29 2.77
CA ASN B 220 -24.10 1.43 4.15
C ASN B 220 -25.20 0.45 4.50
N CYS B 221 -26.03 0.09 3.52
CA CYS B 221 -27.17 -0.79 3.79
C CYS B 221 -26.71 -2.14 4.30
N THR B 222 -25.74 -2.75 3.61
CA THR B 222 -25.24 -4.06 4.03
C THR B 222 -24.49 -3.97 5.35
N ARG B 223 -23.74 -2.89 5.58
CA ARG B 223 -23.02 -2.76 6.83
C ARG B 223 -23.96 -2.69 8.02
N THR B 224 -25.16 -2.14 7.84
CA THR B 224 -26.03 -1.84 8.96
C THR B 224 -27.10 -2.89 9.23
N CYS B 225 -27.30 -3.84 8.33
CA CYS B 225 -28.44 -4.75 8.47
C CYS B 225 -28.29 -5.61 9.72
N PRO B 226 -29.21 -5.54 10.68
CA PRO B 226 -29.07 -6.34 11.91
C PRO B 226 -29.34 -7.82 11.69
N LYS B 227 -29.82 -8.21 10.53
CA LYS B 227 -30.05 -9.60 10.22
C LYS B 227 -28.94 -10.23 9.38
N GLY B 228 -27.86 -9.48 9.12
CA GLY B 228 -26.73 -10.00 8.39
C GLY B 228 -26.95 -10.10 6.89
N LEU B 229 -27.95 -9.43 6.35
CA LEU B 229 -28.30 -9.57 4.94
C LEU B 229 -27.48 -8.60 4.09
N ASN B 230 -27.63 -8.69 2.77
CA ASN B 230 -26.78 -7.95 1.84
C ASN B 230 -27.63 -7.38 0.72
N PRO B 231 -28.41 -6.34 1.01
CA PRO B 231 -29.21 -5.70 -0.05
C PRO B 231 -28.35 -5.01 -1.11
N GLY B 232 -27.14 -4.56 -0.77
CA GLY B 232 -26.26 -4.01 -1.78
C GLY B 232 -25.99 -4.98 -2.91
N LYS B 233 -25.66 -6.23 -2.55
CA LYS B 233 -25.48 -7.27 -3.56
C LYS B 233 -26.78 -7.55 -4.32
N ALA B 234 -27.90 -7.60 -3.61
CA ALA B 234 -29.17 -7.85 -4.28
C ALA B 234 -29.44 -6.79 -5.33
N ILE B 235 -29.11 -5.54 -5.02
CA ILE B 235 -29.33 -4.44 -5.96
C ILE B 235 -28.41 -4.59 -7.16
N ALA B 236 -27.17 -5.02 -6.95
CA ALA B 236 -26.28 -5.25 -8.07
C ALA B 236 -26.81 -6.35 -8.99
N GLU B 237 -27.48 -7.35 -8.43
CA GLU B 237 -28.03 -8.42 -9.26
C GLU B 237 -29.22 -7.95 -10.08
N ILE B 238 -30.05 -7.04 -9.54
CA ILE B 238 -31.09 -6.44 -10.36
C ILE B 238 -30.47 -5.70 -11.53
N LYS B 239 -29.47 -4.86 -11.25
CA LYS B 239 -28.85 -4.07 -12.31
C LYS B 239 -28.33 -4.98 -13.42
N LYS B 240 -27.75 -6.13 -13.06
CA LYS B 240 -27.28 -7.06 -14.09
C LYS B 240 -28.45 -7.65 -14.87
N MET B 241 -29.52 -8.06 -14.18
CA MET B 241 -30.72 -8.50 -14.88
C MET B 241 -31.29 -7.38 -15.74
N MET B 242 -31.32 -6.15 -15.22
CA MET B 242 -31.88 -5.05 -15.99
C MET B 242 -31.13 -4.85 -17.30
N ALA B 243 -29.83 -5.06 -17.28
CA ALA B 243 -29.00 -4.79 -18.44
C ALA B 243 -29.04 -5.90 -19.48
N THR B 244 -29.59 -7.07 -19.14
CA THR B 244 -29.53 -8.21 -20.04
C THR B 244 -30.87 -8.88 -20.37
N TYR B 245 -31.96 -8.51 -19.69
CA TYR B 245 -33.24 -9.17 -19.97
C TYR B 245 -33.83 -8.69 -21.29
N LYS B 246 -34.41 -9.62 -22.03
CA LYS B 246 -34.92 -9.35 -23.37
C LYS B 246 -36.35 -8.82 -23.33
N GLU B 247 -36.67 -7.97 -24.31
CA GLU B 247 -37.97 -7.29 -24.42
C GLU B 247 -38.42 -6.70 -23.09
N ALA C 2 -58.25 -0.15 0.21
CA ALA C 2 -58.87 1.16 0.39
C ALA C 2 -58.06 2.24 -0.31
N THR C 3 -56.73 2.19 -0.18
CA THR C 3 -55.87 3.20 -0.78
C THR C 3 -54.68 2.57 -1.49
N THR C 4 -54.39 3.07 -2.69
CA THR C 4 -53.26 2.62 -3.48
C THR C 4 -51.94 3.15 -2.91
N ALA C 5 -50.85 2.54 -3.38
CA ALA C 5 -49.53 2.96 -2.88
C ALA C 5 -49.21 4.38 -3.32
N LYS C 6 -49.56 4.73 -4.55
CA LYS C 6 -49.33 6.09 -5.03
C LYS C 6 -50.13 7.10 -4.22
N GLU C 7 -51.38 6.76 -3.90
CA GLU C 7 -52.17 7.61 -3.02
C GLU C 7 -51.56 7.71 -1.63
N GLU C 8 -51.04 6.59 -1.10
CA GLU C 8 -50.43 6.63 0.24
C GLU C 8 -49.23 7.56 0.27
N MET C 9 -48.35 7.46 -0.74
CA MET C 9 -47.19 8.33 -0.77
C MET C 9 -47.59 9.81 -0.83
N ALA C 10 -48.55 10.15 -1.70
CA ALA C 10 -48.99 11.55 -1.78
C ALA C 10 -49.50 12.04 -0.43
N ARG C 11 -50.29 11.23 0.26
CA ARG C 11 -50.79 11.62 1.58
C ARG C 11 -49.64 11.80 2.55
N PHE C 12 -48.68 10.88 2.54
CA PHE C 12 -47.50 11.00 3.38
C PHE C 12 -46.87 12.40 3.27
N TRP C 13 -46.62 12.87 2.05
CA TRP C 13 -45.90 14.14 1.90
C TRP C 13 -46.81 15.33 2.22
N GLU C 14 -48.10 15.23 1.89
CA GLU C 14 -49.00 16.32 2.25
C GLU C 14 -49.12 16.44 3.76
N LYS C 15 -49.21 15.32 4.47
CA LYS C 15 -49.29 15.34 5.93
C LYS C 15 -48.02 15.94 6.53
N ASN C 16 -46.86 15.38 6.18
CA ASN C 16 -45.64 15.73 6.89
C ASN C 16 -45.09 17.10 6.48
N THR C 17 -45.11 17.45 5.19
CA THR C 17 -44.55 18.73 4.81
C THR C 17 -45.25 19.89 5.52
N LYS C 18 -46.55 19.78 5.81
CA LYS C 18 -47.24 20.84 6.52
C LYS C 18 -47.48 20.53 7.99
N SER C 19 -46.73 19.59 8.56
CA SER C 19 -46.81 19.31 9.98
C SER C 19 -45.75 20.10 10.73
N SER C 20 -45.75 19.99 12.05
CA SER C 20 -44.69 20.51 12.88
C SER C 20 -43.59 19.50 13.11
N ARG C 21 -43.68 18.33 12.48
CA ARG C 21 -42.73 17.26 12.78
C ARG C 21 -41.34 17.66 12.33
N PRO C 22 -40.33 17.47 13.16
CA PRO C 22 -38.95 17.68 12.71
C PRO C 22 -38.43 16.51 11.90
N LEU C 23 -37.42 16.79 11.08
CA LEU C 23 -36.65 15.74 10.41
C LEU C 23 -35.54 15.29 11.34
N SER C 24 -35.45 13.98 11.58
CA SER C 24 -34.43 13.49 12.49
C SER C 24 -33.04 13.68 11.87
N PRO C 25 -32.03 13.93 12.69
CA PRO C 25 -30.69 14.21 12.14
C PRO C 25 -30.13 13.01 11.39
N HIS C 26 -29.20 13.30 10.48
CA HIS C 26 -28.63 12.28 9.59
C HIS C 26 -27.11 12.44 9.45
N ILE C 27 -26.65 13.34 8.56
CA ILE C 27 -25.21 13.49 8.36
C ILE C 27 -24.50 13.84 9.66
N SER C 28 -25.16 14.58 10.55
CA SER C 28 -24.45 15.06 11.74
C SER C 28 -24.32 14.01 12.82
N ILE C 29 -25.05 12.90 12.74
CA ILE C 29 -24.98 11.86 13.77
C ILE C 29 -24.56 10.50 13.23
N TYR C 30 -24.49 10.30 11.91
CA TYR C 30 -24.21 8.96 11.41
C TYR C 30 -22.72 8.63 11.50
N LYS C 31 -22.42 7.42 11.95
CA LYS C 31 -21.04 7.00 12.11
C LYS C 31 -20.38 6.81 10.74
N TRP C 32 -19.14 7.28 10.63
CA TRP C 32 -18.41 7.17 9.37
C TRP C 32 -17.72 5.81 9.23
N SER C 33 -17.43 5.46 7.98
CA SER C 33 -16.69 4.25 7.68
C SER C 33 -15.81 4.54 6.47
N LEU C 34 -14.79 3.71 6.29
CA LEU C 34 -13.92 3.88 5.12
C LEU C 34 -14.69 3.76 3.83
N PRO C 35 -15.55 2.76 3.63
CA PRO C 35 -16.32 2.71 2.38
C PRO C 35 -17.15 3.95 2.14
N MET C 36 -17.86 4.46 3.15
CA MET C 36 -18.65 5.67 2.93
C MET C 36 -17.76 6.86 2.58
N ALA C 37 -16.61 6.99 3.24
CA ALA C 37 -15.70 8.09 2.92
C ALA C 37 -15.09 7.95 1.53
N MET C 38 -14.76 6.72 1.13
CA MET C 38 -14.19 6.52 -0.20
C MET C 38 -15.24 6.78 -1.27
N SER C 39 -16.50 6.49 -0.97
CA SER C 39 -17.58 6.78 -1.91
C SER C 39 -17.70 8.28 -2.17
N ILE C 40 -17.69 9.08 -1.11
CA ILE C 40 -17.74 10.53 -1.26
C ILE C 40 -16.52 11.04 -2.03
N THR C 41 -15.36 10.47 -1.75
CA THR C 41 -14.12 10.89 -2.40
C THR C 41 -14.08 10.50 -3.87
N HIS C 42 -14.72 9.39 -4.24
CA HIS C 42 -14.82 9.06 -5.66
C HIS C 42 -15.61 10.12 -6.40
N ARG C 43 -16.72 10.58 -5.81
CA ARG C 43 -17.50 11.67 -6.38
C ARG C 43 -16.71 12.97 -6.39
N GLY C 44 -16.03 13.28 -5.29
CA GLY C 44 -15.22 14.48 -5.23
C GLY C 44 -14.14 14.51 -6.28
N THR C 45 -13.43 13.40 -6.48
CA THR C 45 -12.37 13.41 -7.49
C THR C 45 -12.96 13.50 -8.89
N GLY C 46 -14.06 12.78 -9.15
CA GLY C 46 -14.71 12.87 -10.45
C GLY C 46 -15.08 14.30 -10.82
N VAL C 47 -15.70 15.02 -9.89
CA VAL C 47 -16.07 16.40 -10.18
C VAL C 47 -14.82 17.26 -10.34
N ALA C 48 -13.80 17.06 -9.50
CA ALA C 48 -12.58 17.83 -9.64
C ALA C 48 -11.94 17.60 -11.01
N LEU C 49 -11.92 16.35 -11.47
CA LEU C 49 -11.33 16.06 -12.77
C LEU C 49 -12.12 16.74 -13.88
N SER C 50 -13.44 16.72 -13.79
CA SER C 50 -14.25 17.32 -14.84
C SER C 50 -14.04 18.82 -14.91
N LEU C 51 -14.09 19.50 -13.76
N LEU C 51 -14.11 19.50 -13.76
CA LEU C 51 -13.82 20.94 -13.74
CA LEU C 51 -13.81 20.93 -13.74
C LEU C 51 -12.40 21.23 -14.21
C LEU C 51 -12.41 21.20 -14.27
N GLY C 52 -11.47 20.31 -13.98
CA GLY C 52 -10.13 20.47 -14.53
C GLY C 52 -10.11 20.43 -16.05
N VAL C 53 -10.77 19.41 -16.62
CA VAL C 53 -10.84 19.29 -18.07
C VAL C 53 -11.54 20.51 -18.67
N SER C 54 -12.64 20.95 -18.05
CA SER C 54 -13.37 22.09 -18.60
C SER C 54 -12.52 23.36 -18.54
N LEU C 55 -11.78 23.56 -17.45
CA LEU C 55 -10.93 24.74 -17.33
C LEU C 55 -9.83 24.72 -18.39
N PHE C 56 -9.17 23.58 -18.55
CA PHE C 56 -8.15 23.47 -19.58
C PHE C 56 -8.74 23.75 -20.96
N SER C 57 -9.87 23.10 -21.27
CA SER C 57 -10.52 23.36 -22.55
C SER C 57 -10.84 24.83 -22.72
N LEU C 58 -11.27 25.49 -21.65
CA LEU C 58 -11.55 26.92 -21.69
C LEU C 58 -10.27 27.74 -21.90
N ALA C 59 -9.20 27.40 -21.16
CA ALA C 59 -7.94 28.13 -21.31
C ALA C 59 -7.41 28.03 -22.74
N ALA C 60 -7.60 26.88 -23.38
CA ALA C 60 -7.11 26.71 -24.75
C ALA C 60 -7.82 27.65 -25.72
N LEU C 61 -9.11 27.88 -25.50
CA LEU C 61 -9.87 28.74 -26.40
C LEU C 61 -9.54 30.22 -26.18
N LEU C 62 -9.30 30.61 -24.94
CA LEU C 62 -9.20 32.02 -24.58
C LEU C 62 -7.76 32.52 -24.49
N LEU C 63 -6.83 31.70 -24.02
CA LEU C 63 -5.48 32.19 -23.80
C LEU C 63 -4.83 32.57 -25.14
N PRO C 64 -3.96 33.59 -25.14
CA PRO C 64 -3.40 34.06 -26.41
C PRO C 64 -2.36 33.13 -27.01
N GLU C 65 -1.53 32.51 -26.18
CA GLU C 65 -0.36 31.78 -26.65
C GLU C 65 -0.64 30.29 -26.76
N GLN C 66 0.20 29.62 -27.56
CA GLN C 66 0.15 28.16 -27.67
C GLN C 66 0.67 27.51 -26.39
N PHE C 67 0.37 26.22 -26.24
CA PHE C 67 0.76 25.52 -25.03
C PHE C 67 2.26 25.52 -24.80
N PRO C 68 3.11 25.25 -25.80
CA PRO C 68 4.56 25.22 -25.54
C PRO C 68 5.12 26.52 -25.00
N HIS C 69 4.46 27.66 -25.25
CA HIS C 69 4.94 28.92 -24.70
C HIS C 69 4.87 28.92 -23.18
N TYR C 70 3.73 28.50 -22.62
CA TYR C 70 3.59 28.48 -21.16
C TYR C 70 4.47 27.42 -20.53
N VAL C 71 4.71 26.31 -21.22
CA VAL C 71 5.65 25.32 -20.74
C VAL C 71 7.05 25.92 -20.65
N ALA C 72 7.45 26.69 -21.66
CA ALA C 72 8.77 27.32 -21.65
C ALA C 72 8.88 28.35 -20.53
N VAL C 73 7.85 29.16 -20.33
CA VAL C 73 7.90 30.17 -19.27
C VAL C 73 8.14 29.51 -17.93
N VAL C 74 7.45 28.40 -17.65
CA VAL C 74 7.60 27.72 -16.37
C VAL C 74 9.01 27.17 -16.22
N LYS C 75 9.53 26.52 -17.27
CA LYS C 75 10.89 25.99 -17.21
C LYS C 75 11.92 27.08 -16.96
N SER C 76 11.66 28.30 -17.45
CA SER C 76 12.62 29.39 -17.29
C SER C 76 12.70 29.91 -15.87
N LEU C 77 11.68 29.66 -15.04
CA LEU C 77 11.73 30.12 -13.66
C LEU C 77 12.71 29.30 -12.81
N SER C 78 13.05 28.10 -13.23
CA SER C 78 13.96 27.23 -12.48
C SER C 78 13.45 27.01 -11.05
N LEU C 79 12.25 26.45 -10.96
CA LEU C 79 11.68 26.13 -9.66
C LEU C 79 12.33 24.88 -9.08
N SER C 80 12.26 24.77 -7.75
CA SER C 80 12.88 23.65 -7.08
C SER C 80 12.30 22.33 -7.59
N PRO C 81 13.14 21.34 -7.88
CA PRO C 81 12.60 20.02 -8.26
C PRO C 81 11.70 19.42 -7.19
N ALA C 82 11.93 19.74 -5.92
CA ALA C 82 11.04 19.26 -4.87
C ALA C 82 9.65 19.87 -5.02
N LEU C 83 9.58 21.16 -5.37
CA LEU C 83 8.28 21.80 -5.57
C LEU C 83 7.58 21.26 -6.81
N ILE C 84 8.34 21.02 -7.88
CA ILE C 84 7.73 20.48 -9.09
C ILE C 84 7.23 19.07 -8.85
N TYR C 85 8.02 18.25 -8.14
CA TYR C 85 7.58 16.92 -7.76
C TYR C 85 6.31 16.96 -6.92
N SER C 86 6.22 17.92 -6.00
CA SER C 86 5.01 18.05 -5.19
C SER C 86 3.82 18.43 -6.06
N ALA C 87 4.03 19.31 -7.04
CA ALA C 87 2.96 19.67 -7.95
C ALA C 87 2.53 18.48 -8.81
N LYS C 88 3.49 17.68 -9.29
CA LYS C 88 3.14 16.48 -10.04
C LYS C 88 2.31 15.53 -9.20
N PHE C 89 2.70 15.33 -7.94
CA PHE C 89 1.95 14.42 -7.08
C PHE C 89 0.51 14.88 -6.91
N ALA C 90 0.32 16.19 -6.64
CA ALA C 90 -1.03 16.70 -6.41
C ALA C 90 -1.89 16.62 -7.66
N LEU C 91 -1.29 16.70 -8.84
CA LEU C 91 -2.06 16.60 -10.07
C LEU C 91 -2.50 15.16 -10.31
N VAL C 92 -1.57 14.21 -10.21
CA VAL C 92 -1.89 12.83 -10.55
C VAL C 92 -2.71 12.13 -9.47
N PHE C 93 -2.69 12.61 -8.22
CA PHE C 93 -3.34 11.88 -7.15
C PHE C 93 -4.85 11.73 -7.34
N PRO C 94 -5.60 12.80 -7.58
CA PRO C 94 -7.05 12.61 -7.79
C PRO C 94 -7.37 11.74 -8.98
N LEU C 95 -6.58 11.83 -10.05
CA LEU C 95 -6.79 10.97 -11.21
C LEU C 95 -6.49 9.52 -10.86
N SER C 96 -5.41 9.29 -10.11
CA SER C 96 -5.05 7.93 -9.72
C SER C 96 -6.10 7.31 -8.82
N TYR C 97 -6.60 8.07 -7.85
CA TYR C 97 -7.64 7.55 -6.96
C TYR C 97 -8.91 7.21 -7.72
N HIS C 98 -9.37 8.15 -8.55
CA HIS C 98 -10.62 7.94 -9.29
C HIS C 98 -10.52 6.74 -10.22
N THR C 99 -9.36 6.56 -10.84
CA THR C 99 -9.12 5.46 -11.78
C THR C 99 -9.15 4.11 -11.07
N TRP C 100 -8.34 3.95 -10.02
CA TRP C 100 -8.32 2.69 -9.28
C TRP C 100 -9.69 2.42 -8.66
N ASN C 101 -10.27 3.42 -7.99
CA ASN C 101 -11.58 3.21 -7.37
C ASN C 101 -12.65 3.00 -8.42
N GLY C 102 -12.44 3.52 -9.63
CA GLY C 102 -13.38 3.27 -10.70
C GLY C 102 -13.39 1.81 -11.10
N ILE C 103 -12.21 1.21 -11.27
CA ILE C 103 -12.12 -0.22 -11.51
C ILE C 103 -12.84 -0.99 -10.42
N ARG C 104 -12.67 -0.56 -9.18
CA ARG C 104 -13.39 -1.19 -8.07
C ARG C 104 -14.90 -1.12 -8.28
N HIS C 105 -15.42 0.03 -8.75
CA HIS C 105 -16.84 0.12 -9.08
C HIS C 105 -17.22 -0.81 -10.22
N LEU C 106 -16.40 -0.87 -11.27
CA LEU C 106 -16.73 -1.73 -12.41
C LEU C 106 -16.77 -3.20 -11.99
N VAL C 107 -15.91 -3.62 -11.06
CA VAL C 107 -15.98 -4.97 -10.52
C VAL C 107 -17.28 -5.18 -9.74
N TRP C 108 -17.69 -4.19 -8.92
CA TRP C 108 -19.00 -4.27 -8.25
C TRP C 108 -20.12 -4.39 -9.27
N ASP C 109 -20.03 -3.66 -10.38
CA ASP C 109 -21.10 -3.72 -11.36
C ASP C 109 -21.18 -5.08 -12.04
N MET C 110 -20.08 -5.84 -12.06
CA MET C 110 -20.10 -7.23 -12.51
C MET C 110 -20.60 -8.19 -11.44
N GLY C 111 -21.02 -7.68 -10.28
CA GLY C 111 -21.58 -8.51 -9.23
C GLY C 111 -20.59 -9.12 -8.28
N LYS C 112 -19.32 -8.70 -8.30
CA LYS C 112 -18.29 -9.33 -7.49
C LYS C 112 -17.80 -8.39 -6.39
N GLY C 113 -17.44 -8.98 -5.25
CA GLY C 113 -16.82 -8.24 -4.18
C GLY C 113 -17.74 -7.57 -3.18
N PHE C 114 -18.92 -8.14 -2.90
CA PHE C 114 -19.93 -7.50 -2.07
C PHE C 114 -19.94 -7.96 -0.62
N LYS C 115 -19.13 -8.95 -0.25
CA LYS C 115 -18.99 -9.26 1.18
C LYS C 115 -18.35 -8.08 1.90
N LEU C 116 -18.91 -7.72 3.06
CA LEU C 116 -18.37 -6.60 3.84
C LEU C 116 -16.84 -6.67 3.94
N SER C 117 -16.29 -7.86 4.19
CA SER C 117 -14.84 -8.00 4.29
C SER C 117 -14.16 -7.66 2.96
N GLN C 118 -14.75 -8.08 1.84
CA GLN C 118 -14.19 -7.70 0.54
C GLN C 118 -14.33 -6.21 0.28
N VAL C 119 -15.45 -5.62 0.70
CA VAL C 119 -15.63 -4.17 0.55
C VAL C 119 -14.53 -3.43 1.29
N GLU C 120 -14.26 -3.82 2.54
CA GLU C 120 -13.20 -3.18 3.30
C GLU C 120 -11.83 -3.41 2.67
N GLN C 121 -11.57 -4.64 2.25
CA GLN C 121 -10.23 -4.95 1.75
C GLN C 121 -9.97 -4.29 0.41
N SER C 122 -10.96 -4.27 -0.48
CA SER C 122 -10.72 -3.67 -1.79
C SER C 122 -10.50 -2.17 -1.67
N GLY C 123 -11.20 -1.52 -0.73
CA GLY C 123 -10.95 -0.10 -0.49
C GLY C 123 -9.53 0.18 -0.05
N VAL C 124 -9.01 -0.63 0.87
CA VAL C 124 -7.62 -0.45 1.30
C VAL C 124 -6.66 -0.69 0.15
N VAL C 125 -6.92 -1.70 -0.67
CA VAL C 125 -6.08 -1.93 -1.84
C VAL C 125 -6.09 -0.72 -2.77
N VAL C 126 -7.26 -0.13 -3.01
CA VAL C 126 -7.35 1.05 -3.86
C VAL C 126 -6.51 2.19 -3.29
N LEU C 127 -6.48 2.35 -1.96
CA LEU C 127 -5.69 3.41 -1.35
C LEU C 127 -4.19 3.16 -1.52
N ILE C 128 -3.75 1.92 -1.36
CA ILE C 128 -2.33 1.63 -1.55
C ILE C 128 -1.92 1.83 -2.99
N LEU C 129 -2.71 1.29 -3.92
CA LEU C 129 -2.40 1.46 -5.35
C LEU C 129 -2.41 2.92 -5.76
N THR C 130 -3.22 3.75 -5.11
CA THR C 130 -3.25 5.17 -5.44
C THR C 130 -1.97 5.85 -4.97
N LEU C 131 -1.50 5.53 -3.77
CA LEU C 131 -0.28 6.14 -3.27
C LEU C 131 0.94 5.65 -4.04
N LEU C 132 1.05 4.34 -4.30
CA LEU C 132 2.18 3.81 -5.05
C LEU C 132 2.27 4.43 -6.44
N SER C 133 1.18 4.37 -7.20
CA SER C 133 1.26 4.84 -8.58
C SER C 133 1.49 6.34 -8.64
N SER C 134 0.85 7.12 -7.75
CA SER C 134 1.07 8.56 -7.71
C SER C 134 2.51 8.89 -7.35
N ALA C 135 3.08 8.19 -6.36
CA ALA C 135 4.48 8.44 -6.01
C ALA C 135 5.39 8.09 -7.18
N ALA C 136 5.11 6.98 -7.85
CA ALA C 136 5.94 6.59 -8.99
C ALA C 136 5.80 7.58 -10.14
N ILE C 137 4.57 7.99 -10.44
CA ILE C 137 4.36 8.88 -11.59
C ILE C 137 4.94 10.26 -11.32
N ALA C 138 4.85 10.74 -10.08
CA ALA C 138 5.40 12.07 -9.77
C ALA C 138 6.90 12.12 -9.98
N ALA C 139 7.60 11.00 -9.82
CA ALA C 139 9.04 11.00 -9.97
C ALA C 139 9.50 10.85 -11.42
N MET C 140 8.59 10.60 -12.35
CA MET C 140 8.95 10.56 -13.78
C MET C 140 9.14 11.98 -14.31
N SER D 3 -38.32 2.26 -23.68
CA SER D 3 -38.86 1.20 -22.83
C SER D 3 -37.77 0.69 -21.88
N LYS D 4 -36.59 0.44 -22.44
N LYS D 4 -36.59 0.43 -22.44
CA LYS D 4 -35.42 0.05 -21.67
C LYS D 4 -34.40 1.19 -21.62
N ALA D 5 -34.88 2.43 -21.64
CA ALA D 5 -33.98 3.59 -21.72
C ALA D 5 -33.07 3.66 -20.50
N ALA D 6 -33.61 3.43 -19.30
CA ALA D 6 -32.80 3.58 -18.10
C ALA D 6 -31.67 2.56 -18.05
N SER D 7 -31.99 1.28 -18.24
CA SER D 7 -30.93 0.27 -18.21
C SER D 7 -29.94 0.48 -19.35
N LEU D 8 -30.44 0.89 -20.52
CA LEU D 8 -29.52 1.16 -21.63
C LEU D 8 -28.53 2.25 -21.26
N HIS D 9 -29.00 3.31 -20.59
CA HIS D 9 -28.09 4.39 -20.21
C HIS D 9 -27.06 3.91 -19.20
N TRP D 10 -27.52 3.20 -18.17
CA TRP D 10 -26.60 2.58 -17.22
C TRP D 10 -25.54 1.77 -17.95
N THR D 11 -25.95 0.93 -18.90
CA THR D 11 -24.99 0.13 -19.66
C THR D 11 -24.01 1.02 -20.42
N SER D 12 -24.52 2.05 -21.10
CA SER D 12 -23.65 2.93 -21.87
C SER D 12 -22.62 3.61 -20.97
N GLU D 13 -23.03 4.03 -19.78
CA GLU D 13 -22.10 4.68 -18.85
C GLU D 13 -20.94 3.77 -18.49
N ARG D 14 -21.23 2.51 -18.17
CA ARG D 14 -20.16 1.56 -17.88
C ARG D 14 -19.27 1.34 -19.08
N ALA D 15 -19.86 1.27 -20.29
CA ALA D 15 -19.05 1.08 -21.49
C ALA D 15 -18.07 2.23 -21.68
N VAL D 16 -18.55 3.47 -21.53
CA VAL D 16 -17.66 4.62 -21.70
C VAL D 16 -16.60 4.64 -20.60
N SER D 17 -16.97 4.24 -19.37
CA SER D 17 -15.97 4.17 -18.31
C SER D 17 -14.86 3.19 -18.67
N ALA D 18 -15.23 2.02 -19.18
CA ALA D 18 -14.22 1.05 -19.58
C ALA D 18 -13.35 1.59 -20.71
N LEU D 19 -13.98 2.23 -21.71
CA LEU D 19 -13.24 2.86 -22.80
C LEU D 19 -12.19 3.82 -22.27
N LEU D 20 -12.60 4.78 -21.45
CA LEU D 20 -11.65 5.70 -20.82
C LEU D 20 -10.50 4.93 -20.20
N LEU D 21 -10.80 3.83 -19.51
CA LEU D 21 -9.75 3.01 -18.92
C LEU D 21 -8.78 2.52 -19.98
N GLY D 22 -9.30 1.99 -21.10
CA GLY D 22 -8.43 1.51 -22.15
C GLY D 22 -7.62 2.59 -22.83
N LEU D 23 -8.13 3.82 -22.86
CA LEU D 23 -7.43 4.92 -23.50
C LEU D 23 -6.23 5.43 -22.69
N LEU D 24 -6.24 5.28 -21.36
CA LEU D 24 -5.07 5.61 -20.57
C LEU D 24 -3.82 4.90 -21.08
N PRO D 25 -3.75 3.56 -21.08
CA PRO D 25 -2.58 2.90 -21.64
C PRO D 25 -2.34 3.24 -23.10
N ALA D 26 -3.40 3.41 -23.89
CA ALA D 26 -3.23 3.74 -25.30
C ALA D 26 -2.51 5.06 -25.47
N ALA D 27 -2.80 6.04 -24.62
CA ALA D 27 -2.14 7.35 -24.71
C ALA D 27 -0.64 7.22 -24.44
N TYR D 28 -0.23 6.25 -23.64
CA TYR D 28 1.19 6.06 -23.35
C TYR D 28 1.88 5.31 -24.48
N LEU D 29 1.20 4.34 -25.09
CA LEU D 29 1.83 3.51 -26.11
C LEU D 29 1.70 4.08 -27.51
N TYR D 30 0.58 4.75 -27.81
CA TYR D 30 0.28 5.19 -29.18
C TYR D 30 -0.27 6.61 -29.18
N PRO D 31 0.53 7.58 -28.73
CA PRO D 31 0.07 8.98 -28.77
C PRO D 31 -0.27 9.40 -30.20
N GLY D 32 -0.95 10.52 -30.31
CA GLY D 32 -1.24 11.07 -31.61
C GLY D 32 -2.72 11.32 -31.83
N PRO D 33 -3.10 11.57 -33.09
CA PRO D 33 -4.46 12.07 -33.36
C PRO D 33 -5.57 11.11 -32.92
N ALA D 34 -5.45 9.83 -33.24
CA ALA D 34 -6.54 8.91 -32.92
C ALA D 34 -6.86 8.92 -31.43
N VAL D 35 -5.85 8.71 -30.59
CA VAL D 35 -6.07 8.76 -29.14
C VAL D 35 -6.50 10.16 -28.72
N ASP D 36 -5.87 11.21 -29.29
CA ASP D 36 -6.15 12.58 -28.88
C ASP D 36 -7.64 12.89 -28.97
N TYR D 37 -8.27 12.55 -30.09
CA TYR D 37 -9.68 12.86 -30.27
C TYR D 37 -10.59 11.87 -29.54
N SER D 38 -10.16 10.62 -29.40
CA SER D 38 -10.95 9.66 -28.63
C SER D 38 -11.01 10.05 -27.16
N LEU D 39 -9.89 10.52 -26.59
CA LEU D 39 -9.91 11.06 -25.24
C LEU D 39 -10.83 12.28 -25.14
N ALA D 40 -10.76 13.16 -26.12
CA ALA D 40 -11.65 14.32 -26.15
C ALA D 40 -13.11 13.88 -26.05
N ALA D 41 -13.49 12.87 -26.82
CA ALA D 41 -14.87 12.41 -26.82
C ALA D 41 -15.22 11.67 -25.52
N ALA D 42 -14.38 10.71 -25.12
CA ALA D 42 -14.70 9.88 -23.96
C ALA D 42 -14.66 10.68 -22.67
N LEU D 43 -13.68 11.57 -22.53
CA LEU D 43 -13.66 12.46 -21.37
C LEU D 43 -14.93 13.31 -21.29
N THR D 44 -15.35 13.90 -22.42
CA THR D 44 -16.51 14.77 -22.38
C THR D 44 -17.78 13.98 -22.02
N LEU D 45 -17.96 12.81 -22.63
CA LEU D 45 -19.18 12.04 -22.41
C LEU D 45 -19.20 11.42 -21.02
N HIS D 46 -18.09 10.82 -20.58
CA HIS D 46 -18.01 10.32 -19.21
C HIS D 46 -18.26 11.43 -18.20
N GLY D 47 -17.66 12.61 -18.42
CA GLY D 47 -17.87 13.72 -17.51
C GLY D 47 -19.29 14.24 -17.53
N HIS D 48 -19.88 14.34 -18.73
CA HIS D 48 -21.24 14.86 -18.85
C HIS D 48 -22.22 14.00 -18.08
N TRP D 49 -22.15 12.68 -18.29
CA TRP D 49 -23.05 11.77 -17.60
C TRP D 49 -22.78 11.75 -16.11
N GLY D 50 -21.51 11.85 -15.71
CA GLY D 50 -21.18 11.82 -14.29
C GLY D 50 -21.76 13.01 -13.54
N LEU D 51 -21.55 14.21 -14.07
CA LEU D 51 -22.16 15.39 -13.46
C LEU D 51 -23.67 15.32 -13.54
N GLY D 52 -24.20 14.62 -14.57
CA GLY D 52 -25.63 14.41 -14.63
C GLY D 52 -26.14 13.59 -13.47
N GLN D 53 -25.39 12.56 -13.08
CA GLN D 53 -25.78 11.81 -11.89
C GLN D 53 -25.76 12.70 -10.66
N VAL D 54 -24.74 13.56 -10.54
CA VAL D 54 -24.66 14.46 -9.40
C VAL D 54 -25.88 15.37 -9.37
N ILE D 55 -26.27 15.90 -10.52
CA ILE D 55 -27.44 16.77 -10.61
C ILE D 55 -28.70 16.02 -10.17
N THR D 56 -28.92 14.82 -10.74
CA THR D 56 -30.13 14.07 -10.39
C THR D 56 -30.21 13.81 -8.89
N ASP D 57 -29.06 13.59 -8.25
CA ASP D 57 -29.07 13.27 -6.82
C ASP D 57 -29.48 14.47 -5.98
N TYR D 58 -28.93 15.65 -6.29
CA TYR D 58 -28.94 16.79 -5.38
C TYR D 58 -29.90 17.91 -5.76
N VAL D 59 -30.19 18.08 -7.04
CA VAL D 59 -31.08 19.14 -7.49
C VAL D 59 -32.50 18.60 -7.54
N HIS D 60 -33.43 19.30 -6.89
CA HIS D 60 -34.83 18.91 -6.88
C HIS D 60 -35.68 20.11 -7.25
N GLY D 61 -36.88 19.83 -7.77
CA GLY D 61 -37.75 20.86 -8.31
C GLY D 61 -37.70 20.90 -9.82
N ASP D 62 -38.86 20.98 -10.46
CA ASP D 62 -38.92 20.89 -11.92
C ASP D 62 -38.01 21.93 -12.58
N THR D 63 -38.15 23.20 -12.18
CA THR D 63 -37.39 24.25 -12.86
C THR D 63 -35.91 24.20 -12.52
N PRO D 64 -35.50 24.14 -11.24
CA PRO D 64 -34.08 23.93 -10.95
C PRO D 64 -33.44 22.78 -11.72
N ILE D 65 -34.14 21.65 -11.88
CA ILE D 65 -33.55 20.51 -12.61
C ILE D 65 -33.35 20.86 -14.08
N LYS D 66 -34.37 21.42 -14.73
CA LYS D 66 -34.22 21.80 -16.14
C LYS D 66 -33.08 22.80 -16.32
N VAL D 67 -32.97 23.77 -15.42
CA VAL D 67 -31.90 24.75 -15.54
C VAL D 67 -30.55 24.08 -15.40
N ALA D 68 -30.40 23.24 -14.39
CA ALA D 68 -29.11 22.60 -14.12
C ALA D 68 -28.66 21.78 -15.33
N ASN D 69 -29.58 20.99 -15.89
CA ASN D 69 -29.23 20.15 -17.02
C ASN D 69 -28.95 20.96 -18.27
N THR D 70 -29.63 22.09 -18.46
CA THR D 70 -29.31 22.94 -19.60
C THR D 70 -27.91 23.50 -19.47
N GLY D 71 -27.54 23.97 -18.28
CA GLY D 71 -26.19 24.48 -18.08
C GLY D 71 -25.12 23.42 -18.28
N LEU D 72 -25.41 22.19 -17.86
CA LEU D 72 -24.45 21.10 -18.06
C LEU D 72 -24.19 20.88 -19.54
N TYR D 73 -25.26 20.84 -20.36
CA TYR D 73 -25.09 20.74 -21.81
C TYR D 73 -24.17 21.83 -22.35
N VAL D 74 -24.34 23.06 -21.87
CA VAL D 74 -23.50 24.15 -22.33
C VAL D 74 -22.04 23.88 -21.98
N LEU D 75 -21.78 23.52 -20.72
CA LEU D 75 -20.42 23.24 -20.29
C LEU D 75 -19.81 22.10 -21.10
N SER D 76 -20.55 21.01 -21.29
CA SER D 76 -20.04 19.88 -22.06
C SER D 76 -19.69 20.30 -23.48
N ALA D 77 -20.58 21.05 -24.14
CA ALA D 77 -20.36 21.45 -25.52
C ALA D 77 -19.13 22.36 -25.63
N ILE D 78 -19.01 23.34 -24.74
CA ILE D 78 -17.81 24.17 -24.73
C ILE D 78 -16.58 23.32 -24.45
N THR D 79 -16.70 22.35 -23.54
CA THR D 79 -15.54 21.54 -23.17
C THR D 79 -15.06 20.69 -24.33
N PHE D 80 -15.96 19.97 -24.99
CA PHE D 80 -15.56 19.16 -26.12
C PHE D 80 -15.04 20.03 -27.27
N THR D 81 -15.56 21.24 -27.42
CA THR D 81 -15.09 22.12 -28.49
C THR D 81 -13.64 22.56 -28.24
N GLY D 82 -13.31 22.93 -27.01
CA GLY D 82 -11.95 23.34 -26.71
C GLY D 82 -10.95 22.22 -26.90
N LEU D 83 -11.28 21.02 -26.42
CA LEU D 83 -10.37 19.89 -26.56
C LEU D 83 -10.07 19.60 -28.03
N CYS D 84 -11.11 19.55 -28.87
CA CYS D 84 -10.89 19.37 -30.29
C CYS D 84 -10.09 20.52 -30.88
N TYR D 85 -10.43 21.77 -30.50
CA TYR D 85 -9.66 22.93 -30.94
C TYR D 85 -8.21 22.81 -30.53
N PHE D 86 -7.95 22.42 -29.27
CA PHE D 86 -6.58 22.21 -28.82
C PHE D 86 -5.90 21.10 -29.60
N ASN D 87 -6.62 20.00 -29.88
CA ASN D 87 -6.03 18.90 -30.65
C ASN D 87 -5.64 19.35 -32.04
N TYR D 88 -6.47 20.20 -32.66
CA TYR D 88 -6.28 20.54 -34.08
C TYR D 88 -5.25 21.64 -34.26
N TYR D 89 -5.39 22.75 -33.53
CA TYR D 89 -4.51 23.90 -33.69
C TYR D 89 -3.33 23.92 -32.72
N ASP D 90 -3.15 22.88 -31.91
CA ASP D 90 -2.06 22.87 -30.94
C ASP D 90 -1.46 21.47 -30.92
N VAL D 91 -0.68 21.17 -29.88
CA VAL D 91 0.10 19.93 -29.83
C VAL D 91 -0.74 18.71 -29.50
N GLY D 92 -1.92 18.88 -28.91
CA GLY D 92 -2.80 17.77 -28.63
C GLY D 92 -2.62 17.24 -27.21
N ILE D 93 -3.65 16.52 -26.75
CA ILE D 93 -3.70 16.11 -25.35
C ILE D 93 -2.49 15.25 -24.99
N CYS D 94 -2.18 14.25 -25.82
CA CYS D 94 -1.10 13.32 -25.50
C CYS D 94 0.23 14.05 -25.35
N LYS D 95 0.60 14.85 -26.34
CA LYS D 95 1.86 15.58 -26.28
C LYS D 95 1.82 16.70 -25.25
N ALA D 96 0.64 17.26 -24.97
CA ALA D 96 0.54 18.27 -23.93
C ALA D 96 0.90 17.70 -22.58
N VAL D 97 0.47 16.47 -22.30
CA VAL D 97 0.75 15.86 -21.01
C VAL D 97 2.24 15.52 -20.89
N ALA D 98 2.85 15.06 -21.99
CA ALA D 98 4.27 14.76 -21.96
C ALA D 98 5.12 16.01 -21.81
N MET D 99 4.73 17.11 -22.48
CA MET D 99 5.45 18.36 -22.29
C MET D 99 5.30 18.89 -20.89
N LEU D 100 4.08 18.79 -20.32
CA LEU D 100 3.86 19.23 -18.95
C LEU D 100 4.78 18.49 -17.99
N TRP D 101 4.95 17.18 -18.20
CA TRP D 101 5.76 16.36 -17.31
C TRP D 101 7.26 16.49 -17.58
N SER D 102 7.65 17.22 -18.62
CA SER D 102 9.06 17.51 -18.81
C SER D 102 9.52 18.69 -17.98
N ILE D 103 8.62 19.38 -17.31
CA ILE D 103 9.01 20.51 -16.48
C ILE D 103 9.90 20.01 -15.35
N THR E 10 64.27 38.72 -10.35
CA THR E 10 63.13 37.88 -10.65
C THR E 10 61.84 38.48 -10.10
N GLN E 11 60.89 38.75 -10.99
CA GLN E 11 59.55 39.13 -10.53
C GLN E 11 58.88 38.01 -9.77
N TYR E 12 59.25 36.77 -10.06
CA TYR E 12 58.61 35.61 -9.45
C TYR E 12 59.43 35.13 -8.27
N PRO E 13 58.80 34.85 -7.13
CA PRO E 13 59.54 34.26 -6.01
C PRO E 13 59.96 32.85 -6.39
N VAL E 14 61.21 32.49 -6.07
CA VAL E 14 61.80 31.20 -6.42
C VAL E 14 62.07 30.41 -5.15
N VAL E 15 61.79 29.12 -5.19
CA VAL E 15 62.02 28.21 -4.06
C VAL E 15 62.94 27.08 -4.54
N ASP E 16 64.03 26.86 -3.82
CA ASP E 16 65.05 25.88 -4.22
C ASP E 16 64.96 24.66 -3.31
N HIS E 17 64.99 23.49 -3.92
CA HIS E 17 64.99 22.21 -3.21
C HIS E 17 66.25 21.43 -3.57
N GLU E 18 66.73 20.64 -2.62
CA GLU E 18 67.86 19.74 -2.83
C GLU E 18 67.43 18.31 -2.54
N PHE E 19 67.44 17.46 -3.57
CA PHE E 19 67.12 16.05 -3.44
C PHE E 19 68.27 15.23 -4.01
N ASP E 20 68.30 13.92 -3.70
CA ASP E 20 69.20 13.01 -4.41
C ASP E 20 68.75 12.81 -5.85
N ALA E 21 67.45 12.69 -6.05
CA ALA E 21 66.89 12.41 -7.36
C ALA E 21 65.54 13.10 -7.48
N VAL E 22 65.21 13.52 -8.69
CA VAL E 22 63.91 14.08 -8.97
C VAL E 22 63.32 13.32 -10.13
N VAL E 23 62.05 12.93 -9.99
CA VAL E 23 61.34 12.20 -11.04
C VAL E 23 60.22 13.10 -11.53
N VAL E 24 60.20 13.39 -12.82
CA VAL E 24 59.14 14.18 -13.43
C VAL E 24 58.14 13.20 -14.03
N GLY E 25 56.98 13.06 -13.39
CA GLY E 25 55.96 12.14 -13.85
C GLY E 25 55.50 11.19 -12.76
N ALA E 26 54.19 10.95 -12.72
CA ALA E 26 53.57 10.13 -11.69
C ALA E 26 52.60 9.12 -12.32
N GLY E 27 52.91 8.67 -13.53
CA GLY E 27 52.20 7.58 -14.16
C GLY E 27 52.78 6.26 -13.70
N GLY E 28 52.57 5.22 -14.51
CA GLY E 28 53.15 3.93 -14.16
C GLY E 28 54.65 4.00 -14.02
N ALA E 29 55.31 4.60 -15.01
CA ALA E 29 56.77 4.65 -14.97
C ALA E 29 57.26 5.53 -13.84
N GLY E 30 56.76 6.76 -13.76
CA GLY E 30 57.30 7.70 -12.77
C GLY E 30 57.11 7.23 -11.34
N LEU E 31 55.93 6.69 -11.04
CA LEU E 31 55.71 6.15 -9.71
C LEU E 31 56.67 5.01 -9.41
N ARG E 32 56.81 4.06 -10.35
CA ARG E 32 57.70 2.92 -10.11
C ARG E 32 59.15 3.37 -9.93
N ALA E 33 59.58 4.36 -10.72
CA ALA E 33 60.90 4.95 -10.56
C ALA E 33 61.03 5.65 -9.22
N ALA E 34 60.02 6.46 -8.86
CA ALA E 34 60.11 7.31 -7.69
C ALA E 34 60.18 6.47 -6.41
N PHE E 35 59.28 5.49 -6.23
CA PHE E 35 59.43 4.74 -4.98
C PHE E 35 60.50 3.67 -5.08
N GLY E 36 60.94 3.32 -6.30
CA GLY E 36 62.11 2.47 -6.42
C GLY E 36 63.37 3.15 -5.91
N LEU E 37 63.52 4.44 -6.23
CA LEU E 37 64.61 5.22 -5.69
C LEU E 37 64.50 5.32 -4.17
N SER E 38 63.30 5.63 -3.65
CA SER E 38 63.14 5.73 -2.20
C SER E 38 63.38 4.40 -1.52
N GLU E 39 62.96 3.32 -2.15
CA GLU E 39 63.17 1.98 -1.59
C GLU E 39 64.66 1.67 -1.49
N ALA E 40 65.48 2.24 -2.36
CA ALA E 40 66.93 2.09 -2.33
C ALA E 40 67.62 3.12 -1.43
N GLY E 41 66.87 3.93 -0.69
CA GLY E 41 67.47 4.88 0.22
C GLY E 41 67.71 6.27 -0.34
N PHE E 42 67.26 6.57 -1.55
CA PHE E 42 67.49 7.89 -2.13
C PHE E 42 66.39 8.86 -1.69
N ASN E 43 66.82 10.04 -1.23
CA ASN E 43 65.90 11.16 -0.95
C ASN E 43 65.38 11.67 -2.30
N THR E 44 64.14 11.31 -2.63
CA THR E 44 63.59 11.44 -3.98
C THR E 44 62.35 12.33 -4.01
N ALA E 45 62.29 13.21 -5.01
CA ALA E 45 61.11 14.03 -5.29
C ALA E 45 60.41 13.55 -6.55
N CYS E 46 59.08 13.59 -6.53
CA CYS E 46 58.25 13.26 -7.69
C CYS E 46 57.38 14.47 -7.99
N VAL E 47 57.62 15.08 -9.14
CA VAL E 47 56.98 16.32 -9.55
C VAL E 47 55.98 15.95 -10.64
N THR E 48 54.69 16.25 -10.44
CA THR E 48 53.67 15.82 -11.39
C THR E 48 52.61 16.90 -11.58
N LYS E 49 52.23 17.16 -12.84
CA LYS E 49 51.23 18.20 -13.05
C LYS E 49 49.82 17.73 -12.71
N LEU E 50 49.63 16.43 -12.48
CA LEU E 50 48.35 15.85 -12.09
C LEU E 50 48.48 15.09 -10.79
N PHE E 51 47.37 14.97 -10.07
CA PHE E 51 47.33 13.98 -9.00
C PHE E 51 47.59 12.61 -9.62
N PRO E 52 48.44 11.79 -9.01
CA PRO E 52 48.98 10.63 -9.76
C PRO E 52 47.95 9.76 -10.46
N THR E 53 46.88 9.37 -9.77
CA THR E 53 45.93 8.42 -10.31
C THR E 53 45.07 9.01 -11.42
N ARG E 54 45.27 10.28 -11.79
CA ARG E 54 44.65 10.85 -12.97
C ARG E 54 45.47 10.66 -14.25
N SER E 55 46.70 10.14 -14.14
CA SER E 55 47.58 10.03 -15.30
C SER E 55 46.98 9.08 -16.34
N HIS E 56 47.43 9.22 -17.59
CA HIS E 56 46.86 8.40 -18.67
C HIS E 56 46.96 6.91 -18.40
N THR E 57 48.01 6.44 -17.68
CA THR E 57 48.13 5.02 -17.32
C THR E 57 46.80 4.49 -16.80
N VAL E 58 46.04 5.32 -16.08
CA VAL E 58 44.81 4.89 -15.43
C VAL E 58 43.77 4.48 -16.44
N ALA E 59 43.89 4.95 -17.68
CA ALA E 59 42.91 4.60 -18.69
C ALA E 59 43.27 3.32 -19.44
N ALA E 60 44.44 2.72 -19.18
CA ALA E 60 44.81 1.52 -19.93
C ALA E 60 43.90 0.33 -19.56
N GLN E 61 43.66 -0.54 -20.54
CA GLN E 61 42.57 -1.50 -20.45
C GLN E 61 43.04 -2.94 -20.59
N GLY E 62 43.71 -3.28 -21.69
CA GLY E 62 43.79 -4.67 -22.12
C GLY E 62 44.69 -5.53 -21.24
N GLY E 63 45.83 -5.00 -20.85
CA GLY E 63 46.64 -5.71 -19.86
C GLY E 63 48.12 -5.51 -20.08
N ILE E 64 48.91 -6.45 -19.54
CA ILE E 64 50.36 -6.33 -19.49
C ILE E 64 50.97 -7.69 -19.81
N ASN E 65 51.97 -7.71 -20.69
CA ASN E 65 52.51 -8.98 -21.18
C ASN E 65 53.58 -9.54 -20.26
N ALA E 66 53.51 -10.87 -20.05
CA ALA E 66 54.56 -11.61 -19.37
C ALA E 66 54.39 -13.10 -19.65
N ALA E 67 55.50 -13.79 -19.87
CA ALA E 67 55.47 -15.22 -20.16
C ALA E 67 55.40 -16.02 -18.86
N LEU E 68 54.30 -15.83 -18.12
CA LEU E 68 54.11 -16.58 -16.89
C LEU E 68 53.77 -18.04 -17.16
N GLY E 69 53.14 -18.33 -18.29
CA GLY E 69 52.68 -19.66 -18.56
C GLY E 69 51.50 -20.11 -17.74
N ASN E 70 50.59 -19.20 -17.39
CA ASN E 70 49.42 -19.60 -16.60
C ASN E 70 48.34 -20.31 -17.42
N MET E 71 48.29 -20.11 -18.74
CA MET E 71 47.24 -20.66 -19.59
C MET E 71 47.73 -21.79 -20.48
N GLU E 72 49.02 -21.77 -20.80
CA GLU E 72 49.69 -22.77 -21.60
C GLU E 72 51.16 -22.51 -21.37
N ASP E 73 51.99 -23.48 -21.74
CA ASP E 73 53.42 -23.32 -21.55
CA ASP E 73 53.43 -23.34 -21.57
C ASP E 73 53.97 -22.22 -22.44
N ASP E 74 54.86 -21.41 -21.87
CA ASP E 74 55.33 -20.20 -22.56
C ASP E 74 56.83 -20.11 -22.39
N ASN E 75 57.41 -19.06 -22.96
CA ASN E 75 58.85 -18.84 -22.90
C ASN E 75 59.09 -17.36 -23.19
N TRP E 76 59.85 -16.69 -22.31
CA TRP E 76 60.06 -15.25 -22.53
C TRP E 76 60.80 -15.00 -23.84
N ARG E 77 61.63 -15.94 -24.30
CA ARG E 77 62.32 -15.70 -25.56
C ARG E 77 61.35 -15.70 -26.75
N TRP E 78 60.17 -16.33 -26.62
CA TRP E 78 59.14 -16.20 -27.65
C TRP E 78 58.55 -14.80 -27.64
N HIS E 79 58.38 -14.24 -26.44
CA HIS E 79 57.91 -12.87 -26.29
C HIS E 79 58.94 -11.88 -26.81
N PHE E 80 60.23 -12.15 -26.55
CA PHE E 80 61.34 -11.46 -27.18
C PHE E 80 61.19 -11.45 -28.69
N TYR E 81 61.08 -12.63 -29.29
CA TYR E 81 60.93 -12.71 -30.73
C TYR E 81 59.76 -11.88 -31.21
N ASP E 82 58.60 -12.03 -30.56
CA ASP E 82 57.41 -11.33 -31.02
C ASP E 82 57.64 -9.82 -31.03
N THR E 83 58.39 -9.30 -30.05
CA THR E 83 58.59 -7.85 -29.94
C THR E 83 59.58 -7.35 -30.99
N VAL E 84 60.68 -8.08 -31.21
CA VAL E 84 61.64 -7.74 -32.28
C VAL E 84 60.92 -7.67 -33.63
N LYS E 85 60.20 -8.73 -34.00
CA LYS E 85 59.47 -8.70 -35.27
C LYS E 85 58.42 -7.60 -35.28
N GLY E 86 57.67 -7.46 -34.19
CA GLY E 86 56.66 -6.42 -34.16
C GLY E 86 57.24 -5.04 -34.44
N SER E 87 58.47 -4.80 -33.98
CA SER E 87 59.13 -3.51 -34.17
C SER E 87 59.68 -3.34 -35.58
N ASP E 88 59.59 -4.37 -36.42
CA ASP E 88 60.09 -4.28 -37.80
C ASP E 88 61.57 -3.92 -37.83
N TRP E 89 62.31 -4.46 -36.86
CA TRP E 89 63.77 -4.45 -36.79
C TRP E 89 64.34 -3.05 -36.67
N LEU E 90 63.53 -2.13 -36.16
CA LEU E 90 64.04 -0.88 -35.63
C LEU E 90 64.23 -0.93 -34.12
N GLY E 91 63.84 -2.02 -33.47
CA GLY E 91 63.93 -2.10 -32.02
C GLY E 91 65.33 -2.52 -31.59
N ASP E 92 65.79 -1.94 -30.49
CA ASP E 92 67.11 -2.29 -29.98
C ASP E 92 66.99 -3.61 -29.21
N GLN E 93 67.70 -4.63 -29.67
CA GLN E 93 67.48 -5.97 -29.15
C GLN E 93 68.06 -6.18 -27.76
N ASP E 94 69.04 -5.35 -27.33
CA ASP E 94 69.48 -5.43 -25.95
C ASP E 94 68.37 -5.00 -24.99
N ALA E 95 67.66 -3.93 -25.32
CA ALA E 95 66.58 -3.48 -24.44
C ALA E 95 65.38 -4.43 -24.49
N ILE E 96 65.06 -4.97 -25.66
CA ILE E 96 63.95 -5.92 -25.75
C ILE E 96 64.27 -7.19 -24.99
N HIS E 97 65.53 -7.62 -25.07
CA HIS E 97 65.98 -8.73 -24.24
C HIS E 97 65.71 -8.42 -22.76
N TYR E 98 66.21 -7.29 -22.27
CA TYR E 98 65.99 -6.92 -20.87
C TYR E 98 64.50 -6.92 -20.54
N MET E 99 63.68 -6.31 -21.39
CA MET E 99 62.28 -6.12 -21.03
C MET E 99 61.52 -7.43 -20.96
N THR E 100 61.65 -8.29 -21.99
CA THR E 100 60.85 -9.51 -22.00
C THR E 100 61.39 -10.51 -20.98
N GLU E 101 62.70 -10.56 -20.76
CA GLU E 101 63.21 -11.45 -19.72
C GLU E 101 62.76 -11.01 -18.33
N GLN E 102 62.63 -9.70 -18.08
CA GLN E 102 62.21 -9.25 -16.76
C GLN E 102 60.69 -9.31 -16.57
N ALA E 103 59.94 -9.61 -17.62
CA ALA E 103 58.48 -9.44 -17.56
C ALA E 103 57.80 -10.30 -16.51
N PRO E 104 58.10 -11.60 -16.40
CA PRO E 104 57.45 -12.39 -15.33
C PRO E 104 57.69 -11.82 -13.95
N ALA E 105 58.93 -11.49 -13.63
CA ALA E 105 59.21 -10.94 -12.32
C ALA E 105 58.48 -9.63 -12.11
N ALA E 106 58.30 -8.84 -13.17
CA ALA E 106 57.66 -7.55 -13.00
C ALA E 106 56.18 -7.70 -12.69
N VAL E 107 55.51 -8.66 -13.34
CA VAL E 107 54.07 -8.82 -13.09
C VAL E 107 53.84 -9.44 -11.72
N ILE E 108 54.67 -10.42 -11.35
CA ILE E 108 54.57 -10.98 -10.00
C ILE E 108 54.69 -9.87 -8.95
N GLU E 109 55.64 -8.95 -9.14
CA GLU E 109 55.78 -7.81 -8.23
C GLU E 109 54.45 -7.06 -8.09
N LEU E 110 53.83 -6.71 -9.22
CA LEU E 110 52.58 -5.97 -9.18
C LEU E 110 51.48 -6.74 -8.45
N GLU E 111 51.35 -8.03 -8.75
CA GLU E 111 50.35 -8.82 -8.04
C GLU E 111 50.70 -8.93 -6.55
N ASN E 112 51.96 -9.10 -6.21
CA ASN E 112 52.28 -9.12 -4.79
C ASN E 112 52.03 -7.76 -4.13
N TYR E 113 51.91 -6.69 -4.92
CA TYR E 113 51.48 -5.41 -4.38
C TYR E 113 49.98 -5.36 -4.11
N GLY E 114 49.22 -6.33 -4.59
CA GLY E 114 47.79 -6.31 -4.40
C GLY E 114 47.00 -6.01 -5.65
N MET E 115 47.64 -5.85 -6.78
CA MET E 115 46.92 -5.64 -8.03
C MET E 115 45.90 -6.76 -8.22
N PRO E 116 44.60 -6.44 -8.32
CA PRO E 116 43.54 -7.47 -8.30
C PRO E 116 43.32 -8.12 -9.66
N PHE E 117 44.36 -8.78 -10.16
CA PHE E 117 44.25 -9.55 -11.41
C PHE E 117 43.05 -10.50 -11.39
N SER E 118 42.44 -10.69 -12.56
CA SER E 118 41.48 -11.77 -12.73
C SER E 118 42.20 -13.10 -12.61
N ARG E 119 41.45 -14.16 -12.33
CA ARG E 119 42.02 -15.42 -11.86
C ARG E 119 41.60 -16.60 -12.72
N THR E 120 42.49 -17.58 -12.81
CA THR E 120 42.16 -18.86 -13.42
C THR E 120 41.59 -19.81 -12.38
N GLU E 121 41.16 -20.98 -12.84
CA GLU E 121 40.63 -21.97 -11.91
C GLU E 121 41.69 -22.52 -10.97
N GLU E 122 42.98 -22.30 -11.26
CA GLU E 122 44.04 -22.65 -10.33
C GLU E 122 44.35 -21.53 -9.35
N GLY E 123 43.72 -20.37 -9.52
CA GLY E 123 44.00 -19.24 -8.66
C GLY E 123 45.15 -18.37 -9.11
N LYS E 124 45.67 -18.60 -10.32
CA LYS E 124 46.74 -17.79 -10.88
C LYS E 124 46.18 -16.65 -11.71
N ILE E 125 47.10 -15.79 -12.19
CA ILE E 125 46.74 -14.63 -12.99
C ILE E 125 46.21 -15.07 -14.34
N TYR E 126 45.03 -14.57 -14.70
CA TYR E 126 44.41 -14.86 -15.99
C TYR E 126 45.09 -14.06 -17.10
N GLN E 127 45.46 -14.75 -18.19
CA GLN E 127 46.11 -14.14 -19.33
C GLN E 127 45.23 -14.28 -20.57
N ARG E 128 45.18 -13.24 -21.41
CA ARG E 128 44.40 -13.32 -22.65
C ARG E 128 45.29 -13.23 -23.88
N ALA E 129 44.72 -13.64 -25.02
CA ALA E 129 45.39 -13.39 -26.29
C ALA E 129 45.39 -11.90 -26.60
N PHE E 130 46.35 -11.47 -27.41
CA PHE E 130 46.51 -10.07 -27.80
C PHE E 130 47.20 -10.02 -29.16
N GLY E 131 47.17 -8.86 -29.79
CA GLY E 131 47.56 -8.78 -31.20
C GLY E 131 49.06 -8.98 -31.38
N GLY E 132 49.42 -9.90 -32.26
CA GLY E 132 50.81 -10.05 -32.69
C GLY E 132 51.70 -10.90 -31.80
N GLN E 133 51.15 -11.78 -30.98
CA GLN E 133 51.93 -12.60 -30.06
C GLN E 133 51.72 -14.08 -30.34
N SER E 134 52.82 -14.82 -30.40
CA SER E 134 52.83 -16.20 -30.86
C SER E 134 53.68 -17.05 -29.93
N LEU E 135 53.51 -18.36 -30.07
CA LEU E 135 54.35 -19.37 -29.44
C LEU E 135 55.36 -19.90 -30.44
N GLN E 136 56.50 -20.37 -29.93
CA GLN E 136 57.48 -21.08 -30.74
C GLN E 136 58.09 -20.19 -31.82
N PHE E 137 58.49 -18.97 -31.43
CA PHE E 137 59.20 -18.06 -32.34
C PHE E 137 58.39 -17.84 -33.62
N GLY E 138 57.11 -17.57 -33.44
CA GLY E 138 56.22 -17.29 -34.55
C GLY E 138 55.67 -18.50 -35.27
N LYS E 139 55.98 -19.72 -34.84
CA LYS E 139 55.57 -20.89 -35.59
C LYS E 139 54.41 -21.65 -34.96
N GLY E 140 54.08 -21.41 -33.70
CA GLY E 140 53.12 -22.25 -33.03
C GLY E 140 51.77 -21.66 -32.63
N GLY E 141 51.30 -20.65 -33.33
CA GLY E 141 49.98 -20.13 -33.04
C GLY E 141 49.94 -19.17 -31.86
N GLN E 142 48.71 -18.81 -31.48
CA GLN E 142 48.46 -17.64 -30.64
C GLN E 142 48.91 -17.86 -29.20
N ALA E 143 49.74 -16.96 -28.71
CA ALA E 143 50.08 -16.96 -27.29
C ALA E 143 48.97 -16.29 -26.47
N HIS E 144 48.92 -16.65 -25.19
CA HIS E 144 47.95 -16.10 -24.23
C HIS E 144 48.74 -15.61 -23.02
N ARG E 145 49.41 -14.46 -23.17
CA ARG E 145 50.30 -13.99 -22.12
C ARG E 145 49.99 -12.56 -21.64
N CYS E 146 48.83 -12.02 -21.99
CA CYS E 146 48.44 -10.66 -21.63
C CYS E 146 47.69 -10.71 -20.31
N CYS E 147 48.38 -10.43 -19.20
CA CYS E 147 47.77 -10.45 -17.88
C CYS E 147 46.86 -9.24 -17.68
N CYS E 148 45.68 -9.45 -17.09
CA CYS E 148 44.72 -8.36 -17.09
C CYS E 148 43.87 -8.35 -15.83
N VAL E 149 43.30 -7.18 -15.55
CA VAL E 149 42.23 -6.99 -14.57
C VAL E 149 40.97 -6.67 -15.35
N ALA E 150 40.25 -7.68 -15.81
CA ALA E 150 39.13 -7.51 -16.75
C ALA E 150 39.64 -6.60 -17.86
N ASP E 151 38.95 -5.50 -18.20
CA ASP E 151 39.45 -4.51 -19.14
C ASP E 151 39.75 -3.17 -18.47
N ARG E 152 40.22 -3.21 -17.22
CA ARG E 152 40.64 -2.02 -16.48
C ARG E 152 42.05 -2.21 -15.93
N THR E 153 42.94 -2.83 -16.70
CA THR E 153 44.24 -3.18 -16.13
C THR E 153 45.02 -1.94 -15.71
N GLY E 154 44.96 -0.88 -16.51
CA GLY E 154 45.73 0.32 -16.19
C GLY E 154 45.21 1.02 -14.95
N HIS E 155 43.89 1.10 -14.83
CA HIS E 155 43.28 1.64 -13.61
C HIS E 155 43.82 0.90 -12.37
N SER E 156 43.80 -0.44 -12.39
CA SER E 156 44.27 -1.18 -11.22
C SER E 156 45.77 -1.10 -11.05
N LEU E 157 46.51 -1.06 -12.16
CA LEU E 157 47.96 -0.90 -12.06
C LEU E 157 48.33 0.42 -11.42
N LEU E 158 47.72 1.50 -11.87
CA LEU E 158 48.10 2.81 -11.35
C LEU E 158 47.64 2.99 -9.91
N HIS E 159 46.43 2.56 -9.57
CA HIS E 159 46.00 2.68 -8.19
C HIS E 159 46.81 1.79 -7.26
N THR E 160 47.26 0.61 -7.71
CA THR E 160 48.11 -0.26 -6.89
C THR E 160 49.47 0.38 -6.63
N LEU E 161 50.14 0.85 -7.69
CA LEU E 161 51.41 1.55 -7.56
C LEU E 161 51.27 2.81 -6.70
N TYR E 162 50.16 3.54 -6.83
CA TYR E 162 50.00 4.74 -6.02
C TYR E 162 49.88 4.40 -4.55
N GLY E 163 49.07 3.37 -4.21
CA GLY E 163 48.99 2.94 -2.83
C GLY E 163 50.33 2.43 -2.31
N ARG E 164 51.06 1.68 -3.13
CA ARG E 164 52.38 1.23 -2.72
C ARG E 164 53.31 2.41 -2.44
N SER E 165 53.27 3.45 -3.28
CA SER E 165 54.12 4.62 -3.08
C SER E 165 53.86 5.31 -1.75
N LEU E 166 52.67 5.12 -1.17
CA LEU E 166 52.36 5.71 0.12
C LEU E 166 53.14 5.06 1.27
N ARG E 167 53.82 3.95 1.02
CA ARG E 167 54.62 3.30 2.08
C ARG E 167 56.03 3.89 2.22
N TYR E 168 56.49 4.69 1.28
CA TYR E 168 57.83 5.23 1.26
C TYR E 168 57.81 6.74 1.49
N ASP E 169 58.97 7.32 1.82
CA ASP E 169 59.06 8.73 2.16
C ASP E 169 59.31 9.63 0.94
N THR E 170 58.98 9.16 -0.26
CA THR E 170 59.03 10.02 -1.43
C THR E 170 58.29 11.32 -1.15
N SER E 171 58.91 12.43 -1.53
CA SER E 171 58.26 13.74 -1.44
C SER E 171 57.54 13.97 -2.77
N TYR E 172 56.19 14.02 -2.73
CA TYR E 172 55.42 14.34 -3.92
C TYR E 172 55.07 15.83 -3.99
N PHE E 173 55.18 16.39 -5.19
CA PHE E 173 54.93 17.79 -5.50
C PHE E 173 53.81 17.81 -6.56
N VAL E 174 52.56 17.78 -6.08
CA VAL E 174 51.43 17.49 -6.94
C VAL E 174 50.90 18.76 -7.55
N GLU E 175 50.53 18.69 -8.84
CA GLU E 175 50.10 19.86 -9.59
C GLU E 175 51.22 20.90 -9.65
N TYR E 176 52.40 20.40 -10.03
CA TYR E 176 53.59 21.17 -10.37
C TYR E 176 53.91 20.87 -11.83
N PHE E 177 54.16 21.93 -12.61
CA PHE E 177 54.36 21.81 -14.05
C PHE E 177 55.82 22.04 -14.38
N ALA E 178 56.50 21.00 -14.85
CA ALA E 178 57.92 21.13 -15.15
C ALA E 178 58.09 21.93 -16.44
N LEU E 179 58.97 22.93 -16.40
CA LEU E 179 59.21 23.84 -17.52
C LEU E 179 60.49 23.52 -18.30
N ASP E 180 61.58 23.15 -17.64
CA ASP E 180 62.83 22.90 -18.35
C ASP E 180 63.78 22.09 -17.47
N LEU E 181 64.80 21.52 -18.11
CA LEU E 181 65.94 20.97 -17.39
C LEU E 181 66.93 22.07 -17.00
N LEU E 182 67.61 21.86 -15.88
CA LEU E 182 68.77 22.66 -15.48
C LEU E 182 70.02 21.95 -15.95
N MET E 183 70.58 22.40 -17.06
CA MET E 183 71.75 21.80 -17.68
C MET E 183 72.99 22.63 -17.40
N GLU E 184 74.11 21.96 -17.15
CA GLU E 184 75.41 22.62 -17.04
C GLU E 184 76.47 21.67 -17.58
N ASN E 185 77.30 22.17 -18.48
CA ASN E 185 78.41 21.38 -19.04
CA ASN E 185 78.40 21.38 -19.05
C ASN E 185 77.90 20.08 -19.65
N GLY E 186 76.72 20.12 -20.28
CA GLY E 186 76.13 18.92 -20.85
C GLY E 186 75.62 17.89 -19.86
N GLU E 187 75.53 18.23 -18.58
CA GLU E 187 74.96 17.37 -17.57
C GLU E 187 73.65 17.97 -17.07
N CYS E 188 72.72 17.11 -16.70
CA CYS E 188 71.49 17.59 -16.07
C CYS E 188 71.71 17.69 -14.57
N ARG E 189 71.22 18.78 -13.97
CA ARG E 189 71.35 18.97 -12.53
C ARG E 189 70.01 19.28 -11.86
N GLY E 190 68.91 19.03 -12.55
CA GLY E 190 67.59 19.21 -11.97
C GLY E 190 66.61 19.74 -12.99
N VAL E 191 65.50 20.25 -12.46
CA VAL E 191 64.40 20.77 -13.27
C VAL E 191 63.83 21.99 -12.57
N ILE E 192 63.25 22.90 -13.36
CA ILE E 192 62.55 24.07 -12.83
C ILE E 192 61.08 23.90 -13.15
N ALA E 193 60.22 24.31 -12.23
CA ALA E 193 58.80 24.02 -12.37
C ALA E 193 57.96 25.12 -11.74
N LEU E 194 56.71 25.21 -12.20
CA LEU E 194 55.72 26.13 -11.64
C LEU E 194 54.77 25.34 -10.73
N CYS E 195 54.58 25.83 -9.50
CA CYS E 195 53.52 25.37 -8.61
C CYS E 195 52.19 25.98 -9.04
N ILE E 196 51.31 25.15 -9.60
CA ILE E 196 50.03 25.66 -10.11
C ILE E 196 49.14 26.18 -8.97
N GLU E 197 49.27 25.63 -7.76
CA GLU E 197 48.34 26.04 -6.69
C GLU E 197 48.60 27.45 -6.17
N ASP E 198 49.83 27.95 -6.22
CA ASP E 198 50.13 29.23 -5.59
C ASP E 198 50.96 30.18 -6.43
N GLY E 199 51.40 29.77 -7.62
CA GLY E 199 52.04 30.68 -8.53
C GLY E 199 53.55 30.73 -8.46
N THR E 200 54.18 29.98 -7.57
CA THR E 200 55.60 30.14 -7.28
C THR E 200 56.45 29.27 -8.21
N ILE E 201 57.70 29.68 -8.40
CA ILE E 201 58.66 28.96 -9.22
C ILE E 201 59.55 28.15 -8.29
N HIS E 202 59.80 26.88 -8.63
CA HIS E 202 60.60 25.98 -7.81
C HIS E 202 61.72 25.35 -8.65
N ARG E 203 62.92 25.36 -8.11
CA ARG E 203 64.04 24.64 -8.71
C ARG E 203 64.35 23.41 -7.86
N PHE E 204 64.33 22.25 -8.49
CA PHE E 204 64.66 20.98 -7.85
C PHE E 204 66.06 20.60 -8.31
N ARG E 205 67.04 20.74 -7.41
CA ARG E 205 68.40 20.33 -7.72
C ARG E 205 68.62 18.88 -7.29
N ALA E 206 69.21 18.08 -8.18
CA ALA E 206 69.46 16.67 -7.89
C ALA E 206 70.61 16.18 -8.73
N LYS E 207 71.32 15.19 -8.20
CA LYS E 207 72.37 14.53 -8.98
C LYS E 207 71.79 13.82 -10.19
N ASN E 208 70.55 13.33 -10.10
CA ASN E 208 69.94 12.52 -11.14
C ASN E 208 68.50 12.93 -11.35
N THR E 209 68.10 12.99 -12.61
CA THR E 209 66.76 13.39 -12.99
C THR E 209 66.18 12.34 -13.91
N VAL E 210 64.93 11.94 -13.65
CA VAL E 210 64.24 10.91 -14.42
C VAL E 210 63.04 11.56 -15.10
N ILE E 211 63.01 11.53 -16.43
CA ILE E 211 61.90 12.06 -17.21
C ILE E 211 60.91 10.94 -17.46
N ALA E 212 59.68 11.09 -16.95
CA ALA E 212 58.67 10.04 -17.12
C ALA E 212 57.31 10.66 -17.46
N THR E 213 57.32 11.56 -18.44
CA THR E 213 56.22 12.49 -18.68
C THR E 213 55.17 12.00 -19.68
N GLY E 214 55.29 10.78 -20.20
CA GLY E 214 54.26 10.30 -21.12
C GLY E 214 54.49 10.70 -22.57
N GLY E 215 53.46 10.49 -23.37
CA GLY E 215 53.51 10.76 -24.79
C GLY E 215 52.92 12.11 -25.17
N TYR E 216 52.65 12.27 -26.47
CA TYR E 216 52.19 13.53 -27.05
C TYR E 216 51.11 13.31 -28.10
N GLY E 217 50.18 12.40 -27.81
CA GLY E 217 49.11 12.10 -28.74
C GLY E 217 48.17 13.26 -29.04
N ARG E 218 48.05 14.22 -28.11
CA ARG E 218 47.20 15.38 -28.34
C ARG E 218 47.72 16.31 -29.43
N THR E 219 48.87 16.00 -30.06
CA THR E 219 49.24 16.78 -31.24
C THR E 219 48.27 16.57 -32.39
N TYR E 220 47.43 15.53 -32.32
CA TYR E 220 46.49 15.16 -33.37
C TYR E 220 45.09 15.64 -33.00
N PHE E 221 44.21 15.68 -34.00
CA PHE E 221 42.85 16.13 -33.79
C PHE E 221 41.97 15.03 -33.19
N SER E 222 42.23 13.78 -33.51
CA SER E 222 41.52 12.64 -32.95
C SER E 222 42.53 11.69 -32.31
N CYS E 223 42.33 11.38 -31.03
CA CYS E 223 43.25 10.51 -30.32
C CYS E 223 42.55 9.87 -29.12
N THR E 224 43.05 8.72 -28.70
CA THR E 224 42.63 8.09 -27.45
C THR E 224 43.26 8.75 -26.25
N SER E 225 44.29 9.55 -26.48
CA SER E 225 45.09 10.11 -25.40
C SER E 225 44.29 11.14 -24.57
N ALA E 226 44.69 11.25 -23.31
CA ALA E 226 44.17 12.26 -22.39
C ALA E 226 44.44 13.65 -22.93
N HIS E 227 43.64 14.59 -22.48
CA HIS E 227 43.95 15.99 -22.75
C HIS E 227 45.32 16.37 -22.24
N THR E 228 45.84 15.67 -21.23
CA THR E 228 47.10 16.02 -20.62
C THR E 228 48.32 15.37 -21.29
N SER E 229 48.17 14.71 -22.43
CA SER E 229 49.30 14.02 -23.06
C SER E 229 49.94 14.95 -24.07
N THR E 230 50.81 15.84 -23.58
CA THR E 230 51.28 16.96 -24.37
C THR E 230 52.78 16.97 -24.59
N GLY E 231 53.45 15.82 -24.41
CA GLY E 231 54.89 15.72 -24.68
C GLY E 231 55.79 16.70 -23.94
N ASP E 232 55.45 17.07 -22.70
CA ASP E 232 56.19 18.12 -22.00
C ASP E 232 57.64 17.73 -21.75
N GLY E 233 57.90 16.45 -21.46
CA GLY E 233 59.27 16.04 -21.20
C GLY E 233 60.10 15.97 -22.46
N THR E 234 59.50 15.51 -23.55
CA THR E 234 60.17 15.48 -24.85
C THR E 234 60.59 16.89 -25.27
N ALA E 235 59.73 17.88 -25.03
CA ALA E 235 60.06 19.26 -25.35
C ALA E 235 61.17 19.81 -24.44
N MET E 236 61.19 19.43 -23.15
CA MET E 236 62.28 19.86 -22.30
C MET E 236 63.62 19.40 -22.84
N VAL E 237 63.70 18.14 -23.28
CA VAL E 237 64.93 17.60 -23.88
C VAL E 237 65.29 18.35 -25.15
N THR E 238 64.30 18.60 -26.02
CA THR E 238 64.55 19.37 -27.23
C THR E 238 65.08 20.77 -26.90
N ARG E 239 64.49 21.45 -25.92
CA ARG E 239 64.96 22.78 -25.59
C ARG E 239 66.37 22.73 -25.00
N ALA E 240 66.75 21.62 -24.38
CA ALA E 240 68.13 21.52 -23.90
C ALA E 240 69.13 21.32 -25.01
N GLY E 241 68.69 21.18 -26.26
CA GLY E 241 69.59 20.90 -27.37
C GLY E 241 69.93 19.45 -27.56
N LEU E 242 69.23 18.55 -26.89
CA LEU E 242 69.46 17.12 -27.02
C LEU E 242 68.58 16.51 -28.10
N PRO E 243 68.97 15.40 -28.72
CA PRO E 243 68.09 14.77 -29.71
C PRO E 243 66.89 14.07 -29.09
N CYS E 244 65.80 14.03 -29.86
CA CYS E 244 64.74 13.04 -29.73
C CYS E 244 64.90 12.01 -30.84
N GLN E 245 64.15 10.91 -30.72
CA GLN E 245 64.40 9.76 -31.58
C GLN E 245 63.09 9.16 -32.11
N ASP E 246 63.04 8.92 -33.42
CA ASP E 246 61.99 8.10 -34.04
C ASP E 246 60.58 8.70 -33.86
N LEU E 247 60.48 10.02 -33.76
CA LEU E 247 59.20 10.64 -33.51
C LEU E 247 58.21 10.45 -34.66
N GLU E 248 58.68 10.17 -35.87
CA GLU E 248 57.72 9.94 -36.95
C GLU E 248 56.96 8.61 -36.81
N PHE E 249 57.31 7.77 -35.85
CA PHE E 249 56.58 6.51 -35.69
C PHE E 249 55.45 6.69 -34.68
N VAL E 250 54.24 6.89 -35.20
CA VAL E 250 53.05 7.15 -34.41
C VAL E 250 52.10 5.96 -34.55
N GLN E 251 51.69 5.39 -33.42
CA GLN E 251 50.81 4.23 -33.44
C GLN E 251 49.35 4.68 -33.53
N PHE E 252 48.68 4.26 -34.61
CA PHE E 252 47.23 4.32 -34.68
C PHE E 252 46.66 3.00 -34.15
N HIS E 253 45.90 3.07 -33.05
CA HIS E 253 45.19 1.92 -32.52
C HIS E 253 44.00 1.61 -33.43
N PRO E 254 43.78 0.34 -33.76
CA PRO E 254 42.68 0.00 -34.69
C PRO E 254 41.31 0.43 -34.21
N THR E 255 41.02 0.43 -32.90
CA THR E 255 39.62 0.54 -32.46
C THR E 255 39.43 1.63 -31.40
N GLY E 256 39.52 2.89 -31.81
CA GLY E 256 38.94 3.96 -31.03
C GLY E 256 37.48 4.07 -31.44
N ILE E 257 36.62 4.44 -30.48
CA ILE E 257 35.19 4.47 -30.77
C ILE E 257 34.89 5.64 -31.69
N TYR E 258 34.01 5.42 -32.67
CA TYR E 258 33.71 6.44 -33.66
C TYR E 258 33.10 7.66 -33.00
N GLY E 259 33.61 8.84 -33.35
CA GLY E 259 33.11 10.04 -32.73
C GLY E 259 33.92 10.48 -31.52
N ALA E 260 33.69 9.83 -30.38
CA ALA E 260 34.40 10.23 -29.15
C ALA E 260 35.88 9.95 -29.21
N GLY E 261 36.32 8.88 -29.89
CA GLY E 261 37.72 8.53 -29.91
C GLY E 261 38.19 7.68 -28.74
N CYS E 262 37.36 7.46 -27.72
CA CYS E 262 37.72 6.61 -26.59
C CYS E 262 38.13 5.23 -27.06
N LEU E 263 39.11 4.66 -26.40
CA LEU E 263 39.65 3.36 -26.80
C LEU E 263 38.69 2.23 -26.48
N ILE E 264 38.57 1.29 -27.41
CA ILE E 264 37.93 0.00 -27.15
C ILE E 264 39.02 -1.08 -27.20
N THR E 265 39.23 -1.76 -26.09
CA THR E 265 40.44 -2.57 -25.96
C THR E 265 40.55 -3.60 -27.07
N GLU E 266 41.79 -3.79 -27.53
CA GLU E 266 42.17 -4.96 -28.31
C GLU E 266 41.87 -6.27 -27.57
N GLY E 267 41.66 -6.22 -26.25
CA GLY E 267 41.17 -7.40 -25.55
C GLY E 267 39.87 -7.92 -26.12
N CYS E 268 39.08 -7.03 -26.73
CA CYS E 268 37.84 -7.47 -27.40
C CYS E 268 38.12 -8.52 -28.47
N ARG E 269 39.13 -8.25 -29.31
CA ARG E 269 39.55 -9.24 -30.29
C ARG E 269 40.29 -10.39 -29.62
N GLY E 270 41.04 -10.12 -28.55
CA GLY E 270 41.65 -11.21 -27.80
C GLY E 270 40.64 -12.23 -27.30
N GLU E 271 39.49 -11.75 -26.82
CA GLU E 271 38.45 -12.64 -26.31
C GLU E 271 37.57 -13.23 -27.41
N GLY E 272 37.76 -12.87 -28.68
CA GLY E 272 36.99 -13.47 -29.76
C GLY E 272 36.16 -12.50 -30.59
N GLY E 273 36.20 -11.21 -30.30
CA GLY E 273 35.54 -10.25 -31.17
C GLY E 273 36.18 -10.21 -32.54
N ILE E 274 35.41 -9.73 -33.53
CA ILE E 274 35.86 -9.64 -34.91
C ILE E 274 35.51 -8.28 -35.50
N LEU E 275 36.32 -7.84 -36.46
CA LEU E 275 36.02 -6.64 -37.24
C LEU E 275 35.25 -7.02 -38.49
N ILE E 276 34.19 -6.27 -38.78
CA ILE E 276 33.45 -6.49 -40.01
C ILE E 276 33.24 -5.15 -40.71
N ASN E 277 33.05 -5.21 -42.03
CA ASN E 277 32.77 -4.02 -42.81
C ASN E 277 31.28 -3.98 -43.15
N SER E 278 30.91 -3.08 -44.06
CA SER E 278 29.51 -2.82 -44.33
C SER E 278 28.83 -4.01 -44.99
N GLN E 279 29.58 -4.90 -45.62
CA GLN E 279 29.02 -6.09 -46.22
C GLN E 279 28.96 -7.26 -45.25
N GLY E 280 29.33 -7.05 -43.99
CA GLY E 280 29.38 -8.15 -43.05
C GLY E 280 30.60 -9.04 -43.18
N GLU E 281 31.55 -8.69 -44.04
CA GLU E 281 32.74 -9.50 -44.21
C GLU E 281 33.70 -9.32 -43.03
N ARG E 282 34.21 -10.43 -42.52
CA ARG E 282 35.33 -10.42 -41.60
C ARG E 282 36.61 -10.23 -42.42
N PHE E 283 36.89 -8.97 -42.75
CA PHE E 283 37.86 -8.63 -43.78
C PHE E 283 39.31 -8.89 -43.38
N MET E 284 39.62 -9.02 -42.08
CA MET E 284 41.00 -9.36 -41.74
C MET E 284 41.37 -10.78 -42.17
N GLU E 285 40.39 -11.63 -42.49
CA GLU E 285 40.75 -12.92 -43.03
C GLU E 285 41.46 -12.79 -44.36
N ARG E 286 41.24 -11.66 -45.05
CA ARG E 286 41.80 -11.39 -46.37
C ARG E 286 43.15 -10.68 -46.27
N TYR E 287 43.28 -9.73 -45.32
CA TYR E 287 44.52 -9.00 -45.16
C TYR E 287 45.57 -9.76 -44.37
N ALA E 288 45.17 -10.65 -43.47
CA ALA E 288 46.11 -11.45 -42.67
C ALA E 288 45.52 -12.84 -42.46
N PRO E 289 45.67 -13.73 -43.44
CA PRO E 289 44.99 -15.02 -43.35
C PRO E 289 45.24 -15.75 -42.03
N VAL E 290 46.45 -15.71 -41.47
CA VAL E 290 46.72 -16.45 -40.24
C VAL E 290 46.26 -15.68 -39.01
N ALA E 291 46.76 -14.45 -38.84
CA ALA E 291 46.54 -13.72 -37.60
C ALA E 291 45.16 -13.08 -37.53
N LYS E 292 44.56 -12.76 -38.67
CA LYS E 292 43.18 -12.22 -38.74
C LYS E 292 43.12 -10.93 -37.93
N ASP E 293 42.14 -10.75 -37.04
CA ASP E 293 42.03 -9.52 -36.29
C ASP E 293 43.02 -9.42 -35.15
N LEU E 294 43.92 -10.40 -34.99
CA LEU E 294 45.01 -10.29 -34.04
C LEU E 294 46.37 -10.11 -34.73
N ALA E 295 46.35 -9.51 -35.93
CA ALA E 295 47.58 -9.03 -36.53
C ALA E 295 48.11 -7.82 -35.74
N SER E 296 49.31 -7.38 -36.11
CA SER E 296 49.89 -6.20 -35.47
C SER E 296 49.07 -4.94 -35.79
N ARG E 297 49.19 -3.93 -34.93
CA ARG E 297 48.31 -2.76 -35.02
C ARG E 297 48.59 -1.94 -36.28
N ASP E 298 49.85 -1.87 -36.72
CA ASP E 298 50.11 -1.15 -37.96
C ASP E 298 49.37 -1.81 -39.13
N VAL E 299 49.28 -3.14 -39.13
CA VAL E 299 48.63 -3.86 -40.23
C VAL E 299 47.10 -3.74 -40.14
N VAL E 300 46.52 -3.98 -38.96
CA VAL E 300 45.06 -3.88 -38.82
C VAL E 300 44.59 -2.47 -39.14
N SER E 301 45.34 -1.46 -38.67
CA SER E 301 44.93 -0.08 -38.93
C SER E 301 44.96 0.25 -40.42
N ARG E 302 46.05 -0.10 -41.11
CA ARG E 302 46.08 0.10 -42.56
C ARG E 302 44.95 -0.65 -43.25
N SER E 303 44.75 -1.93 -42.89
CA SER E 303 43.68 -2.72 -43.48
C SER E 303 42.32 -2.06 -43.31
N MET E 304 42.01 -1.60 -42.09
CA MET E 304 40.74 -0.90 -41.87
C MET E 304 40.66 0.36 -42.72
N THR E 305 41.76 1.12 -42.80
CA THR E 305 41.79 2.34 -43.60
C THR E 305 41.50 2.05 -45.07
N ILE E 306 42.04 0.94 -45.58
CA ILE E 306 41.81 0.58 -46.98
C ILE E 306 40.35 0.21 -47.18
N GLU E 307 39.79 -0.63 -46.31
CA GLU E 307 38.36 -0.95 -46.38
C GLU E 307 37.50 0.32 -46.47
N ILE E 308 37.86 1.34 -45.69
CA ILE E 308 37.08 2.58 -45.72
C ILE E 308 37.32 3.33 -47.04
N ARG E 309 38.59 3.48 -47.45
CA ARG E 309 38.91 4.13 -48.73
C ARG E 309 38.23 3.46 -49.90
N GLU E 310 38.01 2.15 -49.82
CA GLU E 310 37.46 1.39 -50.94
C GLU E 310 35.95 1.21 -50.85
N GLY E 311 35.27 1.98 -50.01
CA GLY E 311 33.84 2.07 -50.04
C GLY E 311 33.08 1.11 -49.14
N ARG E 312 33.76 0.40 -48.25
CA ARG E 312 33.09 -0.60 -47.43
C ARG E 312 32.98 -0.18 -45.98
N GLY E 313 33.06 1.12 -45.71
CA GLY E 313 32.78 1.62 -44.39
C GLY E 313 31.30 1.65 -44.08
N CYS E 314 31.02 1.69 -42.78
CA CYS E 314 29.68 1.66 -42.24
C CYS E 314 29.28 3.06 -41.76
N GLY E 315 28.00 3.20 -41.40
CA GLY E 315 27.49 4.46 -40.88
C GLY E 315 26.97 5.37 -41.97
N PRO E 316 26.14 6.33 -41.60
CA PRO E 316 25.66 7.29 -42.60
C PRO E 316 26.76 7.86 -43.50
N GLU E 317 27.98 8.02 -43.01
CA GLU E 317 29.08 8.61 -43.77
C GLU E 317 30.10 7.58 -44.23
N LYS E 318 29.82 6.30 -44.05
CA LYS E 318 30.72 5.22 -44.47
C LYS E 318 32.17 5.52 -44.12
N ASP E 319 32.39 6.00 -42.89
CA ASP E 319 33.71 6.45 -42.45
C ASP E 319 34.27 5.64 -41.29
N HIS E 320 33.66 4.52 -40.93
CA HIS E 320 34.17 3.69 -39.85
C HIS E 320 33.82 2.23 -40.17
N VAL E 321 34.25 1.31 -39.31
CA VAL E 321 33.85 -0.10 -39.44
C VAL E 321 33.26 -0.57 -38.12
N TYR E 322 32.96 -1.87 -38.02
CA TYR E 322 32.25 -2.41 -36.87
C TYR E 322 33.09 -3.43 -36.13
N LEU E 323 33.01 -3.39 -34.81
CA LEU E 323 33.60 -4.38 -33.92
C LEU E 323 32.45 -5.20 -33.34
N GLN E 324 32.41 -6.50 -33.64
CA GLN E 324 31.27 -7.32 -33.25
C GLN E 324 31.63 -8.20 -32.07
N LEU E 325 30.85 -8.09 -30.99
CA LEU E 325 31.01 -8.93 -29.80
C LEU E 325 29.79 -9.77 -29.47
N HIS E 326 28.68 -9.62 -30.21
CA HIS E 326 27.43 -10.15 -29.70
C HIS E 326 27.28 -11.65 -29.93
N HIS E 327 28.15 -12.27 -30.74
CA HIS E 327 28.20 -13.73 -30.81
C HIS E 327 28.81 -14.34 -29.56
N LEU E 328 29.41 -13.48 -28.64
CA LEU E 328 30.06 -14.01 -27.45
C LEU E 328 29.03 -14.17 -26.33
N PRO E 329 29.22 -15.15 -25.45
CA PRO E 329 28.27 -15.33 -24.32
C PRO E 329 28.25 -14.10 -23.43
N PRO E 330 27.05 -13.60 -23.07
CA PRO E 330 27.01 -12.38 -22.25
C PRO E 330 27.76 -12.51 -20.95
N GLN E 331 27.87 -13.72 -20.40
CA GLN E 331 28.64 -13.86 -19.16
C GLN E 331 30.11 -13.57 -19.38
N GLN E 332 30.66 -13.87 -20.57
CA GLN E 332 32.04 -13.56 -20.86
C GLN E 332 32.25 -12.06 -21.07
N LEU E 333 31.28 -11.39 -21.68
CA LEU E 333 31.36 -9.94 -21.84
C LEU E 333 31.39 -9.24 -20.48
N ALA E 334 30.49 -9.64 -19.59
CA ALA E 334 30.40 -9.00 -18.29
C ALA E 334 31.61 -9.32 -17.41
N THR E 335 32.21 -10.50 -17.58
CA THR E 335 33.36 -10.88 -16.75
C THR E 335 34.67 -10.38 -17.33
N ARG E 336 34.83 -10.38 -18.66
CA ARG E 336 36.10 -10.02 -19.27
C ARG E 336 36.14 -8.60 -19.81
N LEU E 337 35.01 -8.06 -20.28
CA LEU E 337 35.03 -6.76 -20.94
C LEU E 337 33.98 -5.82 -20.35
N PRO E 338 33.86 -5.73 -19.02
CA PRO E 338 32.76 -4.93 -18.47
C PRO E 338 32.97 -3.44 -18.67
N GLY E 339 34.22 -2.97 -18.63
CA GLY E 339 34.48 -1.56 -18.84
C GLY E 339 34.03 -1.07 -20.21
N ILE E 340 34.43 -1.75 -21.27
CA ILE E 340 34.01 -1.28 -22.58
C ILE E 340 32.54 -1.52 -22.82
N SER E 341 31.92 -2.45 -22.07
CA SER E 341 30.47 -2.62 -22.18
C SER E 341 29.74 -1.33 -21.79
N GLU E 342 30.16 -0.70 -20.70
CA GLU E 342 29.56 0.56 -20.28
C GLU E 342 29.94 1.69 -21.22
N THR E 343 31.24 1.77 -21.56
CA THR E 343 31.70 2.82 -22.46
C THR E 343 30.94 2.80 -23.77
N ALA E 344 30.79 1.62 -24.37
CA ALA E 344 30.04 1.50 -25.61
C ALA E 344 28.62 2.02 -25.45
N MET E 345 27.99 1.76 -24.30
CA MET E 345 26.65 2.27 -24.08
C MET E 345 26.65 3.79 -23.90
N ILE E 346 27.61 4.31 -23.14
CA ILE E 346 27.62 5.75 -22.85
C ILE E 346 27.88 6.55 -24.12
N PHE E 347 28.90 6.17 -24.89
CA PHE E 347 29.41 7.04 -25.95
C PHE E 347 28.91 6.69 -27.35
N ALA E 348 28.23 5.54 -27.52
CA ALA E 348 27.65 5.19 -28.81
C ALA E 348 26.26 4.61 -28.68
N GLY E 349 25.70 4.57 -27.48
CA GLY E 349 24.36 4.02 -27.32
C GLY E 349 24.24 2.56 -27.70
N VAL E 350 25.35 1.82 -27.64
CA VAL E 350 25.40 0.44 -28.12
C VAL E 350 25.30 -0.53 -26.95
N ASP E 351 24.45 -1.55 -27.09
CA ASP E 351 24.39 -2.71 -26.20
C ASP E 351 25.22 -3.82 -26.86
N VAL E 352 26.38 -4.15 -26.26
CA VAL E 352 27.32 -5.03 -26.96
C VAL E 352 26.83 -6.47 -27.03
N THR E 353 25.83 -6.87 -26.24
CA THR E 353 25.23 -8.18 -26.43
C THR E 353 24.26 -8.22 -27.59
N LYS E 354 24.03 -7.09 -28.27
CA LYS E 354 23.02 -7.08 -29.32
C LYS E 354 23.51 -6.46 -30.62
N GLU E 355 24.50 -5.55 -30.55
CA GLU E 355 24.85 -4.76 -31.71
C GLU E 355 26.33 -4.46 -31.70
N PRO E 356 26.94 -4.22 -32.86
CA PRO E 356 28.38 -3.97 -32.91
C PRO E 356 28.71 -2.53 -32.54
N ILE E 357 29.97 -2.35 -32.12
CA ILE E 357 30.53 -1.03 -31.78
C ILE E 357 31.11 -0.35 -33.02
N PRO E 358 30.85 0.94 -33.24
CA PRO E 358 31.49 1.62 -34.39
C PRO E 358 32.89 2.08 -34.01
N VAL E 359 33.88 1.71 -34.83
CA VAL E 359 35.29 1.95 -34.51
C VAL E 359 36.07 2.36 -35.77
N LEU E 360 37.19 3.05 -35.55
CA LEU E 360 38.11 3.39 -36.62
C LEU E 360 39.49 3.67 -36.03
N PRO E 361 40.54 3.56 -36.83
CA PRO E 361 41.90 3.73 -36.30
C PRO E 361 42.12 5.13 -35.76
N THR E 362 42.79 5.22 -34.62
CA THR E 362 42.86 6.47 -33.85
C THR E 362 44.24 6.58 -33.23
N VAL E 363 44.86 7.76 -33.37
CA VAL E 363 46.19 8.00 -32.80
C VAL E 363 46.17 7.63 -31.33
N HIS E 364 47.20 6.91 -30.89
CA HIS E 364 47.13 6.20 -29.62
C HIS E 364 48.40 6.27 -28.79
N TYR E 365 49.55 6.09 -29.44
CA TYR E 365 50.79 5.86 -28.70
C TYR E 365 51.98 6.33 -29.53
N ASN E 366 53.02 6.87 -28.86
CA ASN E 366 54.22 7.36 -29.55
C ASN E 366 55.38 6.40 -29.36
N MET E 367 55.80 5.75 -30.45
CA MET E 367 56.95 4.85 -30.36
C MET E 367 58.24 5.62 -30.08
N GLY E 368 58.40 6.80 -30.66
CA GLY E 368 59.58 7.60 -30.41
C GLY E 368 59.57 8.30 -29.06
N GLY E 369 60.65 9.00 -28.79
CA GLY E 369 60.75 9.73 -27.53
C GLY E 369 62.18 10.15 -27.27
N ILE E 370 62.55 10.19 -26.00
CA ILE E 370 63.92 10.54 -25.62
C ILE E 370 64.80 9.29 -25.78
N PRO E 371 65.87 9.35 -26.56
CA PRO E 371 66.68 8.14 -26.75
C PRO E 371 67.40 7.76 -25.46
N THR E 372 67.27 6.48 -25.06
CA THR E 372 68.00 5.96 -23.90
C THR E 372 68.76 4.69 -24.30
N ASN E 373 69.68 4.27 -23.43
CA ASN E 373 70.24 2.93 -23.57
C ASN E 373 69.33 1.96 -22.81
N TYR E 374 69.72 0.69 -22.73
CA TYR E 374 68.82 -0.28 -22.10
C TYR E 374 68.79 -0.13 -20.58
N LYS E 375 69.66 0.69 -20.01
CA LYS E 375 69.66 0.96 -18.58
C LYS E 375 68.79 2.15 -18.19
N GLY E 376 68.21 2.83 -19.17
CA GLY E 376 67.41 4.00 -18.95
C GLY E 376 68.15 5.32 -19.02
N GLN E 377 69.45 5.31 -19.28
CA GLN E 377 70.19 6.56 -19.35
C GLN E 377 69.95 7.23 -20.70
N VAL E 378 69.66 8.52 -20.68
CA VAL E 378 69.51 9.29 -21.91
C VAL E 378 70.85 9.38 -22.63
N ILE E 379 70.82 9.22 -23.95
CA ILE E 379 72.03 9.29 -24.76
C ILE E 379 71.90 10.41 -25.79
N THR E 380 73.06 10.91 -26.21
CA THR E 380 73.20 11.68 -27.43
C THR E 380 74.10 10.89 -28.39
N HIS E 381 74.35 11.46 -29.57
CA HIS E 381 75.12 10.76 -30.61
C HIS E 381 76.04 11.77 -31.28
N VAL E 382 77.34 11.65 -31.04
CA VAL E 382 78.34 12.61 -31.49
C VAL E 382 79.47 11.86 -32.19
N ASN E 383 79.89 12.36 -33.35
CA ASN E 383 80.96 11.75 -34.11
C ASN E 383 80.75 10.24 -34.25
N GLY E 384 79.51 9.87 -34.59
CA GLY E 384 79.20 8.47 -34.84
C GLY E 384 79.28 7.55 -33.64
N GLU E 385 79.10 8.06 -32.43
CA GLU E 385 79.05 7.18 -31.27
C GLU E 385 78.04 7.70 -30.25
N ASP E 386 77.31 6.79 -29.63
CA ASP E 386 76.39 7.13 -28.56
C ASP E 386 77.17 7.56 -27.33
N LYS E 387 76.61 8.50 -26.57
CA LYS E 387 77.26 9.02 -25.38
C LYS E 387 76.19 9.31 -24.33
N VAL E 388 76.43 8.84 -23.11
CA VAL E 388 75.46 9.06 -22.04
C VAL E 388 75.42 10.54 -21.66
N VAL E 389 74.23 11.04 -21.37
CA VAL E 389 74.05 12.38 -20.79
C VAL E 389 74.14 12.22 -19.27
N PRO E 390 75.23 12.65 -18.63
CA PRO E 390 75.36 12.45 -17.19
C PRO E 390 74.17 13.02 -16.43
N GLY E 391 73.57 12.19 -15.57
CA GLY E 391 72.55 12.65 -14.66
C GLY E 391 71.13 12.66 -15.21
N LEU E 392 70.90 12.17 -16.43
CA LEU E 392 69.59 12.24 -17.05
C LEU E 392 69.09 10.85 -17.44
N TYR E 393 67.88 10.51 -16.99
CA TYR E 393 67.22 9.25 -17.29
C TYR E 393 65.84 9.52 -17.90
N ALA E 394 65.30 8.52 -18.59
CA ALA E 394 63.96 8.60 -19.14
C ALA E 394 63.36 7.21 -19.18
N CYS E 395 62.05 7.11 -18.94
CA CYS E 395 61.39 5.81 -19.02
C CYS E 395 59.92 6.04 -19.31
N GLY E 396 59.24 4.98 -19.71
CA GLY E 396 57.83 5.10 -20.06
C GLY E 396 57.63 5.55 -21.49
N GLU E 397 56.41 5.99 -21.78
CA GLU E 397 56.12 6.43 -23.15
C GLU E 397 56.98 7.62 -23.59
N ALA E 398 57.57 8.36 -22.65
CA ALA E 398 58.42 9.49 -23.05
C ALA E 398 59.78 9.05 -23.58
N ALA E 399 60.18 7.80 -23.35
CA ALA E 399 61.52 7.35 -23.72
C ALA E 399 61.47 6.55 -25.01
N SER E 400 62.62 6.46 -25.69
CA SER E 400 62.79 5.50 -26.79
C SER E 400 63.97 4.60 -26.44
N ALA E 401 63.68 3.42 -25.89
CA ALA E 401 64.74 2.59 -25.31
C ALA E 401 65.69 1.98 -26.34
N SER E 402 65.25 1.60 -27.56
CA SER E 402 63.86 1.55 -28.03
C SER E 402 63.33 0.12 -28.00
N VAL E 403 62.35 -0.16 -27.14
CA VAL E 403 61.81 -1.51 -27.11
C VAL E 403 60.77 -1.72 -28.19
N HIS E 404 60.22 -0.65 -28.76
CA HIS E 404 59.08 -0.79 -29.64
C HIS E 404 59.38 -0.52 -31.11
N GLY E 405 60.56 0.01 -31.43
CA GLY E 405 60.94 0.20 -32.82
C GLY E 405 59.90 0.98 -33.59
N ALA E 406 59.45 0.43 -34.72
CA ALA E 406 58.48 1.09 -35.60
C ALA E 406 57.04 0.69 -35.33
N ASN E 407 56.78 -0.16 -34.34
CA ASN E 407 55.41 -0.56 -33.99
C ASN E 407 55.36 -1.32 -32.66
N ARG E 408 54.66 -0.77 -31.67
CA ARG E 408 54.58 -1.42 -30.38
C ARG E 408 53.51 -2.52 -30.37
N LEU E 409 53.80 -3.61 -29.67
CA LEU E 409 52.82 -4.67 -29.47
C LEU E 409 51.88 -4.31 -28.34
N GLY E 410 50.61 -4.61 -28.52
CA GLY E 410 49.64 -4.38 -27.46
C GLY E 410 50.12 -5.00 -26.17
N ALA E 411 49.92 -4.30 -25.05
CA ALA E 411 50.24 -4.74 -23.70
C ALA E 411 51.73 -4.77 -23.41
N ASN E 412 52.60 -4.34 -24.34
CA ASN E 412 54.01 -4.15 -24.02
C ASN E 412 54.29 -2.78 -23.39
N SER E 413 53.35 -1.85 -23.38
CA SER E 413 53.70 -0.54 -22.82
C SER E 413 53.62 -0.51 -21.30
N LEU E 414 52.53 -1.03 -20.73
CA LEU E 414 52.46 -1.18 -19.28
C LEU E 414 53.66 -1.96 -18.76
N LEU E 415 54.12 -2.94 -19.54
CA LEU E 415 55.30 -3.70 -19.16
C LEU E 415 56.54 -2.82 -19.17
N ASP E 416 56.75 -2.14 -20.29
CA ASP E 416 57.80 -1.13 -20.42
C ASP E 416 57.82 -0.18 -19.21
N LEU E 417 56.66 0.29 -18.76
CA LEU E 417 56.61 1.27 -17.68
C LEU E 417 57.28 0.74 -16.42
N VAL E 418 56.89 -0.45 -15.98
CA VAL E 418 57.39 -0.88 -14.69
C VAL E 418 58.78 -1.47 -14.81
N VAL E 419 59.11 -2.06 -15.96
CA VAL E 419 60.45 -2.63 -16.12
C VAL E 419 61.50 -1.53 -16.12
N PHE E 420 61.29 -0.47 -16.91
CA PHE E 420 62.32 0.55 -17.05
C PHE E 420 62.21 1.68 -16.02
N GLY E 421 61.03 1.86 -15.40
CA GLY E 421 60.99 2.62 -14.16
C GLY E 421 61.90 1.99 -13.13
N ARG E 422 61.77 0.68 -12.95
CA ARG E 422 62.66 -0.01 -12.03
C ARG E 422 64.11 0.10 -12.49
N ALA E 423 64.36 -0.04 -13.78
CA ALA E 423 65.74 -0.04 -14.27
C ALA E 423 66.42 1.30 -14.02
N CYS E 424 65.73 2.41 -14.27
CA CYS E 424 66.29 3.70 -13.92
C CYS E 424 66.73 3.72 -12.46
N ALA E 425 65.85 3.26 -11.56
CA ALA E 425 66.17 3.31 -10.13
C ALA E 425 67.39 2.44 -9.83
N LEU E 426 67.37 1.20 -10.32
CA LEU E 426 68.51 0.30 -10.13
C LEU E 426 69.80 0.91 -10.64
N THR E 427 69.77 1.48 -11.85
CA THR E 427 70.98 2.04 -12.44
C THR E 427 71.56 3.17 -11.59
N ILE E 428 70.70 4.05 -11.09
CA ILE E 428 71.16 5.14 -10.24
C ILE E 428 71.74 4.59 -8.93
N ALA E 429 71.08 3.59 -8.36
CA ALA E 429 71.56 2.97 -7.12
C ALA E 429 72.88 2.23 -7.35
N GLU E 430 73.12 1.72 -8.54
CA GLU E 430 74.39 1.07 -8.85
C GLU E 430 75.47 2.08 -9.26
N THR E 431 75.09 3.33 -9.51
CA THR E 431 75.99 4.36 -10.01
C THR E 431 76.35 5.39 -8.96
N CYS E 432 75.46 5.66 -8.01
CA CYS E 432 75.61 6.72 -7.01
C CYS E 432 75.20 6.18 -5.65
N LYS E 433 75.52 6.95 -4.62
CA LYS E 433 75.09 6.68 -3.27
C LYS E 433 74.20 7.82 -2.76
N PRO E 434 73.20 7.52 -1.95
CA PRO E 434 72.40 8.61 -1.35
C PRO E 434 73.28 9.57 -0.58
N GLY E 435 72.91 10.83 -0.62
CA GLY E 435 73.60 11.82 0.19
C GLY E 435 74.88 12.38 -0.41
N GLU E 436 75.24 12.00 -1.63
CA GLU E 436 76.38 12.63 -2.27
C GLU E 436 76.05 14.11 -2.54
N PRO E 437 77.07 14.95 -2.69
CA PRO E 437 76.82 16.38 -2.83
C PRO E 437 75.94 16.71 -4.03
N VAL E 438 75.00 17.61 -3.83
CA VAL E 438 74.09 18.02 -4.90
C VAL E 438 74.86 18.89 -5.89
N PRO E 439 74.70 18.70 -7.19
CA PRO E 439 75.43 19.55 -8.14
C PRO E 439 74.98 20.99 -8.06
N SER E 440 75.92 21.89 -8.35
CA SER E 440 75.64 23.32 -8.26
C SER E 440 75.10 23.86 -9.58
N ILE E 441 74.32 24.94 -9.48
CA ILE E 441 73.78 25.63 -10.64
C ILE E 441 74.07 27.11 -10.51
N LYS E 442 74.20 27.78 -11.65
CA LYS E 442 74.36 29.23 -11.62
C LYS E 442 73.17 29.89 -10.93
N PRO E 443 73.41 30.99 -10.22
CA PRO E 443 72.31 31.63 -9.46
C PRO E 443 71.08 31.96 -10.29
N ASN E 444 71.24 32.26 -11.57
CA ASN E 444 70.11 32.54 -12.43
C ASN E 444 69.68 31.34 -13.28
N ALA E 445 70.14 30.14 -12.94
CA ALA E 445 69.73 28.95 -13.68
C ALA E 445 68.22 28.87 -13.79
N GLY E 446 67.72 28.77 -15.02
CA GLY E 446 66.30 28.68 -15.26
C GLY E 446 65.61 29.97 -15.60
N GLU E 447 66.33 31.10 -15.63
CA GLU E 447 65.65 32.38 -15.81
C GLU E 447 64.94 32.47 -17.15
N GLU E 448 65.49 31.85 -18.20
CA GLU E 448 64.82 31.87 -19.51
C GLU E 448 63.48 31.14 -19.47
N SER E 449 63.37 30.09 -18.65
CA SER E 449 62.07 29.42 -18.49
C SER E 449 61.06 30.37 -17.85
N VAL E 450 61.47 31.12 -16.84
CA VAL E 450 60.57 32.07 -16.19
C VAL E 450 60.23 33.21 -17.13
N ALA E 451 61.20 33.66 -17.92
CA ALA E 451 60.91 34.73 -18.86
C ALA E 451 59.92 34.27 -19.92
N ASN E 452 60.06 33.03 -20.40
CA ASN E 452 59.08 32.52 -21.37
C ASN E 452 57.71 32.43 -20.72
N LEU E 453 57.66 31.94 -19.48
CA LEU E 453 56.39 31.87 -18.78
C LEU E 453 55.75 33.26 -18.65
N ASP E 454 56.58 34.27 -18.46
CA ASP E 454 56.04 35.62 -18.31
C ASP E 454 55.58 36.20 -19.64
N LYS E 455 56.23 35.81 -20.74
CA LYS E 455 55.75 36.23 -22.05
C LYS E 455 54.37 35.67 -22.38
N LEU E 456 54.12 34.38 -22.10
CA LEU E 456 52.81 33.83 -22.43
C LEU E 456 51.73 34.34 -21.49
N ARG E 457 52.09 34.63 -20.24
CA ARG E 457 51.10 35.07 -19.26
C ARG E 457 50.42 36.37 -19.68
N PHE E 458 51.18 37.28 -20.30
CA PHE E 458 50.67 38.59 -20.71
C PHE E 458 50.58 38.74 -22.23
N ALA E 459 50.64 37.63 -22.98
CA ALA E 459 50.64 37.71 -24.44
C ALA E 459 49.34 38.33 -24.95
N ASP E 460 49.47 39.25 -25.89
CA ASP E 460 48.34 40.07 -26.31
C ASP E 460 48.35 40.25 -27.82
N GLY E 461 48.64 39.17 -28.55
CA GLY E 461 48.64 39.18 -30.00
C GLY E 461 47.26 39.01 -30.61
N THR E 462 47.22 38.36 -31.76
CA THR E 462 46.01 38.17 -32.53
C THR E 462 45.60 36.72 -32.74
N ILE E 463 46.38 35.74 -32.29
CA ILE E 463 46.08 34.32 -32.48
C ILE E 463 46.01 33.67 -31.11
N ARG E 464 44.81 33.37 -30.64
CA ARG E 464 44.67 32.77 -29.34
C ARG E 464 45.11 31.31 -29.36
N THR E 465 45.48 30.82 -28.17
CA THR E 465 46.07 29.49 -28.05
C THR E 465 45.20 28.41 -28.69
N SER E 466 43.89 28.42 -28.43
CA SER E 466 43.04 27.35 -28.95
C SER E 466 42.99 27.37 -30.48
N GLU E 467 43.11 28.55 -31.08
CA GLU E 467 43.14 28.69 -32.53
C GLU E 467 44.40 28.06 -33.13
N ALA E 468 45.57 28.29 -32.53
CA ALA E 468 46.78 27.72 -33.10
C ALA E 468 46.89 26.23 -32.78
N ARG E 469 46.37 25.81 -31.62
CA ARG E 469 46.40 24.39 -31.29
C ARG E 469 45.51 23.60 -32.23
N LEU E 470 44.31 24.12 -32.54
CA LEU E 470 43.46 23.44 -33.50
C LEU E 470 44.13 23.37 -34.87
N ASN E 471 44.79 24.44 -35.32
CA ASN E 471 45.49 24.40 -36.60
C ASN E 471 46.54 23.30 -36.63
N MET E 472 47.31 23.18 -35.54
CA MET E 472 48.33 22.15 -35.48
C MET E 472 47.71 20.76 -35.54
N GLN E 473 46.65 20.53 -34.77
CA GLN E 473 46.01 19.23 -34.76
C GLN E 473 45.40 18.87 -36.12
N LYS E 474 44.75 19.81 -36.78
CA LYS E 474 44.16 19.47 -38.08
C LYS E 474 45.25 19.22 -39.13
N THR E 475 46.36 19.97 -39.06
CA THR E 475 47.48 19.73 -39.98
C THR E 475 48.03 18.33 -39.81
N MET E 476 48.34 17.94 -38.57
CA MET E 476 48.83 16.58 -38.32
C MET E 476 47.83 15.54 -38.80
N GLN E 477 46.55 15.69 -38.45
CA GLN E 477 45.56 14.71 -38.84
C GLN E 477 45.51 14.52 -40.35
N SER E 478 45.64 15.62 -41.10
CA SER E 478 45.49 15.60 -42.55
C SER E 478 46.79 15.36 -43.31
N HIS E 479 47.94 15.48 -42.69
CA HIS E 479 49.19 15.38 -43.43
C HIS E 479 50.13 14.31 -42.91
N ALA E 480 49.84 13.67 -41.78
CA ALA E 480 50.71 12.65 -41.22
C ALA E 480 49.88 11.51 -40.63
N ALA E 481 48.97 10.97 -41.44
CA ALA E 481 48.02 9.97 -41.00
C ALA E 481 48.51 8.55 -41.32
N VAL E 482 47.59 7.60 -41.38
CA VAL E 482 47.96 6.19 -41.51
C VAL E 482 48.75 5.95 -42.80
N PHE E 483 48.32 6.52 -43.91
CA PHE E 483 49.09 6.48 -45.15
C PHE E 483 49.65 7.87 -45.41
N ARG E 484 50.89 7.92 -45.89
CA ARG E 484 51.62 9.18 -46.05
C ARG E 484 52.25 9.23 -47.43
N THR E 485 52.45 10.45 -47.94
CA THR E 485 53.18 10.60 -49.19
C THR E 485 54.02 11.88 -49.16
N GLY E 486 55.03 11.91 -50.03
CA GLY E 486 56.02 12.98 -49.96
C GLY E 486 55.43 14.36 -50.11
N SER E 487 54.56 14.55 -51.11
CA SER E 487 54.03 15.89 -51.36
C SER E 487 53.10 16.34 -50.24
N ILE E 488 52.32 15.42 -49.66
CA ILE E 488 51.42 15.81 -48.58
C ILE E 488 52.20 16.06 -47.30
N LEU E 489 53.24 15.26 -47.04
CA LEU E 489 54.15 15.53 -45.91
C LEU E 489 54.82 16.90 -46.04
N GLN E 490 55.28 17.24 -47.25
CA GLN E 490 55.98 18.52 -47.42
C GLN E 490 55.05 19.70 -47.19
N GLU E 491 53.81 19.62 -47.69
CA GLU E 491 52.87 20.69 -47.40
C GLU E 491 52.60 20.77 -45.91
N GLY E 492 52.52 19.63 -45.23
CA GLY E 492 52.33 19.66 -43.79
C GLY E 492 53.50 20.28 -43.06
N CYS E 493 54.72 19.97 -43.50
CA CYS E 493 55.92 20.59 -42.94
C CYS E 493 55.83 22.10 -43.07
N GLU E 494 55.47 22.59 -44.24
CA GLU E 494 55.42 24.04 -44.46
C GLU E 494 54.34 24.66 -43.59
N LYS E 495 53.19 23.98 -43.48
CA LYS E 495 52.12 24.46 -42.62
C LYS E 495 52.55 24.54 -41.16
N LEU E 496 53.17 23.48 -40.64
CA LEU E 496 53.58 23.50 -39.23
C LEU E 496 54.63 24.56 -38.96
N SER E 497 55.58 24.73 -39.89
CA SER E 497 56.60 25.78 -39.74
C SER E 497 55.95 27.15 -39.68
N GLN E 498 54.91 27.39 -40.47
CA GLN E 498 54.23 28.67 -40.42
C GLN E 498 53.50 28.84 -39.09
N ILE E 499 52.79 27.79 -38.65
CA ILE E 499 52.14 27.85 -37.34
C ILE E 499 53.18 28.13 -36.25
N TYR E 500 54.34 27.47 -36.34
CA TYR E 500 55.37 27.71 -35.33
C TYR E 500 55.81 29.16 -35.32
N ARG E 501 56.02 29.76 -36.50
CA ARG E 501 56.41 31.16 -36.53
C ARG E 501 55.31 32.06 -35.98
N ASP E 502 54.06 31.69 -36.19
CA ASP E 502 52.95 32.51 -35.74
C ASP E 502 52.67 32.39 -34.25
N LEU E 503 53.36 31.50 -33.53
CA LEU E 503 53.30 31.56 -32.08
C LEU E 503 53.77 32.91 -31.55
N ALA E 504 54.53 33.67 -32.35
CA ALA E 504 54.95 35.00 -31.91
C ALA E 504 53.75 35.93 -31.71
N HIS E 505 52.61 35.58 -32.30
CA HIS E 505 51.39 36.38 -32.23
C HIS E 505 50.35 35.78 -31.28
N LEU E 506 50.77 34.93 -30.34
CA LEU E 506 49.84 34.29 -29.41
C LEU E 506 49.08 35.32 -28.59
N LYS E 507 47.87 34.95 -28.17
CA LYS E 507 47.01 35.82 -27.38
C LYS E 507 46.44 34.99 -26.24
N THR E 508 46.67 35.42 -25.00
CA THR E 508 46.01 34.83 -23.84
C THR E 508 45.16 35.89 -23.15
N PHE E 509 44.35 35.45 -22.22
CA PHE E 509 43.41 36.31 -21.52
C PHE E 509 43.58 36.29 -20.01
N ASP E 510 43.80 35.13 -19.41
CA ASP E 510 43.89 35.07 -17.96
C ASP E 510 45.24 35.64 -17.54
N ARG E 511 45.19 36.70 -16.73
CA ARG E 511 46.42 37.35 -16.25
C ARG E 511 46.80 36.91 -14.84
N GLY E 512 46.12 35.91 -14.29
CA GLY E 512 46.43 35.41 -12.97
C GLY E 512 47.62 34.46 -13.00
N ILE E 513 47.96 33.95 -11.82
CA ILE E 513 49.04 32.98 -11.74
C ILE E 513 48.56 31.72 -11.03
N VAL E 514 47.58 31.86 -10.14
CA VAL E 514 46.99 30.70 -9.45
C VAL E 514 46.04 29.98 -10.39
N TRP E 515 46.36 28.73 -10.71
CA TRP E 515 45.48 27.88 -11.50
C TRP E 515 45.08 28.57 -12.80
N ASN E 516 46.09 29.10 -13.48
CA ASN E 516 45.89 29.77 -14.76
C ASN E 516 46.07 28.72 -15.82
N THR E 517 44.99 28.00 -16.12
CA THR E 517 45.04 26.94 -17.11
C THR E 517 45.07 27.50 -18.52
N ASP E 518 44.68 28.77 -18.70
CA ASP E 518 44.95 29.45 -19.97
C ASP E 518 46.45 29.45 -20.24
N LEU E 519 47.23 29.82 -19.22
CA LEU E 519 48.68 29.85 -19.35
C LEU E 519 49.25 28.44 -19.53
N VAL E 520 48.84 27.50 -18.68
CA VAL E 520 49.39 26.15 -18.73
C VAL E 520 49.13 25.52 -20.10
N GLU E 521 47.92 25.69 -20.65
CA GLU E 521 47.68 25.10 -21.97
C GLU E 521 48.51 25.76 -23.08
N THR E 522 48.95 27.01 -22.89
CA THR E 522 49.84 27.64 -23.87
C THR E 522 51.26 27.09 -23.77
N LEU E 523 51.74 26.89 -22.55
CA LEU E 523 52.96 26.13 -22.36
C LEU E 523 52.88 24.77 -23.05
N GLU E 524 51.78 24.04 -22.81
CA GLU E 524 51.60 22.74 -23.44
C GLU E 524 51.56 22.85 -24.96
N LEU E 525 51.01 23.95 -25.50
CA LEU E 525 51.03 24.14 -26.96
C LEU E 525 52.46 24.29 -27.50
N GLN E 526 53.29 25.08 -26.82
CA GLN E 526 54.70 25.16 -27.18
C GLN E 526 55.34 23.77 -27.21
N ASN E 527 55.05 22.94 -26.21
CA ASN E 527 55.64 21.61 -26.15
C ASN E 527 55.12 20.73 -27.28
N LEU E 528 53.80 20.69 -27.47
CA LEU E 528 53.22 19.89 -28.54
C LEU E 528 53.80 20.24 -29.89
N MET E 529 54.01 21.54 -30.16
CA MET E 529 54.49 21.99 -31.47
C MET E 529 55.92 21.55 -31.72
N LEU E 530 56.75 21.50 -30.68
CA LEU E 530 58.11 21.00 -30.88
C LEU E 530 58.08 19.51 -31.23
N CYS E 531 57.20 18.74 -30.59
CA CYS E 531 57.04 17.33 -30.93
C CYS E 531 56.49 17.17 -32.35
N ALA E 532 55.46 17.94 -32.70
CA ALA E 532 54.86 17.82 -34.03
C ALA E 532 55.87 18.14 -35.15
N LEU E 533 56.66 19.20 -34.98
CA LEU E 533 57.64 19.56 -36.02
C LEU E 533 58.58 18.41 -36.31
N GLN E 534 59.11 17.79 -35.26
CA GLN E 534 60.07 16.71 -35.43
C GLN E 534 59.40 15.48 -36.03
N THR E 535 58.15 15.22 -35.63
CA THR E 535 57.41 14.09 -36.17
C THR E 535 57.26 14.20 -37.68
N ILE E 536 56.79 15.36 -38.16
CA ILE E 536 56.46 15.46 -39.56
C ILE E 536 57.69 15.68 -40.43
N TYR E 537 58.72 16.38 -39.91
CA TYR E 537 59.96 16.51 -40.68
C TYR E 537 60.71 15.18 -40.78
N GLY E 538 60.75 14.42 -39.68
CA GLY E 538 61.32 13.09 -39.76
C GLY E 538 60.57 12.18 -40.72
N ALA E 539 59.23 12.25 -40.71
CA ALA E 539 58.44 11.46 -41.65
C ALA E 539 58.74 11.83 -43.10
N GLU E 540 58.85 13.13 -43.40
CA GLU E 540 59.13 13.57 -44.77
C GLU E 540 60.48 13.06 -45.25
N ALA E 541 61.46 12.99 -44.35
CA ALA E 541 62.79 12.53 -44.75
C ALA E 541 62.90 11.01 -44.87
N ARG E 542 62.09 10.25 -44.14
CA ARG E 542 62.17 8.79 -44.17
C ARG E 542 61.46 8.26 -45.41
N LYS E 543 62.24 7.94 -46.45
CA LYS E 543 61.69 7.50 -47.73
C LYS E 543 61.69 5.98 -47.79
N GLU E 544 60.85 5.39 -46.96
CA GLU E 544 60.65 3.95 -46.91
C GLU E 544 59.36 3.73 -46.14
N SER E 545 58.88 2.49 -46.12
CA SER E 545 57.78 2.10 -45.26
C SER E 545 58.30 1.10 -44.24
N ARG E 546 58.07 1.38 -42.97
CA ARG E 546 58.52 0.50 -41.90
C ARG E 546 57.51 0.58 -40.76
N GLY E 547 56.98 -0.57 -40.35
CA GLY E 547 56.05 -0.57 -39.24
C GLY E 547 54.93 0.44 -39.45
N ALA E 548 54.72 1.31 -38.45
CA ALA E 548 53.60 2.26 -38.51
C ALA E 548 53.79 3.37 -39.54
N HIS E 549 54.98 3.53 -40.11
CA HIS E 549 55.27 4.59 -41.06
C HIS E 549 55.13 4.00 -42.45
N ALA E 550 54.10 4.43 -43.19
CA ALA E 550 53.77 3.86 -44.50
C ALA E 550 53.78 4.98 -45.53
N ARG E 551 54.65 4.86 -46.52
CA ARG E 551 54.77 5.84 -47.58
C ARG E 551 54.20 5.22 -48.85
N GLU E 552 53.20 5.86 -49.45
CA GLU E 552 52.68 5.29 -50.68
C GLU E 552 53.58 5.57 -51.88
N ASP E 553 54.61 6.40 -51.71
CA ASP E 553 55.60 6.65 -52.74
C ASP E 553 56.88 5.87 -52.53
N TYR E 554 57.07 5.25 -51.33
CA TYR E 554 58.24 4.43 -50.98
C TYR E 554 57.71 3.25 -50.15
N LYS E 555 57.16 2.27 -50.86
CA LYS E 555 56.39 1.20 -50.24
C LYS E 555 57.25 0.12 -49.59
N LEU E 556 58.53 0.00 -49.94
CA LEU E 556 59.36 -1.10 -49.45
C LEU E 556 60.14 -0.67 -48.21
N ARG E 557 60.33 -1.62 -47.30
CA ARG E 557 61.29 -1.45 -46.22
C ARG E 557 62.71 -1.58 -46.77
N ILE E 558 63.58 -0.61 -46.47
CA ILE E 558 64.90 -0.52 -47.09
C ILE E 558 65.94 -0.78 -46.02
N ASP E 559 66.48 -1.99 -45.99
CA ASP E 559 67.45 -2.41 -44.99
C ASP E 559 68.87 -2.33 -45.57
N GLU E 560 69.86 -2.72 -44.75
CA GLU E 560 71.25 -2.71 -45.20
C GLU E 560 71.52 -3.80 -46.22
N PHE E 561 70.75 -4.88 -46.18
CA PHE E 561 70.71 -5.89 -47.23
C PHE E 561 69.28 -6.00 -47.74
N ASP E 562 69.08 -6.82 -48.77
CA ASP E 562 67.73 -7.22 -49.18
C ASP E 562 67.45 -8.56 -48.50
N TYR E 563 66.75 -8.53 -47.36
CA TYR E 563 66.58 -9.77 -46.60
C TYR E 563 65.49 -10.67 -47.14
N SER E 564 64.86 -10.34 -48.26
CA SER E 564 63.97 -11.27 -48.92
C SER E 564 64.68 -12.20 -49.89
N LYS E 565 65.98 -12.00 -50.12
CA LYS E 565 66.79 -12.86 -50.98
C LYS E 565 67.95 -13.45 -50.18
N PRO E 566 68.65 -14.44 -50.71
CA PRO E 566 69.82 -14.97 -50.00
C PRO E 566 70.89 -13.88 -49.85
N LEU E 567 71.61 -13.94 -48.74
CA LEU E 567 72.60 -12.91 -48.44
C LEU E 567 73.92 -13.15 -49.17
N GLN E 568 74.28 -14.39 -49.45
CA GLN E 568 75.55 -14.69 -50.10
C GLN E 568 75.71 -13.90 -51.40
N GLY E 569 76.81 -13.16 -51.51
CA GLY E 569 77.08 -12.38 -52.69
C GLY E 569 76.45 -11.00 -52.71
N GLN E 570 75.72 -10.61 -51.67
CA GLN E 570 75.13 -9.27 -51.64
C GLN E 570 76.15 -8.24 -51.18
N GLN E 571 76.08 -7.04 -51.78
CA GLN E 571 76.86 -5.90 -51.33
C GLN E 571 76.05 -5.12 -50.30
N LYS E 572 76.55 -5.07 -49.07
CA LYS E 572 75.92 -4.29 -48.02
C LYS E 572 75.77 -2.84 -48.45
N ARG E 573 74.58 -2.28 -48.24
CA ARG E 573 74.38 -0.86 -48.53
C ARG E 573 75.06 -0.02 -47.46
N PRO E 574 75.82 1.01 -47.83
CA PRO E 574 76.40 1.91 -46.81
C PRO E 574 75.34 2.57 -45.97
N PHE E 575 75.75 3.00 -44.77
CA PHE E 575 74.81 3.50 -43.78
C PHE E 575 73.94 4.63 -44.33
N GLU E 576 74.52 5.49 -45.16
CA GLU E 576 73.79 6.61 -45.75
C GLU E 576 72.86 6.18 -46.87
N GLU E 577 72.91 4.92 -47.30
CA GLU E 577 72.07 4.48 -48.41
C GLU E 577 71.03 3.44 -48.01
N HIS E 578 70.70 3.33 -46.72
CA HIS E 578 69.53 2.56 -46.34
C HIS E 578 68.86 3.26 -45.16
N TRP E 579 67.76 2.67 -44.69
CA TRP E 579 66.91 3.31 -43.71
C TRP E 579 66.74 2.51 -42.44
N ARG E 580 67.47 1.41 -42.27
CA ARG E 580 67.32 0.72 -40.99
C ARG E 580 68.24 1.41 -40.00
N LYS E 581 67.74 2.50 -39.45
CA LYS E 581 68.48 3.35 -38.54
C LYS E 581 67.48 4.26 -37.85
N HIS E 582 67.84 4.68 -36.64
CA HIS E 582 67.01 5.59 -35.88
C HIS E 582 67.17 7.01 -36.38
N THR E 583 66.04 7.71 -36.47
CA THR E 583 66.06 9.15 -36.72
C THR E 583 66.38 9.86 -35.42
N LEU E 584 67.33 10.77 -35.46
CA LEU E 584 67.60 11.71 -34.39
C LEU E 584 67.23 13.11 -34.87
N SER E 585 66.43 13.83 -34.10
CA SER E 585 65.93 15.13 -34.51
C SER E 585 66.31 16.19 -33.48
N TYR E 586 66.61 17.38 -33.99
CA TYR E 586 66.95 18.54 -33.18
C TYR E 586 66.10 19.71 -33.67
N VAL E 587 65.81 20.64 -32.78
CA VAL E 587 65.12 21.86 -33.18
C VAL E 587 65.89 23.05 -32.65
N ASP E 588 66.09 24.05 -33.51
CA ASP E 588 66.53 25.37 -33.07
C ASP E 588 65.29 26.10 -32.62
N VAL E 589 65.17 26.32 -31.30
CA VAL E 589 63.84 26.64 -30.77
C VAL E 589 63.43 28.06 -31.16
N LYS E 590 64.41 28.94 -31.40
CA LYS E 590 64.08 30.31 -31.76
C LYS E 590 63.54 30.38 -33.18
N SER E 591 64.09 29.57 -34.07
CA SER E 591 63.69 29.61 -35.47
C SER E 591 62.68 28.55 -35.83
N GLY E 592 62.68 27.42 -35.13
CA GLY E 592 61.91 26.27 -35.55
C GLY E 592 62.59 25.39 -36.57
N LYS E 593 63.82 25.72 -36.97
CA LYS E 593 64.58 24.87 -37.88
C LYS E 593 64.80 23.49 -37.27
N VAL E 594 64.42 22.45 -38.02
CA VAL E 594 64.60 21.05 -37.64
C VAL E 594 65.83 20.51 -38.37
N THR E 595 66.71 19.83 -37.63
CA THR E 595 67.88 19.16 -38.17
C THR E 595 67.77 17.68 -37.85
N LEU E 596 68.11 16.83 -38.82
CA LEU E 596 67.96 15.38 -38.69
C LEU E 596 69.31 14.69 -38.84
N LYS E 597 69.58 13.73 -37.96
CA LYS E 597 70.76 12.85 -38.06
C LYS E 597 70.31 11.43 -37.78
N TYR E 598 71.23 10.47 -37.94
CA TYR E 598 70.85 9.07 -37.80
C TYR E 598 71.88 8.29 -36.97
N ARG E 599 71.42 7.24 -36.30
CA ARG E 599 72.26 6.37 -35.50
C ARG E 599 71.84 4.93 -35.73
N PRO E 600 72.78 3.98 -35.66
CA PRO E 600 72.43 2.59 -35.97
C PRO E 600 71.54 1.96 -34.90
N VAL E 601 70.77 0.96 -35.35
CA VAL E 601 69.99 0.10 -34.49
C VAL E 601 70.91 -0.90 -33.80
N ILE E 602 70.60 -1.25 -32.56
CA ILE E 602 71.40 -2.25 -31.84
C ILE E 602 70.76 -3.62 -32.07
N ASP E 603 71.50 -4.50 -32.75
CA ASP E 603 71.03 -5.85 -33.05
C ASP E 603 71.50 -6.87 -32.02
N ARG E 604 72.55 -6.57 -31.26
CA ARG E 604 73.03 -7.53 -30.28
C ARG E 604 72.09 -7.59 -29.08
N THR E 605 71.99 -8.78 -28.48
CA THR E 605 71.21 -8.94 -27.27
C THR E 605 72.15 -8.77 -26.07
N LEU E 606 71.64 -9.01 -24.87
CA LEU E 606 72.48 -8.98 -23.68
C LEU E 606 73.26 -10.26 -23.47
N ASN E 607 72.95 -11.31 -24.24
CA ASN E 607 73.65 -12.58 -24.11
C ASN E 607 73.33 -13.48 -25.30
N GLU E 608 74.19 -13.48 -26.32
CA GLU E 608 73.90 -14.22 -27.54
C GLU E 608 73.60 -15.67 -27.24
N GLU E 609 74.32 -16.26 -26.28
CA GLU E 609 74.17 -17.69 -26.01
C GLU E 609 72.82 -18.02 -25.38
N ASP E 610 72.26 -17.10 -24.59
CA ASP E 610 70.98 -17.35 -23.93
C ASP E 610 69.79 -16.87 -24.74
N CYS E 611 70.00 -15.89 -25.62
CA CYS E 611 68.93 -15.30 -26.42
C CYS E 611 69.59 -14.76 -27.68
N SER E 612 69.45 -15.50 -28.79
CA SER E 612 70.09 -15.15 -30.04
C SER E 612 69.46 -13.91 -30.67
N SER E 613 70.30 -13.06 -31.26
CA SER E 613 69.79 -11.94 -32.03
C SER E 613 68.95 -12.43 -33.21
N VAL E 614 67.93 -11.67 -33.56
CA VAL E 614 66.99 -12.05 -34.62
C VAL E 614 67.30 -11.18 -35.83
N PRO E 615 67.87 -11.73 -36.90
CA PRO E 615 68.17 -10.93 -38.08
C PRO E 615 66.90 -10.47 -38.76
N PRO E 616 66.94 -9.33 -39.44
CA PRO E 616 65.76 -8.85 -40.19
C PRO E 616 65.23 -9.90 -41.15
N ALA E 617 63.91 -9.95 -41.30
CA ALA E 617 63.28 -10.83 -42.29
C ALA E 617 62.03 -10.15 -42.83
N ILE E 618 61.39 -10.80 -43.81
CA ILE E 618 60.09 -10.30 -44.24
C ILE E 618 59.10 -10.43 -43.09
N ARG E 619 58.27 -9.40 -42.92
CA ARG E 619 57.38 -9.28 -41.78
C ARG E 619 55.94 -9.46 -42.25
N SER E 620 55.34 -10.60 -41.95
CA SER E 620 53.98 -10.90 -42.36
C SER E 620 53.18 -11.47 -41.19
N TYR E 621 51.88 -11.20 -41.20
CA TYR E 621 50.99 -11.68 -40.15
C TYR E 621 49.80 -12.46 -40.74
N THR F 8 20.41 26.15 -38.97
CA THR F 8 19.81 26.40 -37.67
C THR F 8 20.87 26.30 -36.56
N SER F 9 20.47 26.62 -35.33
CA SER F 9 21.36 26.44 -34.18
C SER F 9 20.51 26.20 -32.95
N ARG F 10 21.06 25.47 -31.99
CA ARG F 10 20.36 25.11 -30.76
C ARG F 10 21.16 25.69 -29.59
N ILE F 11 20.76 26.87 -29.13
CA ILE F 11 21.54 27.62 -28.15
C ILE F 11 21.14 27.18 -26.75
N LYS F 12 22.10 26.67 -26.00
CA LYS F 12 21.87 26.16 -24.65
C LYS F 12 22.60 27.05 -23.67
N LYS F 13 21.97 27.32 -22.54
CA LYS F 13 22.54 28.19 -21.51
C LYS F 13 23.12 27.38 -20.36
N PHE F 14 24.33 27.73 -19.94
CA PHE F 14 25.01 27.19 -18.77
C PHE F 14 25.29 28.34 -17.80
N SER F 15 24.81 28.22 -16.57
CA SER F 15 25.18 29.12 -15.49
C SER F 15 26.24 28.44 -14.63
N ILE F 16 27.41 29.07 -14.54
CA ILE F 16 28.60 28.41 -13.97
C ILE F 16 29.21 29.26 -12.85
N TYR F 17 29.55 28.58 -11.75
CA TYR F 17 30.13 29.23 -10.58
C TYR F 17 31.53 29.74 -10.88
N ARG F 18 31.79 31.01 -10.57
CA ARG F 18 33.08 31.66 -10.78
C ARG F 18 33.63 32.20 -9.47
N TRP F 19 34.94 32.04 -9.27
CA TRP F 19 35.65 32.75 -8.22
C TRP F 19 37.14 32.73 -8.54
N ASP F 20 37.77 33.88 -8.44
CA ASP F 20 39.17 34.04 -8.84
C ASP F 20 40.04 34.34 -7.63
N PRO F 21 40.93 33.43 -7.21
CA PRO F 21 41.77 33.69 -6.04
C PRO F 21 42.70 34.87 -6.21
N ASP F 22 43.03 35.25 -7.45
CA ASP F 22 43.88 36.40 -7.66
C ASP F 22 43.09 37.72 -7.62
N LYS F 23 41.76 37.64 -7.55
CA LYS F 23 40.89 38.79 -7.28
C LYS F 23 39.99 38.43 -6.10
N PRO F 24 40.58 38.11 -4.94
CA PRO F 24 39.81 37.44 -3.89
C PRO F 24 38.60 38.21 -3.40
N GLY F 25 38.59 39.54 -3.54
CA GLY F 25 37.50 40.33 -3.02
C GLY F 25 36.23 40.23 -3.83
N ASP F 26 36.32 39.77 -5.07
CA ASP F 26 35.14 39.60 -5.91
C ASP F 26 34.40 38.34 -5.46
N LYS F 27 33.26 38.54 -4.79
CA LYS F 27 32.53 37.41 -4.23
C LYS F 27 32.19 36.39 -5.31
N PRO F 28 32.02 35.12 -4.93
CA PRO F 28 31.60 34.12 -5.90
C PRO F 28 30.33 34.56 -6.61
N ARG F 29 30.23 34.20 -7.89
CA ARG F 29 29.10 34.63 -8.70
C ARG F 29 28.82 33.54 -9.73
N MET F 30 27.69 33.66 -10.41
CA MET F 30 27.36 32.76 -11.50
C MET F 30 27.46 33.52 -12.81
N GLN F 31 28.07 32.90 -13.81
CA GLN F 31 28.18 33.49 -15.14
C GLN F 31 27.49 32.59 -16.16
N THR F 32 26.73 33.20 -17.05
CA THR F 32 25.97 32.49 -18.06
C THR F 32 26.74 32.45 -19.38
N TYR F 33 26.73 31.30 -20.02
CA TYR F 33 27.34 31.15 -21.32
C TYR F 33 26.33 30.52 -22.25
N GLU F 34 26.32 30.98 -23.51
CA GLU F 34 25.43 30.43 -24.53
C GLU F 34 26.26 29.56 -25.48
N VAL F 35 25.89 28.29 -25.60
CA VAL F 35 26.62 27.31 -26.40
C VAL F 35 25.68 26.71 -27.46
N ASP F 36 26.15 26.67 -28.71
CA ASP F 36 25.38 26.10 -29.81
C ASP F 36 25.60 24.59 -29.84
N LEU F 37 24.58 23.82 -29.46
CA LEU F 37 24.75 22.37 -29.32
C LEU F 37 25.06 21.66 -30.63
N ASN F 38 24.69 22.24 -31.77
CA ASN F 38 25.03 21.65 -33.06
C ASN F 38 26.51 21.75 -33.39
N LYS F 39 27.28 22.46 -32.58
CA LYS F 39 28.72 22.59 -32.79
C LYS F 39 29.44 22.23 -31.51
N CYS F 40 28.88 21.29 -30.75
CA CYS F 40 29.42 20.88 -29.49
C CYS F 40 29.22 19.37 -29.32
N GLY F 41 30.18 18.70 -28.70
CA GLY F 41 30.02 17.31 -28.32
C GLY F 41 28.84 17.15 -27.37
N PRO F 42 28.50 15.90 -27.05
CA PRO F 42 27.27 15.63 -26.29
C PRO F 42 27.39 15.71 -24.78
N MET F 43 28.59 15.80 -24.24
CA MET F 43 28.77 15.79 -22.79
C MET F 43 29.07 17.18 -22.25
N VAL F 44 28.75 17.38 -20.97
CA VAL F 44 28.94 18.70 -20.34
C VAL F 44 30.40 19.13 -20.44
N LEU F 45 31.35 18.22 -20.21
CA LEU F 45 32.77 18.56 -20.38
C LEU F 45 33.04 19.10 -21.78
N ASP F 46 32.39 18.54 -22.81
CA ASP F 46 32.52 19.09 -24.15
C ASP F 46 32.14 20.57 -24.15
N ALA F 47 31.00 20.91 -23.56
CA ALA F 47 30.57 22.31 -23.46
C ALA F 47 31.58 23.15 -22.70
N LEU F 48 32.13 22.61 -21.61
CA LEU F 48 33.09 23.38 -20.81
C LEU F 48 34.34 23.69 -21.62
N ILE F 49 34.86 22.69 -22.35
CA ILE F 49 36.06 22.91 -23.15
C ILE F 49 35.76 23.88 -24.28
N LYS F 50 34.59 23.76 -24.89
CA LYS F 50 34.23 24.69 -25.94
C LYS F 50 34.18 26.12 -25.41
N ILE F 51 33.58 26.32 -24.23
CA ILE F 51 33.53 27.65 -23.63
C ILE F 51 34.94 28.20 -23.41
N LYS F 52 35.79 27.41 -22.79
CA LYS F 52 37.17 27.85 -22.55
C LYS F 52 37.89 28.14 -23.86
N ASN F 53 37.68 27.33 -24.91
CA ASN F 53 38.41 27.53 -26.15
C ASN F 53 37.86 28.67 -27.00
N GLU F 54 36.60 29.02 -26.84
CA GLU F 54 35.98 29.97 -27.76
C GLU F 54 35.37 31.18 -27.09
N LEU F 55 34.97 31.10 -25.84
CA LEU F 55 34.19 32.15 -25.22
C LEU F 55 34.87 32.83 -24.04
N ASP F 56 35.68 32.10 -23.26
CA ASP F 56 36.26 32.67 -22.04
C ASP F 56 37.37 31.77 -21.54
N SER F 57 38.62 32.07 -21.89
CA SER F 57 39.70 31.16 -21.56
C SER F 57 40.14 31.27 -20.11
N THR F 58 39.46 32.11 -19.31
CA THR F 58 39.73 32.17 -17.88
C THR F 58 38.92 31.14 -17.10
N LEU F 59 37.92 30.52 -17.71
CA LEU F 59 37.14 29.50 -17.03
C LEU F 59 38.02 28.29 -16.72
N THR F 60 37.95 27.79 -15.51
CA THR F 60 38.95 26.85 -15.01
C THR F 60 38.30 25.65 -14.36
N PHE F 61 38.80 24.46 -14.70
CA PHE F 61 38.27 23.19 -14.24
C PHE F 61 39.32 22.11 -14.47
N ARG F 62 39.25 21.05 -13.65
CA ARG F 62 40.13 19.90 -13.85
C ARG F 62 39.50 18.95 -14.86
N ARG F 63 40.34 18.31 -15.67
CA ARG F 63 39.92 17.27 -16.59
C ARG F 63 41.16 16.62 -17.17
N SER F 64 41.00 15.37 -17.60
CA SER F 64 42.09 14.70 -18.26
C SER F 64 41.63 13.64 -19.28
N CYS F 65 40.89 12.61 -18.85
N CYS F 65 40.94 12.59 -18.84
CA CYS F 65 40.80 11.36 -19.61
CA CYS F 65 40.66 11.51 -19.77
C CYS F 65 39.74 11.42 -20.72
C CYS F 65 39.49 11.89 -20.68
N ARG F 66 38.48 11.75 -20.37
N ARG F 66 39.08 10.95 -21.53
CA ARG F 66 37.39 11.97 -21.31
CA ARG F 66 37.95 11.19 -22.42
C ARG F 66 36.39 10.82 -21.39
C ARG F 66 36.74 10.35 -22.08
N GLU F 67 36.77 9.61 -20.95
CA GLU F 67 35.83 8.49 -20.85
C GLU F 67 35.42 8.17 -19.41
N GLY F 68 35.53 9.11 -18.49
CA GLY F 68 35.03 8.88 -17.15
C GLY F 68 35.80 7.82 -16.39
N ILE F 69 37.10 7.68 -16.66
CA ILE F 69 37.92 6.74 -15.91
C ILE F 69 38.90 7.43 -14.95
N CYS F 70 39.33 8.65 -15.23
CA CYS F 70 40.38 9.24 -14.40
C CYS F 70 39.83 9.86 -13.11
N GLY F 71 38.61 10.38 -13.12
CA GLY F 71 38.07 11.01 -11.92
C GLY F 71 38.28 12.51 -11.79
N SER F 72 38.96 13.15 -12.75
CA SER F 72 39.37 14.54 -12.61
C SER F 72 38.19 15.51 -12.58
N CYS F 73 37.21 15.32 -13.46
CA CYS F 73 36.24 16.39 -13.75
C CYS F 73 35.00 16.34 -12.87
N ALA F 74 35.06 15.78 -11.67
CA ALA F 74 33.89 15.70 -10.80
C ALA F 74 33.42 17.11 -10.38
N MET F 75 32.11 17.32 -10.41
CA MET F 75 31.50 18.62 -10.11
C MET F 75 29.99 18.41 -9.97
N ASN F 76 29.29 19.47 -9.58
CA ASN F 76 27.85 19.41 -9.32
C ASN F 76 27.09 20.00 -10.49
N ILE F 77 26.35 19.15 -11.20
CA ILE F 77 25.65 19.51 -12.43
C ILE F 77 24.18 19.21 -12.21
N ALA F 78 23.33 20.22 -12.38
CA ALA F 78 21.88 20.08 -12.18
C ALA F 78 21.57 19.50 -10.81
N GLY F 79 22.34 19.93 -9.81
CA GLY F 79 22.06 19.58 -8.43
C GLY F 79 22.73 18.32 -7.94
N GLY F 80 23.27 17.49 -8.83
CA GLY F 80 23.86 16.22 -8.44
C GLY F 80 25.34 16.16 -8.80
N ASN F 81 26.14 15.54 -7.92
CA ASN F 81 27.56 15.33 -8.19
C ASN F 81 27.75 14.26 -9.26
N THR F 82 28.60 14.54 -10.24
CA THR F 82 28.81 13.59 -11.31
C THR F 82 30.08 13.99 -12.05
N LEU F 83 30.47 13.16 -13.04
CA LEU F 83 31.59 13.45 -13.93
C LEU F 83 31.09 14.23 -15.14
N ALA F 84 31.71 15.37 -15.43
CA ALA F 84 31.27 16.17 -16.56
C ALA F 84 31.45 15.43 -17.87
N CYS F 85 32.48 14.59 -17.98
CA CYS F 85 32.84 13.95 -19.25
C CYS F 85 31.90 12.83 -19.67
N THR F 86 31.06 12.33 -18.76
CA THR F 86 30.06 11.32 -19.08
C THR F 86 28.64 11.80 -18.79
N LYS F 87 28.44 13.09 -18.49
CA LYS F 87 27.11 13.64 -18.20
C LYS F 87 26.54 14.26 -19.48
N LYS F 88 25.50 13.63 -20.04
CA LYS F 88 24.87 14.18 -21.24
C LYS F 88 24.36 15.60 -20.98
N ILE F 89 24.65 16.52 -21.90
CA ILE F 89 23.98 17.82 -21.89
C ILE F 89 22.48 17.61 -22.04
N ASP F 90 21.70 18.35 -21.25
CA ASP F 90 20.24 18.33 -21.35
C ASP F 90 19.82 19.20 -22.53
N PRO F 91 19.29 18.62 -23.60
CA PRO F 91 18.98 19.39 -24.80
C PRO F 91 17.72 20.24 -24.72
N ASP F 92 17.06 20.32 -23.57
CA ASP F 92 15.94 21.24 -23.40
C ASP F 92 16.47 22.66 -23.30
N LEU F 93 16.29 23.45 -24.37
CA LEU F 93 16.85 24.79 -24.44
C LEU F 93 16.12 25.79 -23.57
N SER F 94 15.00 25.41 -22.98
CA SER F 94 14.31 26.29 -22.05
C SER F 94 14.84 26.19 -20.62
N LYS F 95 15.70 25.21 -20.35
CA LYS F 95 16.29 25.04 -19.03
C LYS F 95 17.76 25.44 -19.06
N THR F 96 18.16 26.21 -18.05
CA THR F 96 19.55 26.57 -17.86
C THR F 96 20.21 25.55 -16.94
N THR F 97 21.35 25.04 -17.34
CA THR F 97 22.07 24.05 -16.54
C THR F 97 23.03 24.76 -15.61
N LYS F 98 22.84 24.59 -14.30
CA LYS F 98 23.71 25.19 -13.30
C LYS F 98 24.84 24.24 -12.92
N ILE F 99 26.06 24.76 -12.92
CA ILE F 99 27.27 23.99 -12.64
C ILE F 99 27.97 24.64 -11.44
N TYR F 100 28.20 23.84 -10.40
CA TYR F 100 28.88 24.22 -9.18
C TYR F 100 30.07 23.29 -8.93
N PRO F 101 31.02 23.71 -8.10
CA PRO F 101 32.05 22.78 -7.60
C PRO F 101 31.42 21.69 -6.74
N LEU F 102 32.21 20.66 -6.46
CA LEU F 102 31.75 19.66 -5.51
C LEU F 102 31.36 20.36 -4.20
N PRO F 103 30.25 19.96 -3.56
CA PRO F 103 29.66 20.78 -2.50
C PRO F 103 30.44 20.77 -1.17
N HIS F 104 30.37 21.91 -0.47
CA HIS F 104 30.94 22.05 0.87
C HIS F 104 32.45 21.77 0.87
N MET F 105 33.13 22.29 -0.15
CA MET F 105 34.57 22.16 -0.30
C MET F 105 35.20 23.54 -0.44
N TYR F 106 36.47 23.64 -0.10
CA TYR F 106 37.20 24.90 -0.29
C TYR F 106 37.55 25.04 -1.77
N VAL F 107 37.15 26.17 -2.35
CA VAL F 107 37.37 26.45 -3.76
C VAL F 107 38.76 27.03 -3.96
N VAL F 108 39.56 26.37 -4.79
CA VAL F 108 40.83 26.94 -5.25
C VAL F 108 40.56 28.02 -6.29
N LYS F 109 39.78 27.67 -7.30
CA LYS F 109 39.38 28.64 -8.31
C LYS F 109 38.24 28.04 -9.11
N ASP F 110 37.22 28.85 -9.39
CA ASP F 110 36.12 28.42 -10.23
C ASP F 110 35.59 27.04 -9.82
N LEU F 111 35.77 26.02 -10.68
CA LEU F 111 35.21 24.71 -10.40
C LEU F 111 36.21 23.74 -9.79
N VAL F 112 37.32 24.23 -9.25
CA VAL F 112 38.41 23.39 -8.76
C VAL F 112 38.36 23.37 -7.23
N PRO F 113 37.96 22.26 -6.61
CA PRO F 113 38.01 22.17 -5.15
C PRO F 113 39.35 21.66 -4.63
N ASP F 114 39.60 21.93 -3.34
CA ASP F 114 40.78 21.41 -2.65
C ASP F 114 40.48 20.02 -2.13
N LEU F 115 41.10 19.00 -2.71
CA LEU F 115 40.86 17.61 -2.33
C LEU F 115 41.91 17.06 -1.37
N SER F 116 42.76 17.91 -0.82
CA SER F 116 43.92 17.37 -0.11
C SER F 116 43.51 16.65 1.17
N ASN F 117 42.46 17.09 1.86
CA ASN F 117 41.96 16.31 3.00
C ASN F 117 41.43 14.97 2.54
N PHE F 118 40.61 14.97 1.47
CA PHE F 118 40.12 13.73 0.88
C PHE F 118 41.25 12.74 0.63
N TYR F 119 42.33 13.19 -0.03
CA TYR F 119 43.43 12.26 -0.31
C TYR F 119 44.11 11.81 0.97
N ALA F 120 44.26 12.71 1.95
CA ALA F 120 44.95 12.34 3.18
C ALA F 120 44.12 11.35 4.00
N GLN F 121 42.79 11.46 3.97
CA GLN F 121 41.95 10.46 4.60
C GLN F 121 42.17 9.11 3.92
N TYR F 122 42.30 9.11 2.59
CA TYR F 122 42.57 7.87 1.86
C TYR F 122 43.90 7.26 2.29
N LYS F 123 44.93 8.10 2.41
CA LYS F 123 46.22 7.61 2.89
C LYS F 123 46.11 6.99 4.27
N SER F 124 45.23 7.53 5.13
CA SER F 124 45.19 7.13 6.53
C SER F 124 44.69 5.71 6.72
N ILE F 125 44.03 5.12 5.72
CA ILE F 125 43.52 3.76 5.85
C ILE F 125 44.47 2.72 5.28
N GLU F 126 45.63 3.13 4.79
CA GLU F 126 46.70 2.27 4.32
C GLU F 126 46.19 1.39 3.19
N PRO F 127 45.83 1.99 2.05
CA PRO F 127 45.19 1.24 0.94
C PRO F 127 46.22 0.46 0.14
N TYR F 128 46.83 -0.53 0.78
CA TYR F 128 47.80 -1.37 0.08
C TYR F 128 47.80 -2.75 0.74
N LEU F 129 48.30 -3.74 0.00
CA LEU F 129 48.33 -5.10 0.51
C LEU F 129 49.33 -5.24 1.66
N LYS F 130 48.87 -5.83 2.76
CA LYS F 130 49.71 -6.09 3.92
C LYS F 130 49.58 -7.57 4.29
N LYS F 131 50.71 -8.29 4.26
CA LYS F 131 50.77 -9.66 4.73
C LYS F 131 51.64 -9.72 5.99
N LYS F 132 51.39 -10.74 6.82
CA LYS F 132 52.16 -10.89 8.05
C LYS F 132 53.65 -11.10 7.77
N ASP F 133 54.00 -11.73 6.64
CA ASP F 133 55.40 -11.93 6.26
C ASP F 133 55.55 -11.50 4.80
N GLU F 134 56.13 -10.32 4.56
CA GLU F 134 56.31 -9.78 3.23
C GLU F 134 57.69 -10.07 2.65
N SER F 135 58.51 -10.86 3.34
CA SER F 135 59.87 -11.05 2.86
C SER F 135 59.94 -11.88 1.58
N LYS F 136 58.91 -12.64 1.24
CA LYS F 136 58.91 -13.41 -0.01
C LYS F 136 58.27 -12.65 -1.18
N GLN F 137 58.02 -11.36 -1.02
CA GLN F 137 57.42 -10.59 -2.10
C GLN F 137 58.28 -10.65 -3.35
N GLY F 138 57.63 -10.68 -4.51
CA GLY F 138 58.31 -10.70 -5.78
C GLY F 138 58.66 -12.07 -6.32
N LYS F 139 58.47 -13.13 -5.53
CA LYS F 139 58.97 -14.44 -5.89
C LYS F 139 57.96 -15.27 -6.68
N GLU F 140 56.69 -15.23 -6.29
CA GLU F 140 55.66 -16.08 -6.86
C GLU F 140 54.31 -15.40 -6.72
N GLN F 141 53.45 -15.62 -7.71
CA GLN F 141 52.07 -15.18 -7.63
C GLN F 141 51.42 -15.71 -6.36
N TYR F 142 50.82 -14.80 -5.58
CA TYR F 142 49.87 -15.22 -4.55
C TYR F 142 48.65 -15.85 -5.22
N LEU F 143 48.14 -16.94 -4.64
CA LEU F 143 46.98 -17.62 -5.20
C LEU F 143 45.70 -17.00 -4.66
N GLN F 144 44.72 -16.80 -5.56
CA GLN F 144 43.42 -16.27 -5.17
C GLN F 144 42.35 -16.95 -5.99
N SER F 145 41.38 -17.58 -5.32
CA SER F 145 40.35 -18.30 -6.04
C SER F 145 39.46 -17.32 -6.80
N ILE F 146 38.84 -17.83 -7.85
CA ILE F 146 37.86 -17.05 -8.59
C ILE F 146 36.79 -16.50 -7.65
N GLU F 147 36.26 -17.35 -6.78
CA GLU F 147 35.23 -16.92 -5.84
C GLU F 147 35.72 -15.77 -4.96
N ASP F 148 36.93 -15.89 -4.39
CA ASP F 148 37.45 -14.83 -3.54
C ASP F 148 37.71 -13.55 -4.33
N ARG F 149 38.26 -13.69 -5.54
CA ARG F 149 38.44 -12.52 -6.40
C ARG F 149 37.10 -11.83 -6.67
N GLN F 150 36.03 -12.61 -6.80
CA GLN F 150 34.75 -12.03 -7.17
C GLN F 150 34.24 -11.09 -6.09
N LYS F 151 34.66 -11.30 -4.84
CA LYS F 151 34.25 -10.43 -3.75
C LYS F 151 34.73 -9.01 -3.93
N LEU F 152 35.75 -8.77 -4.77
CA LEU F 152 36.26 -7.43 -4.96
C LEU F 152 35.48 -6.68 -6.04
N ASP F 153 34.68 -7.37 -6.84
CA ASP F 153 33.85 -6.70 -7.83
C ASP F 153 32.91 -5.72 -7.15
N GLY F 154 32.78 -4.54 -7.74
CA GLY F 154 32.03 -3.47 -7.12
C GLY F 154 32.78 -2.63 -6.12
N LEU F 155 34.01 -3.02 -5.78
CA LEU F 155 34.82 -2.27 -4.85
C LEU F 155 36.08 -1.68 -5.50
N TYR F 156 36.80 -2.47 -6.29
CA TYR F 156 38.07 -2.00 -6.85
C TYR F 156 37.88 -1.02 -8.00
N GLU F 157 36.65 -0.85 -8.50
CA GLU F 157 36.45 0.00 -9.66
C GLU F 157 36.43 1.50 -9.32
N CYS F 158 36.40 1.87 -8.04
CA CYS F 158 36.35 3.27 -7.63
C CYS F 158 37.49 4.07 -8.24
N ILE F 159 37.14 5.24 -8.78
CA ILE F 159 38.11 6.12 -9.42
C ILE F 159 38.49 7.30 -8.53
N LEU F 160 38.08 7.30 -7.26
CA LEU F 160 38.43 8.34 -6.28
C LEU F 160 38.10 9.74 -6.77
N CYS F 161 36.89 9.88 -7.33
CA CYS F 161 36.43 11.16 -7.85
C CYS F 161 35.87 12.08 -6.76
N ALA F 162 35.41 11.50 -5.65
CA ALA F 162 34.87 12.18 -4.46
C ALA F 162 33.45 12.68 -4.66
N CYS F 163 32.74 12.24 -5.71
CA CYS F 163 31.33 12.58 -5.85
C CYS F 163 30.50 12.11 -4.66
N CYS F 164 30.77 10.89 -4.17
CA CYS F 164 29.94 10.31 -3.12
C CYS F 164 30.18 10.97 -1.78
N SER F 165 31.44 11.15 -1.40
CA SER F 165 31.72 11.81 -0.12
C SER F 165 31.16 13.22 -0.08
N THR F 166 31.37 14.01 -1.12
CA THR F 166 30.89 15.39 -1.08
C THR F 166 29.39 15.51 -1.39
N SER F 167 28.66 14.40 -1.51
CA SER F 167 27.20 14.39 -1.48
C SER F 167 26.63 13.98 -0.13
N CYS F 168 27.48 13.58 0.82
CA CYS F 168 27.01 13.00 2.07
C CYS F 168 26.86 14.09 3.14
N PRO F 169 25.65 14.33 3.64
CA PRO F 169 25.49 15.35 4.68
C PRO F 169 26.42 15.16 5.87
N SER F 170 26.64 13.91 6.31
CA SER F 170 27.54 13.70 7.44
C SER F 170 28.94 14.18 7.11
N TYR F 171 29.38 13.98 5.86
CA TYR F 171 30.69 14.47 5.45
C TYR F 171 30.71 15.99 5.36
N TRP F 172 29.59 16.61 5.00
CA TRP F 172 29.50 18.07 5.06
C TRP F 172 29.77 18.56 6.48
N TRP F 173 29.02 18.03 7.45
CA TRP F 173 29.12 18.49 8.83
C TRP F 173 30.36 17.96 9.55
N ASN F 174 30.91 16.81 9.13
CA ASN F 174 32.00 16.28 9.93
C ASN F 174 33.15 15.76 9.08
N GLY F 175 33.33 16.31 7.88
CA GLY F 175 34.43 15.90 7.03
C GLY F 175 35.82 15.96 7.64
N ASP F 176 35.99 16.61 8.79
CA ASP F 176 37.32 16.62 9.39
C ASP F 176 37.64 15.28 10.05
N LYS F 177 36.62 14.57 10.52
CA LYS F 177 36.79 13.32 11.27
C LYS F 177 36.12 12.11 10.64
N TYR F 178 35.03 12.31 9.91
CA TYR F 178 34.35 11.22 9.23
C TYR F 178 35.10 10.91 7.93
N LEU F 179 35.57 9.67 7.77
CA LEU F 179 36.36 9.34 6.59
C LEU F 179 35.54 9.46 5.31
N GLY F 180 34.23 9.20 5.38
CA GLY F 180 33.38 9.35 4.22
C GLY F 180 33.27 8.11 3.36
N PRO F 181 32.25 8.06 2.49
CA PRO F 181 31.94 6.80 1.78
C PRO F 181 33.05 6.32 0.86
N ALA F 182 33.74 7.21 0.13
CA ALA F 182 34.80 6.74 -0.76
C ALA F 182 35.89 6.01 0.03
N VAL F 183 36.40 6.65 1.07
CA VAL F 183 37.50 6.05 1.81
C VAL F 183 37.04 4.80 2.54
N LEU F 184 35.85 4.83 3.15
CA LEU F 184 35.38 3.67 3.89
C LEU F 184 35.19 2.46 2.98
N MET F 185 34.66 2.67 1.78
CA MET F 185 34.52 1.54 0.87
C MET F 185 35.88 0.97 0.48
N GLN F 186 36.87 1.81 0.22
CA GLN F 186 38.22 1.29 -0.02
C GLN F 186 38.78 0.58 1.21
N ALA F 187 38.48 1.08 2.42
CA ALA F 187 38.83 0.28 3.59
C ALA F 187 38.21 -1.12 3.51
N TYR F 188 36.94 -1.19 3.11
CA TYR F 188 36.28 -2.48 3.01
C TYR F 188 36.92 -3.35 1.93
N ARG F 189 37.33 -2.73 0.82
CA ARG F 189 38.03 -3.45 -0.25
C ARG F 189 39.29 -4.13 0.24
N TRP F 190 40.02 -3.53 1.18
CA TRP F 190 41.20 -4.23 1.68
C TRP F 190 40.86 -5.20 2.80
N MET F 191 39.75 -4.98 3.52
CA MET F 191 39.33 -5.94 4.54
C MET F 191 38.98 -7.29 3.93
N ILE F 192 38.25 -7.31 2.81
CA ILE F 192 37.77 -8.58 2.29
C ILE F 192 38.68 -9.17 1.23
N ASP F 193 39.82 -8.54 0.93
CA ASP F 193 40.79 -9.15 0.04
C ASP F 193 41.39 -10.38 0.70
N SER F 194 41.22 -11.55 0.09
CA SER F 194 41.70 -12.77 0.73
C SER F 194 43.20 -12.77 0.93
N ARG F 195 43.94 -11.97 0.17
CA ARG F 195 45.40 -11.91 0.27
C ARG F 195 45.90 -11.06 1.44
N ASP F 196 45.04 -10.24 2.03
CA ASP F 196 45.46 -9.26 3.04
C ASP F 196 45.28 -9.90 4.42
N ASP F 197 46.24 -9.67 5.30
CA ASP F 197 46.27 -10.34 6.59
C ASP F 197 45.90 -9.44 7.75
N TYR F 198 45.50 -8.19 7.50
CA TYR F 198 45.36 -7.18 8.55
C TYR F 198 43.91 -6.75 8.76
N THR F 199 42.96 -7.68 8.61
CA THR F 199 41.55 -7.32 8.68
C THR F 199 41.18 -6.78 10.06
N GLU F 200 41.60 -7.47 11.12
CA GLU F 200 41.22 -7.02 12.46
C GLU F 200 41.75 -5.62 12.73
N GLU F 201 43.01 -5.35 12.35
CA GLU F 201 43.59 -4.04 12.56
C GLU F 201 42.86 -2.98 11.73
N ARG F 202 42.50 -3.32 10.50
CA ARG F 202 41.73 -2.37 9.70
C ARG F 202 40.41 -2.03 10.37
N LEU F 203 39.80 -3.01 11.05
CA LEU F 203 38.56 -2.73 11.77
C LEU F 203 38.83 -1.93 13.05
N ALA F 204 39.84 -2.35 13.83
CA ALA F 204 40.17 -1.62 15.05
C ALA F 204 40.38 -0.14 14.77
N GLN F 205 40.82 0.21 13.55
CA GLN F 205 41.10 1.60 13.26
C GLN F 205 39.83 2.46 13.31
N LEU F 206 38.66 1.85 13.15
CA LEU F 206 37.40 2.56 13.07
C LEU F 206 36.68 2.62 14.41
N GLN F 207 37.32 2.16 15.49
CA GLN F 207 36.67 2.11 16.80
C GLN F 207 36.72 3.49 17.45
N ASP F 208 35.89 4.39 16.92
CA ASP F 208 35.75 5.72 17.50
C ASP F 208 34.45 6.31 16.97
N PRO F 209 34.00 7.45 17.52
CA PRO F 209 32.66 7.95 17.18
C PRO F 209 32.52 8.45 15.76
N PHE F 210 33.60 8.74 15.06
CA PHE F 210 33.51 9.54 13.85
C PHE F 210 33.93 8.83 12.58
N SER F 211 35.05 8.10 12.60
CA SER F 211 35.65 7.63 11.36
C SER F 211 34.64 6.90 10.50
N LEU F 212 33.90 5.98 11.10
CA LEU F 212 32.87 5.19 10.44
C LEU F 212 31.47 5.55 10.88
N TYR F 213 31.29 5.89 12.14
CA TYR F 213 29.96 5.88 12.74
C TYR F 213 29.21 7.20 12.59
N ARG F 214 29.75 8.17 11.85
CA ARG F 214 28.90 9.30 11.46
C ARG F 214 27.97 8.95 10.31
N CYS F 215 28.18 7.82 9.63
CA CYS F 215 27.24 7.36 8.61
C CYS F 215 25.89 7.00 9.24
N HIS F 216 24.81 7.63 8.76
CA HIS F 216 23.46 7.33 9.23
C HIS F 216 22.59 6.80 8.11
N THR F 217 23.19 6.16 7.10
CA THR F 217 22.45 5.46 6.05
C THR F 217 21.55 6.41 5.24
N ILE F 218 22.07 7.59 4.94
CA ILE F 218 21.33 8.57 4.14
C ILE F 218 21.23 8.13 2.69
N MET F 219 22.30 7.52 2.16
CA MET F 219 22.34 6.85 0.86
C MET F 219 22.40 7.81 -0.32
N ASN F 220 22.84 9.05 -0.12
CA ASN F 220 23.19 9.92 -1.23
C ASN F 220 24.40 9.41 -1.99
N CYS F 221 25.33 8.75 -1.27
CA CYS F 221 26.56 8.29 -1.90
C CYS F 221 26.26 7.30 -3.02
N THR F 222 25.41 6.32 -2.75
CA THR F 222 25.11 5.32 -3.76
C THR F 222 24.32 5.92 -4.90
N ARG F 223 23.41 6.85 -4.59
CA ARG F 223 22.63 7.48 -5.64
C ARG F 223 23.52 8.26 -6.60
N THR F 224 24.64 8.82 -6.11
CA THR F 224 25.41 9.77 -6.91
C THR F 224 26.61 9.15 -7.63
N CYS F 225 26.96 7.91 -7.33
CA CYS F 225 28.22 7.39 -7.84
C CYS F 225 28.17 7.23 -9.35
N PRO F 226 29.04 7.92 -10.11
CA PRO F 226 28.98 7.79 -11.58
C PRO F 226 29.47 6.44 -12.08
N LYS F 227 30.06 5.61 -11.24
CA LYS F 227 30.52 4.30 -11.65
C LYS F 227 29.53 3.18 -11.28
N GLY F 228 28.37 3.53 -10.72
CA GLY F 228 27.35 2.56 -10.38
C GLY F 228 27.62 1.76 -9.13
N LEU F 229 28.55 2.19 -8.29
CA LEU F 229 28.98 1.46 -7.12
C LEU F 229 28.04 1.74 -5.94
N ASN F 230 28.26 1.05 -4.83
CA ASN F 230 27.36 1.12 -3.68
C ASN F 230 28.14 1.21 -2.38
N PRO F 231 28.75 2.37 -2.11
CA PRO F 231 29.46 2.52 -0.83
C PRO F 231 28.55 2.47 0.38
N GLY F 232 27.27 2.81 0.25
CA GLY F 232 26.37 2.66 1.38
C GLY F 232 26.31 1.22 1.87
N LYS F 233 26.18 0.30 0.93
CA LYS F 233 26.17 -1.12 1.29
C LYS F 233 27.51 -1.55 1.86
N ALA F 234 28.60 -1.06 1.28
CA ALA F 234 29.92 -1.40 1.79
C ALA F 234 30.07 -0.96 3.24
N ILE F 235 29.53 0.21 3.56
CA ILE F 235 29.60 0.72 4.93
C ILE F 235 28.76 -0.13 5.86
N ALA F 236 27.59 -0.58 5.40
CA ALA F 236 26.79 -1.46 6.24
C ALA F 236 27.53 -2.76 6.53
N GLU F 237 28.33 -3.26 5.58
CA GLU F 237 29.05 -4.50 5.81
C GLU F 237 30.18 -4.31 6.82
N ILE F 238 30.83 -3.15 6.83
CA ILE F 238 31.82 -2.88 7.87
C ILE F 238 31.17 -2.87 9.24
N LYS F 239 30.02 -2.18 9.35
CA LYS F 239 29.32 -2.13 10.62
C LYS F 239 28.99 -3.54 11.13
N LYS F 240 28.58 -4.43 10.23
CA LYS F 240 28.30 -5.81 10.65
C LYS F 240 29.58 -6.53 11.09
N MET F 241 30.67 -6.36 10.34
CA MET F 241 31.95 -6.91 10.79
C MET F 241 32.39 -6.27 12.11
N MET F 242 32.21 -4.96 12.26
CA MET F 242 32.60 -4.29 13.49
C MET F 242 31.87 -4.89 14.68
N ALA F 243 30.62 -5.27 14.49
CA ALA F 243 29.81 -5.72 15.60
C ALA F 243 30.09 -7.16 15.99
N THR F 244 30.79 -7.94 15.14
CA THR F 244 30.93 -9.37 15.37
C THR F 244 32.37 -9.89 15.38
N TYR F 245 33.36 -9.10 15.01
CA TYR F 245 34.74 -9.60 14.97
C TYR F 245 35.29 -9.74 16.39
N LYS F 246 36.01 -10.83 16.62
CA LYS F 246 36.41 -11.19 17.97
C LYS F 246 37.81 -10.69 18.28
N GLU F 247 38.10 -10.63 19.59
CA GLU F 247 39.31 -10.03 20.14
C GLU F 247 39.10 -8.52 20.32
N LYS F 248 38.63 -8.15 21.51
CA LYS F 248 38.33 -6.76 21.84
C LYS F 248 39.59 -5.89 21.84
N ALA G 2 57.29 11.76 2.84
CA ALA G 2 57.71 13.05 3.37
C ALA G 2 56.78 13.51 4.47
N THR G 3 55.48 13.33 4.29
CA THR G 3 54.51 13.79 5.26
C THR G 3 53.45 12.72 5.51
N THR G 4 53.09 12.55 6.77
CA THR G 4 52.09 11.59 7.20
C THR G 4 50.67 12.12 6.92
N ALA G 5 49.70 11.20 6.96
CA ALA G 5 48.32 11.60 6.70
C ALA G 5 47.82 12.56 7.76
N LYS G 6 48.18 12.32 9.03
CA LYS G 6 47.75 13.21 10.10
C LYS G 6 48.36 14.59 9.92
N GLU G 7 49.63 14.65 9.50
CA GLU G 7 50.26 15.93 9.20
C GLU G 7 49.58 16.62 8.01
N GLU G 8 49.23 15.84 6.97
CA GLU G 8 48.58 16.43 5.82
C GLU G 8 47.24 17.05 6.19
N MET G 9 46.43 16.34 6.99
CA MET G 9 45.15 16.91 7.39
C MET G 9 45.34 18.20 8.18
N ALA G 10 46.26 18.22 9.15
CA ALA G 10 46.46 19.44 9.93
C ALA G 10 46.86 20.60 9.03
N ARG G 11 47.72 20.34 8.05
CA ARG G 11 48.13 21.41 7.14
C ARG G 11 46.95 21.86 6.27
N PHE G 12 46.11 20.92 5.85
CA PHE G 12 44.90 21.28 5.12
C PHE G 12 44.08 22.34 5.85
N TRP G 13 43.79 22.11 7.15
CA TRP G 13 42.92 23.04 7.87
C TRP G 13 43.65 24.33 8.21
N GLU G 14 44.94 24.28 8.51
CA GLU G 14 45.66 25.50 8.76
C GLU G 14 45.68 26.38 7.52
N LYS G 15 45.93 25.77 6.35
CA LYS G 15 45.94 26.52 5.10
C LYS G 15 44.58 27.13 4.80
N ASN G 16 43.53 26.32 4.82
CA ASN G 16 42.26 26.80 4.30
C ASN G 16 41.51 27.68 5.30
N THR G 17 41.53 27.38 6.60
CA THR G 17 40.79 28.21 7.54
C THR G 17 41.29 29.65 7.53
N LYS G 18 42.56 29.88 7.23
CA LYS G 18 43.11 31.23 7.21
C LYS G 18 43.26 31.78 5.80
N SER G 19 42.72 31.10 4.79
CA SER G 19 42.77 31.58 3.41
C SER G 19 41.56 32.48 3.12
N SER G 20 41.55 33.03 1.91
CA SER G 20 40.39 33.73 1.40
C SER G 20 39.43 32.80 0.66
N ARG G 21 39.72 31.49 0.62
CA ARG G 21 38.93 30.59 -0.21
C ARG G 21 37.52 30.50 0.31
N PRO G 22 36.52 30.55 -0.55
CA PRO G 22 35.14 30.34 -0.10
C PRO G 22 34.83 28.86 0.03
N LEU G 23 33.79 28.58 0.81
CA LEU G 23 33.23 27.24 0.86
C LEU G 23 32.16 27.13 -0.22
N SER G 24 32.26 26.12 -1.07
CA SER G 24 31.30 25.97 -2.15
C SER G 24 29.93 25.63 -1.57
N PRO G 25 28.86 26.10 -2.20
CA PRO G 25 27.52 25.87 -1.62
C PRO G 25 27.17 24.39 -1.55
N HIS G 26 26.25 24.07 -0.64
CA HIS G 26 25.85 22.69 -0.41
C HIS G 26 24.33 22.56 -0.30
N ILE G 27 23.75 22.84 0.89
CA ILE G 27 22.32 22.58 1.04
C ILE G 27 21.49 23.46 0.10
N SER G 28 22.02 24.62 -0.29
CA SER G 28 21.22 25.51 -1.12
C SER G 28 21.22 25.12 -2.59
N ILE G 29 22.10 24.21 -3.01
CA ILE G 29 22.17 23.83 -4.42
C ILE G 29 21.98 22.34 -4.65
N TYR G 30 21.99 21.49 -3.62
CA TYR G 30 21.91 20.06 -3.85
C TYR G 30 20.49 19.62 -4.15
N LYS G 31 20.36 18.75 -5.14
CA LYS G 31 19.04 18.26 -5.54
C LYS G 31 18.48 17.34 -4.47
N TRP G 32 17.19 17.48 -4.20
CA TRP G 32 16.53 16.68 -3.19
C TRP G 32 16.05 15.34 -3.76
N SER G 33 15.87 14.38 -2.86
CA SER G 33 15.30 13.10 -3.22
C SER G 33 14.43 12.62 -2.07
N LEU G 34 13.56 11.67 -2.35
CA LEU G 34 12.70 11.12 -1.30
C LEU G 34 13.52 10.47 -0.20
N PRO G 35 14.53 9.64 -0.48
CA PRO G 35 15.35 9.10 0.60
C PRO G 35 16.01 10.17 1.46
N MET G 36 16.56 11.22 0.86
CA MET G 36 17.19 12.25 1.68
C MET G 36 16.17 12.97 2.54
N ALA G 37 14.97 13.23 1.99
CA ALA G 37 13.94 13.90 2.77
C ALA G 37 13.42 13.02 3.88
N MET G 38 13.26 11.72 3.61
CA MET G 38 12.79 10.82 4.64
C MET G 38 13.83 10.65 5.74
N SER G 39 15.10 10.75 5.39
CA SER G 39 16.16 10.67 6.39
C SER G 39 16.09 11.85 7.36
N ILE G 40 15.91 13.06 6.83
CA ILE G 40 15.75 14.24 7.66
C ILE G 40 14.51 14.13 8.54
N THR G 41 13.44 13.55 8.00
CA THR G 41 12.18 13.46 8.71
C THR G 41 12.23 12.41 9.80
N HIS G 42 13.02 11.36 9.61
CA HIS G 42 13.22 10.40 10.69
C HIS G 42 13.90 11.06 11.88
N ARG G 43 14.91 11.91 11.62
CA ARG G 43 15.54 12.66 12.69
C ARG G 43 14.56 13.67 13.31
N GLY G 44 13.82 14.39 12.47
CA GLY G 44 12.84 15.32 13.00
C GLY G 44 11.80 14.65 13.88
N THR G 45 11.26 13.50 13.45
CA THR G 45 10.25 12.87 14.29
C THR G 45 10.86 12.34 15.58
N GLY G 46 12.07 11.77 15.50
CA GLY G 46 12.73 11.29 16.71
C GLY G 46 12.88 12.39 17.75
N VAL G 47 13.37 13.56 17.33
CA VAL G 47 13.54 14.67 18.25
C VAL G 47 12.18 15.15 18.76
N ALA G 48 11.18 15.23 17.88
CA ALA G 48 9.87 15.64 18.33
C ALA G 48 9.32 14.69 19.38
N LEU G 49 9.52 13.39 19.18
CA LEU G 49 9.01 12.41 20.14
C LEU G 49 9.73 12.53 21.48
N SER G 50 11.04 12.79 21.45
CA SER G 50 11.79 12.90 22.69
C SER G 50 11.35 14.14 23.47
N LEU G 51 11.23 15.28 22.79
N LEU G 51 11.25 15.28 22.79
CA LEU G 51 10.75 16.47 23.46
CA LEU G 51 10.72 16.48 23.43
C LEU G 51 9.33 16.27 23.98
C LEU G 51 9.35 16.22 24.01
N GLY G 52 8.52 15.48 23.27
CA GLY G 52 7.20 15.14 23.79
C GLY G 52 7.27 14.35 25.08
N VAL G 53 8.09 13.30 25.10
CA VAL G 53 8.24 12.50 26.32
C VAL G 53 8.77 13.35 27.46
N SER G 54 9.75 14.22 27.19
CA SER G 54 10.33 15.03 28.26
C SER G 54 9.31 16.03 28.81
N LEU G 55 8.53 16.65 27.92
CA LEU G 55 7.48 17.57 28.36
C LEU G 55 6.44 16.86 29.22
N PHE G 56 5.97 15.70 28.76
CA PHE G 56 5.01 14.94 29.56
C PHE G 56 5.60 14.59 30.92
N SER G 57 6.82 14.06 30.93
CA SER G 57 7.47 13.75 32.20
C SER G 57 7.57 14.97 33.08
N LEU G 58 7.85 16.13 32.47
CA LEU G 58 7.93 17.38 33.23
C LEU G 58 6.55 17.79 33.76
N ALA G 59 5.52 17.70 32.92
CA ALA G 59 4.17 18.06 33.34
C ALA G 59 3.71 17.20 34.52
N ALA G 60 4.08 15.92 34.53
CA ALA G 60 3.66 15.04 35.62
C ALA G 60 4.26 15.49 36.95
N LEU G 61 5.50 15.97 36.93
CA LEU G 61 6.16 16.38 38.16
C LEU G 61 5.62 17.70 38.67
N LEU G 62 5.27 18.62 37.77
CA LEU G 62 4.95 19.98 38.15
C LEU G 62 3.45 20.26 38.26
N LEU G 63 2.63 19.67 37.40
CA LEU G 63 1.21 19.98 37.42
C LEU G 63 0.57 19.54 38.73
N PRO G 64 -0.44 20.28 39.19
CA PRO G 64 -1.02 19.99 40.51
C PRO G 64 -1.88 18.74 40.53
N GLU G 65 -2.64 18.49 39.46
CA GLU G 65 -3.68 17.47 39.47
C GLU G 65 -3.18 16.17 38.84
N GLN G 66 -3.87 15.08 39.18
CA GLN G 66 -3.60 13.79 38.56
C GLN G 66 -4.08 13.78 37.11
N PHE G 67 -3.58 12.80 36.36
CA PHE G 67 -3.91 12.73 34.94
C PHE G 67 -5.41 12.61 34.67
N PRO G 68 -6.18 11.78 35.38
CA PRO G 68 -7.61 11.67 35.07
C PRO G 68 -8.38 12.97 35.23
N HIS G 69 -7.88 13.92 36.03
CA HIS G 69 -8.56 15.20 36.15
C HIS G 69 -8.54 15.95 34.83
N TYR G 70 -7.38 16.04 34.18
CA TYR G 70 -7.29 16.77 32.91
C TYR G 70 -8.03 16.03 31.80
N VAL G 71 -8.07 14.70 31.85
CA VAL G 71 -8.88 13.95 30.90
C VAL G 71 -10.36 14.30 31.06
N ALA G 72 -10.81 14.43 32.30
CA ALA G 72 -12.21 14.76 32.55
C ALA G 72 -12.53 16.18 32.08
N VAL G 73 -11.63 17.14 32.35
CA VAL G 73 -11.86 18.51 31.92
C VAL G 73 -12.04 18.57 30.41
N VAL G 74 -11.21 17.84 29.66
CA VAL G 74 -11.30 17.87 28.20
C VAL G 74 -12.62 17.27 27.75
N LYS G 75 -12.99 16.11 28.31
CA LYS G 75 -14.26 15.48 27.93
C LYS G 75 -15.44 16.40 28.21
N SER G 76 -15.33 17.25 29.23
CA SER G 76 -16.43 18.13 29.63
C SER G 76 -16.66 19.27 28.65
N LEU G 77 -15.66 19.58 27.81
CA LEU G 77 -15.83 20.65 26.83
C LEU G 77 -16.71 20.24 25.65
N SER G 78 -16.86 18.94 25.41
CA SER G 78 -17.65 18.43 24.30
C SER G 78 -17.16 19.01 22.97
N LEU G 79 -15.90 18.74 22.67
CA LEU G 79 -15.34 19.20 21.41
C LEU G 79 -15.80 18.31 20.26
N SER G 80 -15.78 18.88 19.06
CA SER G 80 -16.26 18.16 17.89
C SER G 80 -15.47 16.86 17.71
N PRO G 81 -16.14 15.75 17.42
CA PRO G 81 -15.40 14.51 17.14
C PRO G 81 -14.46 14.65 15.96
N ALA G 82 -14.79 15.51 14.99
CA ALA G 82 -13.86 15.76 13.89
C ALA G 82 -12.58 16.41 14.39
N LEU G 83 -12.69 17.36 15.33
CA LEU G 83 -11.51 17.99 15.87
C LEU G 83 -10.69 17.03 16.71
N ILE G 84 -11.37 16.17 17.47
CA ILE G 84 -10.65 15.20 18.30
C ILE G 84 -9.93 14.18 17.43
N TYR G 85 -10.60 13.71 16.37
CA TYR G 85 -9.93 12.80 15.44
C TYR G 85 -8.72 13.48 14.82
N SER G 86 -8.85 14.74 14.42
CA SER G 86 -7.71 15.44 13.84
C SER G 86 -6.57 15.52 14.84
N ALA G 87 -6.88 15.74 16.11
CA ALA G 87 -5.84 15.77 17.13
C ALA G 87 -5.20 14.40 17.32
N LYS G 88 -6.01 13.34 17.29
CA LYS G 88 -5.46 11.98 17.37
C LYS G 88 -4.53 11.69 16.20
N PHE G 89 -4.92 12.08 14.99
CA PHE G 89 -4.08 11.83 13.82
C PHE G 89 -2.74 12.54 13.97
N ALA G 90 -2.76 13.81 14.39
CA ALA G 90 -1.51 14.57 14.50
C ALA G 90 -0.59 14.01 15.57
N LEU G 91 -1.16 13.41 16.62
CA LEU G 91 -0.32 12.83 17.67
C LEU G 91 0.33 11.54 17.20
N VAL G 92 -0.46 10.63 16.61
CA VAL G 92 0.08 9.33 16.23
C VAL G 92 0.95 9.39 14.98
N PHE G 93 0.78 10.39 14.12
CA PHE G 93 1.51 10.40 12.85
C PHE G 93 3.03 10.40 13.02
N PRO G 94 3.63 11.31 13.79
CA PRO G 94 5.10 11.27 13.94
C PRO G 94 5.58 9.96 14.56
N LEU G 95 4.82 9.42 15.51
CA LEU G 95 5.22 8.14 16.10
C LEU G 95 5.11 7.02 15.08
N SER G 96 4.06 7.05 14.25
CA SER G 96 3.89 6.01 13.24
C SER G 96 5.00 6.06 12.20
N TYR G 97 5.36 7.27 11.76
CA TYR G 97 6.41 7.42 10.77
C TYR G 97 7.74 6.93 11.31
N HIS G 98 8.12 7.40 12.51
CA HIS G 98 9.40 7.03 13.09
C HIS G 98 9.48 5.52 13.31
N THR G 99 8.37 4.90 13.70
CA THR G 99 8.35 3.46 13.97
C THR G 99 8.53 2.65 12.69
N TRP G 100 7.72 2.93 11.67
CA TRP G 100 7.87 2.20 10.41
C TRP G 100 9.24 2.46 9.80
N ASN G 101 9.64 3.74 9.72
CA ASN G 101 10.94 4.06 9.14
C ASN G 101 12.08 3.52 10.00
N GLY G 102 11.84 3.34 11.30
CA GLY G 102 12.85 2.73 12.14
C GLY G 102 13.10 1.28 11.79
N ILE G 103 12.01 0.52 11.58
CA ILE G 103 12.12 -0.84 11.08
C ILE G 103 12.92 -0.85 9.78
N ARG G 104 12.66 0.11 8.91
CA ARG G 104 13.42 0.21 7.67
C ARG G 104 14.91 0.38 7.95
N HIS G 105 15.25 1.22 8.93
CA HIS G 105 16.66 1.36 9.34
C HIS G 105 17.22 0.06 9.89
N LEU G 106 16.45 -0.64 10.72
CA LEU G 106 16.96 -1.88 11.30
C LEU G 106 17.22 -2.94 10.24
N VAL G 107 16.38 -2.98 9.19
CA VAL G 107 16.64 -3.88 8.07
C VAL G 107 17.92 -3.47 7.34
N TRP G 108 18.13 -2.16 7.13
CA TRP G 108 19.41 -1.71 6.56
C TRP G 108 20.58 -2.17 7.42
N ASP G 109 20.43 -2.08 8.74
CA ASP G 109 21.53 -2.46 9.62
C ASP G 109 21.84 -3.95 9.54
N MET G 110 20.87 -4.76 9.13
CA MET G 110 21.10 -6.18 8.84
C MET G 110 21.71 -6.40 7.46
N GLY G 111 22.02 -5.33 6.73
CA GLY G 111 22.66 -5.44 5.43
C GLY G 111 21.73 -5.67 4.26
N LYS G 112 20.42 -5.49 4.43
CA LYS G 112 19.45 -5.78 3.40
C LYS G 112 18.80 -4.51 2.87
N GLY G 113 18.50 -4.50 1.57
CA GLY G 113 17.73 -3.42 0.98
C GLY G 113 18.52 -2.23 0.45
N PHE G 114 19.75 -2.45 -0.02
CA PHE G 114 20.62 -1.33 -0.37
C PHE G 114 20.65 -0.99 -1.86
N LYS G 115 19.98 -1.77 -2.72
CA LYS G 115 19.83 -1.36 -4.11
C LYS G 115 19.00 -0.08 -4.19
N LEU G 116 19.45 0.87 -5.02
CA LEU G 116 18.72 2.14 -5.15
C LEU G 116 17.22 1.91 -5.33
N SER G 117 16.84 0.92 -6.15
CA SER G 117 15.42 0.65 -6.36
C SER G 117 14.75 0.18 -5.08
N GLN G 118 15.45 -0.61 -4.26
CA GLN G 118 14.86 -1.02 -2.98
C GLN G 118 14.78 0.16 -2.02
N VAL G 119 15.79 1.03 -2.05
CA VAL G 119 15.76 2.21 -1.20
C VAL G 119 14.55 3.08 -1.53
N GLU G 120 14.31 3.31 -2.82
CA GLU G 120 13.13 4.07 -3.22
C GLU G 120 11.84 3.35 -2.83
N GLN G 121 11.77 2.05 -3.10
CA GLN G 121 10.50 1.35 -2.88
C GLN G 121 10.18 1.22 -1.38
N SER G 122 11.19 0.95 -0.55
CA SER G 122 10.91 0.79 0.87
C SER G 122 10.48 2.12 1.49
N GLY G 123 11.04 3.22 1.01
CA GLY G 123 10.60 4.53 1.48
C GLY G 123 9.14 4.78 1.19
N VAL G 124 8.68 4.45 -0.03
CA VAL G 124 7.28 4.61 -0.38
C VAL G 124 6.40 3.70 0.49
N VAL G 125 6.84 2.46 0.71
CA VAL G 125 6.06 1.57 1.58
C VAL G 125 5.94 2.16 2.97
N VAL G 126 7.03 2.71 3.52
CA VAL G 126 6.97 3.30 4.85
C VAL G 126 5.93 4.43 4.89
N LEU G 127 5.85 5.22 3.82
CA LEU G 127 4.89 6.32 3.78
C LEU G 127 3.46 5.81 3.74
N ILE G 128 3.20 4.76 2.97
CA ILE G 128 1.85 4.22 2.92
C ILE G 128 1.46 3.61 4.26
N LEU G 129 2.36 2.81 4.84
CA LEU G 129 2.08 2.20 6.15
C LEU G 129 1.86 3.26 7.23
N THR G 130 2.56 4.40 7.11
CA THR G 130 2.36 5.48 8.08
C THR G 130 0.98 6.11 7.94
N LEU G 131 0.53 6.34 6.71
CA LEU G 131 -0.79 6.95 6.52
C LEU G 131 -1.91 5.97 6.92
N LEU G 132 -1.82 4.72 6.47
CA LEU G 132 -2.85 3.74 6.82
C LEU G 132 -2.97 3.59 8.32
N SER G 133 -1.86 3.29 8.99
CA SER G 133 -1.94 3.03 10.42
C SER G 133 -2.45 4.26 11.17
N SER G 134 -1.90 5.43 10.84
CA SER G 134 -2.33 6.65 11.52
C SER G 134 -3.82 6.91 11.31
N ALA G 135 -4.31 6.74 10.08
CA ALA G 135 -5.74 6.90 9.84
C ALA G 135 -6.55 5.89 10.64
N ALA G 136 -6.09 4.64 10.69
CA ALA G 136 -6.79 3.62 11.46
C ALA G 136 -6.77 3.94 12.94
N ILE G 137 -5.60 4.30 13.47
CA ILE G 137 -5.47 4.52 14.90
C ILE G 137 -6.26 5.75 15.34
N ALA G 138 -6.28 6.80 14.51
CA ALA G 138 -7.03 8.00 14.86
C ALA G 138 -8.53 7.73 15.01
N ALA G 139 -9.06 6.74 14.30
CA ALA G 139 -10.49 6.45 14.36
C ALA G 139 -10.87 5.54 15.53
N MET G 140 -9.90 5.01 16.27
CA MET G 140 -10.19 4.21 17.47
C MET G 140 -10.57 5.13 18.62
N SER H 3 38.22 -1.64 24.13
CA SER H 3 38.78 -1.31 22.82
C SER H 3 37.70 -1.37 21.74
N LYS H 4 36.63 -2.14 21.97
CA LYS H 4 35.49 -2.20 21.08
C LYS H 4 34.34 -1.32 21.57
N ALA H 5 34.64 -0.20 22.22
CA ALA H 5 33.59 0.60 22.82
C ALA H 5 32.62 1.14 21.77
N ALA H 6 33.14 1.59 20.63
CA ALA H 6 32.28 2.22 19.63
C ALA H 6 31.31 1.20 19.03
N SER H 7 31.82 0.04 18.61
CA SER H 7 30.93 -0.95 18.03
C SER H 7 29.95 -1.48 19.08
N LEU H 8 30.40 -1.62 20.31
CA LEU H 8 29.51 -2.07 21.37
C LEU H 8 28.35 -1.12 21.56
N HIS H 9 28.63 0.18 21.54
CA HIS H 9 27.56 1.17 21.67
C HIS H 9 26.59 1.08 20.51
N TRP H 10 27.12 1.02 19.29
CA TRP H 10 26.28 0.84 18.11
C TRP H 10 25.37 -0.36 18.28
N THR H 11 25.92 -1.49 18.73
CA THR H 11 25.12 -2.68 18.94
C THR H 11 24.04 -2.44 20.00
N SER H 12 24.42 -1.78 21.11
CA SER H 12 23.45 -1.53 22.18
C SER H 12 22.30 -0.66 21.71
N GLU H 13 22.59 0.35 20.89
CA GLU H 13 21.56 1.22 20.34
C GLU H 13 20.53 0.43 19.53
N ARG H 14 21.01 -0.46 18.68
CA ARG H 14 20.08 -1.28 17.89
C ARG H 14 19.26 -2.20 18.79
N ALA H 15 19.89 -2.76 19.83
CA ALA H 15 19.15 -3.62 20.75
C ALA H 15 18.03 -2.85 21.44
N VAL H 16 18.32 -1.65 21.93
CA VAL H 16 17.27 -0.88 22.60
C VAL H 16 16.19 -0.46 21.61
N SER H 17 16.56 -0.18 20.36
CA SER H 17 15.55 0.14 19.36
C SER H 17 14.60 -1.03 19.15
N ALA H 18 15.16 -2.24 19.01
CA ALA H 18 14.32 -3.42 18.86
C ALA H 18 13.43 -3.63 20.09
N LEU H 19 14.00 -3.49 21.28
CA LEU H 19 13.21 -3.58 22.50
C LEU H 19 12.01 -2.65 22.46
N LEU H 20 12.26 -1.34 22.24
CA LEU H 20 11.16 -0.39 22.11
C LEU H 20 10.10 -0.93 21.14
N LEU H 21 10.54 -1.50 20.02
CA LEU H 21 9.61 -2.07 19.06
C LEU H 21 8.75 -3.15 19.71
N GLY H 22 9.38 -4.06 20.43
CA GLY H 22 8.62 -5.13 21.07
C GLY H 22 7.69 -4.63 22.16
N LEU H 23 8.01 -3.51 22.79
CA LEU H 23 7.17 -3.00 23.87
C LEU H 23 5.89 -2.36 23.36
N LEU H 24 5.89 -1.83 22.14
CA LEU H 24 4.64 -1.32 21.57
C LEU H 24 3.53 -2.37 21.61
N PRO H 25 3.67 -3.52 20.95
CA PRO H 25 2.61 -4.55 21.05
C PRO H 25 2.37 -4.99 22.49
N ALA H 26 3.44 -5.07 23.30
CA ALA H 26 3.28 -5.51 24.68
C ALA H 26 2.35 -4.56 25.45
N ALA H 27 2.48 -3.26 25.20
CA ALA H 27 1.63 -2.28 25.88
C ALA H 27 0.16 -2.49 25.53
N TYR H 28 -0.13 -2.99 24.32
CA TYR H 28 -1.52 -3.22 23.92
C TYR H 28 -2.06 -4.51 24.50
N LEU H 29 -1.22 -5.54 24.59
CA LEU H 29 -1.68 -6.85 25.05
C LEU H 29 -1.58 -7.03 26.56
N TYR H 30 -0.57 -6.44 27.19
CA TYR H 30 -0.30 -6.69 28.61
C TYR H 30 0.04 -5.37 29.32
N PRO H 31 -0.90 -4.44 29.37
CA PRO H 31 -0.66 -3.20 30.11
C PRO H 31 -0.33 -3.50 31.57
N GLY H 32 0.17 -2.48 32.26
CA GLY H 32 0.42 -2.61 33.68
C GLY H 32 1.86 -2.29 34.06
N PRO H 33 2.23 -2.63 35.29
CA PRO H 33 3.51 -2.14 35.82
C PRO H 33 4.73 -2.57 35.03
N ALA H 34 4.83 -3.85 34.68
CA ALA H 34 6.03 -4.33 34.00
C ALA H 34 6.29 -3.54 32.71
N VAL H 35 5.29 -3.45 31.84
CA VAL H 35 5.44 -2.66 30.62
C VAL H 35 5.65 -1.20 30.94
N ASP H 36 4.90 -0.68 31.92
CA ASP H 36 4.95 0.75 32.24
C ASP H 36 6.38 1.20 32.55
N TYR H 37 7.09 0.44 33.38
CA TYR H 37 8.45 0.83 33.75
C TYR H 37 9.47 0.47 32.68
N SER H 38 9.21 -0.60 31.91
CA SER H 38 10.11 -0.93 30.81
C SER H 38 10.07 0.15 29.73
N LEU H 39 8.88 0.66 29.41
CA LEU H 39 8.77 1.79 28.50
C LEU H 39 9.49 3.01 29.03
N ALA H 40 9.33 3.28 30.33
CA ALA H 40 10.04 4.39 30.95
C ALA H 40 11.55 4.28 30.73
N ALA H 41 12.10 3.09 30.93
CA ALA H 41 13.53 2.90 30.76
C ALA H 41 13.93 2.93 29.28
N ALA H 42 13.24 2.17 28.43
CA ALA H 42 13.63 2.09 27.02
C ALA H 42 13.44 3.42 26.29
N LEU H 43 12.34 4.12 26.56
CA LEU H 43 12.15 5.44 25.97
C LEU H 43 13.27 6.38 26.38
N THR H 44 13.63 6.39 27.65
CA THR H 44 14.66 7.33 28.10
C THR H 44 16.00 7.02 27.45
N LEU H 45 16.37 5.74 27.43
CA LEU H 45 17.69 5.36 26.93
C LEU H 45 17.77 5.52 25.41
N HIS H 46 16.71 5.09 24.70
CA HIS H 46 16.66 5.30 23.25
C HIS H 46 16.71 6.79 22.92
N GLY H 47 15.93 7.60 23.66
CA GLY H 47 15.96 9.03 23.44
C GLY H 47 17.30 9.67 23.77
N HIS H 48 17.90 9.27 24.90
CA HIS H 48 19.18 9.83 25.30
C HIS H 48 20.25 9.59 24.24
N TRP H 49 20.38 8.34 23.78
CA TRP H 49 21.39 8.04 22.77
C TRP H 49 21.08 8.72 21.44
N GLY H 50 19.79 8.83 21.11
CA GLY H 50 19.42 9.46 19.85
C GLY H 50 19.80 10.92 19.80
N LEU H 51 19.40 11.68 20.83
CA LEU H 51 19.82 13.07 20.91
C LEU H 51 21.34 13.18 21.01
N GLY H 52 21.99 12.17 21.60
CA GLY H 52 23.44 12.14 21.60
C GLY H 52 24.02 12.11 20.20
N GLN H 53 23.43 11.29 19.32
CA GLN H 53 23.88 11.29 17.94
C GLN H 53 23.68 12.67 17.30
N VAL H 54 22.54 13.30 17.57
CA VAL H 54 22.29 14.63 17.02
C VAL H 54 23.36 15.60 17.48
N ILE H 55 23.68 15.57 18.77
CA ILE H 55 24.73 16.43 19.32
C ILE H 55 26.05 16.17 18.61
N THR H 56 26.48 14.91 18.55
CA THR H 56 27.78 14.59 17.94
C THR H 56 27.86 15.12 16.51
N ASP H 57 26.75 15.08 15.77
CA ASP H 57 26.75 15.50 14.38
C ASP H 57 26.94 17.01 14.26
N TYR H 58 26.22 17.78 15.07
CA TYR H 58 26.04 19.20 14.84
C TYR H 58 26.85 20.11 15.76
N VAL H 59 27.17 19.67 16.97
CA VAL H 59 27.89 20.50 17.92
C VAL H 59 29.39 20.25 17.77
N HIS H 60 30.16 21.32 17.60
CA HIS H 60 31.60 21.20 17.47
C HIS H 60 32.29 22.17 18.41
N GLY H 61 33.52 21.84 18.78
CA GLY H 61 34.25 22.59 19.77
C GLY H 61 34.23 21.88 21.11
N ASP H 62 35.39 21.79 21.77
CA ASP H 62 35.51 21.00 22.99
C ASP H 62 34.48 21.43 24.03
N THR H 63 34.41 22.74 24.32
CA THR H 63 33.54 23.20 25.39
C THR H 63 32.06 23.11 25.01
N PRO H 64 31.63 23.64 23.86
CA PRO H 64 30.24 23.38 23.42
C PRO H 64 29.82 21.91 23.50
N ILE H 65 30.69 20.96 23.13
CA ILE H 65 30.30 19.55 23.16
C ILE H 65 30.09 19.09 24.61
N LYS H 66 31.03 19.42 25.50
CA LYS H 66 30.88 19.03 26.90
C LYS H 66 29.62 19.64 27.50
N VAL H 67 29.33 20.90 27.19
CA VAL H 67 28.13 21.52 27.72
C VAL H 67 26.89 20.82 27.21
N ALA H 68 26.81 20.59 25.89
CA ALA H 68 25.64 19.96 25.30
C ALA H 68 25.37 18.60 25.94
N ASN H 69 26.41 17.79 26.10
CA ASN H 69 26.22 16.45 26.65
C ASN H 69 25.88 16.48 28.12
N THR H 70 26.39 17.47 28.86
CA THR H 70 25.98 17.60 30.25
C THR H 70 24.50 17.93 30.36
N GLY H 71 24.03 18.86 29.53
CA GLY H 71 22.61 19.21 29.56
C GLY H 71 21.73 18.04 29.18
N LEU H 72 22.17 17.23 28.21
CA LEU H 72 21.39 16.06 27.82
C LEU H 72 21.22 15.11 28.99
N TYR H 73 22.31 14.82 29.71
CA TYR H 73 22.23 14.01 30.92
C TYR H 73 21.17 14.54 31.88
N VAL H 74 21.12 15.85 32.06
CA VAL H 74 20.15 16.44 32.97
C VAL H 74 18.74 16.16 32.48
N LEU H 75 18.49 16.43 31.19
CA LEU H 75 17.16 16.20 30.61
C LEU H 75 16.76 14.74 30.72
N SER H 76 17.67 13.82 30.39
CA SER H 76 17.36 12.39 30.49
C SER H 76 17.01 12.01 31.92
N ALA H 77 17.80 12.47 32.89
CA ALA H 77 17.56 12.10 34.28
C ALA H 77 16.21 12.63 34.77
N ILE H 78 15.91 13.90 34.47
CA ILE H 78 14.61 14.46 34.83
C ILE H 78 13.49 13.69 34.13
N THR H 79 13.72 13.32 32.86
CA THR H 79 12.69 12.63 32.08
C THR H 79 12.38 11.26 32.68
N PHE H 80 13.41 10.44 32.90
CA PHE H 80 13.17 9.12 33.49
C PHE H 80 12.57 9.22 34.89
N THR H 81 12.91 10.27 35.64
CA THR H 81 12.34 10.44 36.98
C THR H 81 10.84 10.71 36.91
N GLY H 82 10.42 11.61 36.01
CA GLY H 82 9.00 11.90 35.88
C GLY H 82 8.19 10.70 35.45
N LEU H 83 8.69 9.94 34.47
CA LEU H 83 7.97 8.77 33.99
C LEU H 83 7.75 7.77 35.11
N CYS H 84 8.80 7.47 35.88
CA CYS H 84 8.66 6.57 37.03
C CYS H 84 7.72 7.17 38.07
N TYR H 85 7.86 8.47 38.35
CA TYR H 85 6.94 9.14 39.28
C TYR H 85 5.49 9.02 38.78
N PHE H 86 5.27 9.26 37.49
CA PHE H 86 3.94 9.11 36.92
C PHE H 86 3.45 7.66 37.03
N ASN H 87 4.34 6.70 36.77
CA ASN H 87 3.95 5.29 36.88
C ASN H 87 3.55 4.94 38.31
N TYR H 88 4.27 5.48 39.30
CA TYR H 88 4.07 5.05 40.68
C TYR H 88 2.89 5.75 41.34
N TYR H 89 2.84 7.09 41.25
CA TYR H 89 1.80 7.87 41.91
C TYR H 89 0.60 8.19 41.03
N ASP H 90 0.57 7.71 39.80
CA ASP H 90 -0.56 7.99 38.90
C ASP H 90 -0.94 6.70 38.19
N VAL H 91 -1.70 6.84 37.09
CA VAL H 91 -2.29 5.69 36.42
C VAL H 91 -1.28 4.90 35.59
N GLY H 92 -0.15 5.50 35.22
CA GLY H 92 0.86 4.82 34.44
C GLY H 92 0.71 5.05 32.94
N ILE H 93 1.81 4.81 32.22
CA ILE H 93 1.88 5.15 30.81
C ILE H 93 0.80 4.42 30.02
N CYS H 94 0.66 3.12 30.25
CA CYS H 94 -0.27 2.31 29.45
C CYS H 94 -1.71 2.81 29.61
N LYS H 95 -2.15 2.98 30.85
CA LYS H 95 -3.51 3.43 31.10
C LYS H 95 -3.68 4.91 30.75
N ALA H 96 -2.61 5.70 30.85
CA ALA H 96 -2.69 7.09 30.45
C ALA H 96 -3.00 7.22 28.96
N VAL H 97 -2.38 6.36 28.13
CA VAL H 97 -2.63 6.41 26.70
C VAL H 97 -4.06 5.97 26.38
N ALA H 98 -4.56 4.96 27.08
CA ALA H 98 -5.92 4.48 26.83
C ALA H 98 -6.94 5.52 27.28
N MET H 99 -6.71 6.16 28.42
CA MET H 99 -7.60 7.24 28.85
C MET H 99 -7.57 8.40 27.88
N LEU H 100 -6.37 8.77 27.40
CA LEU H 100 -6.27 9.86 26.43
C LEU H 100 -7.10 9.56 25.19
N TRP H 101 -7.08 8.31 24.73
CA TRP H 101 -7.78 7.92 23.51
C TRP H 101 -9.26 7.67 23.74
N SER H 102 -9.75 7.76 24.97
CA SER H 102 -11.17 7.65 25.26
C SER H 102 -11.92 8.95 25.06
N ILE H 103 -11.46 9.80 24.14
CA ILE H 103 -11.98 11.16 24.00
C ILE H 103 -12.55 11.36 22.60
PA FAD I . -51.13 -12.25 17.26
O1A FAD I . -50.57 -12.36 18.64
O2A FAD I . -50.20 -12.71 16.04
O5B FAD I . -51.56 -10.73 16.94
C5B FAD I . -52.71 -10.19 17.60
C4B FAD I . -53.15 -8.95 16.85
O4B FAD I . -54.15 -8.28 17.64
C3B FAD I . -51.98 -7.97 16.69
O3B FAD I . -51.95 -7.57 15.32
C2B FAD I . -52.37 -6.75 17.53
O2B FAD I . -52.00 -5.60 16.81
C1B FAD I . -53.91 -6.88 17.61
N9A FAD I . -54.38 -6.22 18.82
C8A FAD I . -54.14 -6.55 20.13
N7A FAD I . -54.70 -5.74 20.98
C5A FAD I . -55.32 -4.80 20.20
C6A FAD I . -56.07 -3.67 20.51
N6A FAD I . -56.26 -3.31 21.82
N1A FAD I . -56.57 -2.94 19.50
C2A FAD I . -56.31 -3.33 18.25
N3A FAD I . -55.62 -4.38 17.82
C4A FAD I . -55.13 -5.08 18.85
N1 FAD I . -47.69 -21.68 17.12
C2 FAD I . -47.47 -22.60 16.14
O2 FAD I . -48.40 -23.29 15.75
N3 FAD I . -46.26 -22.82 15.59
C4 FAD I . -45.12 -22.17 15.94
O4 FAD I . -44.07 -22.44 15.39
C4X FAD I . -45.30 -21.16 17.00
N5 FAD I . -44.24 -20.48 17.40
C5X FAD I . -44.42 -19.53 18.35
C6 FAD I . -43.31 -18.78 18.79
C7 FAD I . -43.45 -17.82 19.76
C7M FAD I . -42.24 -17.01 20.21
C8 FAD I . -44.69 -17.57 20.33
C8M FAD I . -44.80 -16.51 21.38
C9 FAD I . -45.81 -18.29 19.92
C9A FAD I . -45.70 -19.27 18.93
N10 FAD I . -46.80 -20.00 18.51
C10 FAD I . -46.65 -20.97 17.54
C1' FAD I . -48.15 -19.74 19.05
C2' FAD I . -48.73 -18.87 17.96
O2' FAD I . -47.66 -18.26 17.24
C3' FAD I . -49.63 -17.76 18.49
O3' FAD I . -50.59 -18.37 19.33
C4' FAD I . -50.32 -17.06 17.31
O4' FAD I . -49.34 -16.55 16.42
C5' FAD I . -51.26 -15.91 17.72
O5' FAD I . -51.80 -15.38 16.50
P FAD I . -53.00 -14.33 16.47
O1P FAD I . -53.32 -13.97 15.07
O2P FAD I . -54.13 -15.03 17.35
O3P FAD I . -52.54 -12.99 17.27
C1 Y3P J . -41.99 -23.86 18.65
O1 Y3P J . -41.34 -24.56 19.44
C2 Y3P J . -43.45 -23.52 19.05
O2 Y3P J . -41.56 -23.43 17.48
C3 Y3P J . -44.49 -24.10 18.48
O3 Y3P J . -43.59 -22.62 20.08
C4 Y3P J . -45.90 -23.84 18.92
O4 Y3P J . -46.03 -23.06 19.91
O5 Y3P J . -46.85 -24.42 18.34
HC3 Y3P J . -44.39 -24.71 17.78
HO3 Y3P J . -43.87 -23.07 20.74
K K K . -56.75 -19.69 22.89
N1 AZI L . -58.69 -40.45 35.29
N2 AZI L . -59.64 -40.82 34.73
N3 AZI L . -60.58 -41.19 34.18
O UNL M . -64.41 13.47 27.87
C1 UNL M . -65.34 12.43 28.07
C2 UNL M . -65.09 11.71 29.32
C12 UNL N . -21.49 -35.53 19.68
C14 UNL N . -20.33 -33.54 19.18
C15 UNL N . -19.89 -32.19 19.73
C17 UNL N . -18.43 -30.40 19.15
C2 UNL N . -35.24 -38.21 19.19
C3 UNL N . -33.85 -37.72 18.80
C5 UNL N . -31.57 -38.23 19.23
C6 UNL N . -30.76 -39.19 20.10
C8 UNL N . -28.78 -39.07 21.41
C9 UNL N . -27.58 -38.15 21.56
O10 UNL N . -26.66 -38.70 22.52
O13 UNL N . -21.18 -34.22 20.11
O16 UNL N . -19.34 -31.40 18.67
O4 UNL N . -32.90 -38.73 19.13
O7 UNL N . -29.41 -38.75 20.17
C1 UNL O . -26.54 -11.45 25.94
C2 UNL O . -27.95 -11.18 26.36
C3 UNL O . -29.73 -12.02 27.70
O2 UNL O . -28.43 -12.25 27.17
C1 UNL P . -67.91 -22.17 8.19
C2 UNL P . -67.58 -23.52 7.64
O1 UNL P . -69.18 -22.12 8.82
O2 UNL P . -67.62 -24.49 8.68
C1 UNL Q . -68.96 -33.72 29.71
C2 UNL Q . -70.28 -33.91 30.38
O1 UNL Q . -68.57 -32.36 29.66
S2 UNL Q . -70.66 -35.68 30.54
C UNL R . -53.69 -2.20 1.64
O UNL R . -54.71 -3.16 1.79
C UNL S . -51.81 5.20 11.06
O UNL S . -52.31 6.27 11.84
N1 UNL T . -43.35 -4.07 29.26
N2 UNL T . -44.35 -3.52 29.05
N3 UNL T . -45.35 -2.96 28.84
O1 UNL U . -45.89 -39.77 30.09
O2 UNL U . -47.00 -39.28 30.09
N1 UNL V . -36.91 -31.41 -7.09
N2 UNL V . -37.89 -31.07 -7.61
N3 UNL V . -38.87 -30.73 -8.14
N1 UNL W . -73.07 0.86 23.44
N2 UNL W . -72.78 1.19 24.52
N3 UNL W . -72.49 1.51 25.60
C UNL X . -65.82 -25.72 4.37
O1 UNL X . -66.72 -25.01 4.76
O2 UNL X . -65.62 -26.87 4.74
O3 UNL X . -65.00 -25.24 3.48
O1 UNL Y . -70.29 -7.13 -2.80
O2 UNL Y . -71.20 -7.92 -2.97
N1 UNL Z . -58.90 -0.98 26.52
N2 UNL Z . -58.87 -1.93 25.85
N3 UNL Z . -58.84 -2.88 25.16
C11 UNL AA . -47.89 -40.80 21.16
C13 UNL AA . -46.86 -39.68 21.08
C14 UNL AA . -45.72 -39.98 20.09
C15 UNL AA . -44.60 -38.96 20.10
O6 UNL AA . -49.12 -40.37 21.75
O8 UNL AA . -45.18 -41.28 20.36
OAA UNL AA . -45.01 -37.73 19.52
O UNL BA . -44.24 -39.18 -0.41
C1 UNL BA . -43.59 -40.02 0.53
C2 UNL BA . -44.53 -40.59 1.52
N1 UNL CA . -47.13 -44.13 7.72
N2 UNL CA . -47.65 -44.93 8.40
N3 UNL CA . -48.17 -45.72 9.09
C1 UNL DA . -48.12 -0.80 22.18
C2 UNL DA . -47.73 -0.68 23.64
O11 UNL DA . -47.69 0.03 21.36
O12 UNL DA . -48.98 -1.68 21.87
O2 UNL DA . -46.77 0.37 23.79
O1 UNL EA . -60.37 -18.31 46.70
O2 UNL EA . -61.47 -18.31 47.19
O UNL FA . -31.03 -39.05 38.74
O UNL FA . -32.65 -40.28 39.67
O UNL GA . -72.74 -24.18 36.19
O UNL HA . -61.01 0.48 27.44
O UNL IA . -47.84 -3.49 28.74
O UNL JA . -40.72 -24.56 35.87
O UNL KA . -39.45 -22.96 34.83
O UNL LA . -22.97 -20.64 15.81
O UNL MA . -23.88 -22.18 14.33
O UNL NA . -71.16 -11.01 -2.69
O UNL OA . -63.29 0.53 33.73
O UNL PA . -42.10 -14.11 41.19
O UNL QA . -71.19 -27.26 37.86
O UNL QA . -72.65 -26.10 37.02
O UNL RA . -42.67 -42.45 9.42
O UNL RA . -42.27 -42.29 12.03
O UNL SA . -42.18 -2.85 42.70
O UNL SA . -43.72 -3.50 42.09
O UNL TA . -63.80 -31.01 45.19
O UNL TA . -64.91 -30.49 43.41
O UNL UA . -50.82 -5.29 46.74
O UNL UA . -50.66 -7.61 46.97
O UNL VA . -56.48 -19.87 -2.38
O UNL VA . -58.34 -20.05 -0.83
O UNL WA . -70.66 -13.68 -0.09
O UNL WA . -72.39 -13.61 1.09
O UNL XA . -60.96 -0.51 36.59
O UNL YA . -45.99 -42.02 31.02
O UNL ZA . -46.47 -11.66 44.67
O UNL AB . -68.32 -1.29 28.41
O UNL BB . -36.17 -35.19 0.73
O UNL CB . -64.62 20.71 25.42
O UNL DB . -72.80 -39.90 10.54
O UNL EB . -47.45 -1.24 45.38
O UNL FB . -52.87 -43.72 22.85
O UNL GB . -67.71 10.75 11.89
O UNL HB . -68.84 12.25 13.25
O UNL IB . -36.27 -39.52 -1.21
O UNL JB . -20.89 -19.93 26.81
O UNL KB . -47.51 -10.59 51.71
O UNL LB . -55.92 5.11 8.47
O UNL MB . -28.30 -35.33 1.26
O UNL NB . -60.23 -44.29 16.93
O UNL OB . -61.21 -44.23 14.67
O UNL PB . -61.69 -43.93 12.13
O UNL QB . -55.81 0.94 3.43
O UNL RB . -67.12 -32.30 7.45
O UNL SB . -63.16 -47.27 29.47
O UNL TB . -32.85 -14.99 35.87
O UNL UB . -46.79 -47.57 7.99
O UNL VB . -53.17 -9.31 49.74
O UNL WB . -71.02 -22.65 4.49
O UNL XB . -57.19 11.07 42.38
O UNL YB . -42.20 -3.93 31.68
O UNL ZB . -57.98 10.41 12.69
FE1 FES AC . -36.64 -5.22 18.59
FE2 FES AC . -38.94 -6.67 17.86
S1 FES AC . -38.60 -5.30 19.63
S2 FES AC . -37.13 -6.18 16.65
FE1 SF4 BC . -32.99 -3.75 5.59
FE2 SF4 BC . -31.83 -5.86 6.86
FE3 SF4 BC . -34.42 -6.03 5.93
FE4 SF4 BC . -33.84 -4.50 8.11
S1 SF4 BC . -33.64 -6.75 7.97
S2 SF4 BC . -35.16 -3.92 6.34
S3 SF4 BC . -31.79 -3.69 7.50
S4 SF4 BC . -32.53 -5.79 4.70
FE1 F3S CC . -27.54 2.96 -0.70
FE3 F3S CC . -26.83 0.49 -0.22
FE4 F3S CC . -26.91 1.41 -2.86
S1 F3S CC . -26.27 2.25 0.98
S2 F3S CC . -26.37 3.59 -2.58
S3 F3S CC . -28.70 1.11 -1.41
S4 F3S CC . -25.37 0.01 -1.94
NA NA DC . -39.30 -15.85 -11.41
N1 AZI EC . -31.70 7.22 -15.89
N2 AZI EC . -30.96 6.34 -15.73
N3 AZI EC . -30.23 5.45 -15.59
C1 GOL FC . -38.17 12.23 4.59
O1 GOL FC . -37.13 12.69 3.73
C2 GOL FC . -38.23 10.73 4.59
O2 GOL FC . -39.33 10.27 5.40
C3 GOL FC . -38.30 10.12 3.21
O3 GOL FC . -37.93 8.75 3.26
C1 UNL GC . -24.09 -7.82 -17.53
C2 UNL GC . -23.08 -7.26 -16.59
C3 UNL GC . -21.66 -5.40 -16.19
C4 UNL GC . -21.20 -4.09 -16.73
O1 UNL GC . -24.37 -9.19 -17.27
O2 UNL GC . -22.76 -5.91 -16.94
O4 UNL GC . -19.96 -3.69 -16.17
C UNL HC . 10.83 16.07 -10.54
O1 UNL HC . 11.68 16.33 -9.70
O2 UNL HC . 10.23 15.00 -10.63
O3 UNL HC . 10.54 17.00 -11.41
N1 UNL IC . -39.64 -19.05 -13.03
N2 UNL IC . -39.72 -17.97 -13.48
N3 UNL IC . -39.81 -16.90 -13.92
N1 UNL JC . -56.29 -12.76 -6.97
N2 UNL JC . -56.75 -11.72 -6.76
N3 UNL JC . -57.21 -10.67 -6.56
N1 UNL KC . -51.33 -9.89 -13.02
N2 UNL KC . -52.09 -9.83 -12.14
N3 UNL KC . -52.86 -9.78 -11.27
C UNL LC . -27.63 -12.15 -15.45
O1 UNL LC . -27.68 -11.62 -14.35
O2 UNL LC . -28.36 -13.06 -15.81
O3 UNL LC . -26.72 -11.72 -16.28
N1 UNL MC . -33.91 -11.72 -17.16
N2 UNL MC . -35.03 -12.04 -17.25
N3 UNL MC . -36.14 -12.36 -17.35
O UNL NC . -41.59 15.97 -2.46
C1 UNL NC . -42.85 15.69 -3.01
C2 UNL NC . -42.81 14.59 -3.99
C UNL OC . -44.82 25.16 25.21
O1 UNL OC . -44.60 24.56 26.24
O2 UNL OC . -45.23 24.66 24.18
O3 UNL OC . -44.61 26.47 25.20
N1 UNL PC . -38.90 -7.39 29.98
N2 UNL PC . -39.14 -8.53 30.04
N3 UNL PC . -39.37 -9.67 30.08
O UNL QC . -36.97 13.69 -1.10
C1 UNL QC . -37.06 15.11 -1.07
C2 UNL QC . -37.86 15.61 0.05
O UNL RC . -39.68 2.37 14.26
O UNL RC . -38.28 2.01 16.06
O UNL SC . -46.57 2.11 11.70
O UNL SC . -44.68 1.17 11.90
O UNL TC . -41.84 2.20 -15.72
O UNL TC . -40.93 3.21 -13.94
O UNL UC . -37.12 -16.32 -13.65
O UNL VC . -35.16 -26.21 1.37
O UNL VC . -33.66 -25.31 0.05
O UNL WC . -29.08 -13.94 -2.00
O UNL XC . -41.16 23.10 14.00
O UNL YC . -40.53 18.41 24.22
O UNL ZC . -30.52 -6.13 -23.70
O UNL AD . -32.34 17.40 0.40
O UNL BD . -21.77 -12.99 -9.89
O UNL CD . -56.14 -35.26 -6.94
O UNL DD . -22.43 -3.04 21.61
O UNL ED . -52.42 -33.56 -6.37
O UNL FD . -19.91 4.62 -3.73
O UNL GD . -38.24 -28.26 -10.02
O UNL HD . -30.72 16.03 30.58
O UNL ID . -45.51 23.62 22.30
O UNL JD . -48.37 -0.88 -8.35
O UNL KD . -50.39 -31.16 -2.90
O UNL KD . -49.57 -32.64 -4.66
O UNL LD . -54.55 -33.22 -5.55
O UNL MD . -42.63 -14.49 1.76
O UNL ND . -42.74 -11.88 1.54
O UNL OD . -30.20 17.42 19.17
O UNL PD . -26.88 -25.72 -5.46
O UNL QD . -45.57 -6.08 -11.90
O UNL RD . -37.58 -2.87 34.14
O UNL SD . -37.50 16.69 32.07
O UNL TD . -21.84 -1.77 12.02
O UNL UD . -51.21 4.61 7.17
O UNL VD . -33.77 -8.87 30.83
O UNL WD . -41.87 -12.69 -17.13
CHA HEM XD . -17.86 8.55 -11.91
CHB HEM XD . -15.33 12.17 -13.97
CHC HEM XD . -11.92 8.93 -15.25
CHD HEM XD . -14.73 5.30 -13.66
C1A HEM XD . -17.46 9.80 -12.34
C2A HEM XD . -18.18 11.04 -12.13
C3A HEM XD . -17.49 12.03 -12.69
C4A HEM XD . -16.30 11.46 -13.29
CMA HEM XD . -17.89 13.52 -12.70
CAA HEM XD . -19.53 11.17 -11.36
CBA HEM XD . -19.23 11.27 -9.87
CGA HEM XD . -20.27 10.52 -9.07
O1A HEM XD . -20.04 10.25 -7.86
O2A HEM XD . -21.35 10.17 -9.63
C1B HEM XD . -14.18 11.61 -14.49
C2B HEM XD . -13.14 12.32 -15.22
C3B HEM XD . -12.21 11.43 -15.58
C4B HEM XD . -12.62 10.12 -15.08
CMB HEM XD . -13.14 13.83 -15.53
CAB HEM XD . -10.93 11.75 -16.37
C1C HEM XD . -12.38 7.66 -14.95
C2C HEM XD . -11.70 6.39 -15.19
C3C HEM XD . -12.49 5.41 -14.75
C4C HEM XD . -13.69 6.01 -14.21
CMC HEM XD . -10.31 6.19 -15.83
CAC HEM XD . -12.20 3.88 -14.77
C1D HEM XD . -15.84 5.85 -13.07
C2D HEM XD . -16.96 5.13 -12.54
C3D HEM XD . -17.83 6.01 -12.05
C4D HEM XD . -17.30 7.35 -12.27
CMD HEM XD . -17.11 3.59 -12.53
CAD HEM XD . -19.18 5.63 -11.41
CBD HEM XD . -19.17 5.84 -9.89
CGD HEM XD . -20.54 5.51 -9.32
O1D HEM XD . -21.27 4.73 -9.96
O2D HEM XD . -20.89 6.01 -8.22
NA HEM XD . -16.31 10.10 -13.06
NB HEM XD . -13.82 10.28 -14.42
NC HEM XD . -13.60 7.38 -14.35
ND HEM XD . -16.08 7.21 -12.90
FE HEM XD . -14.97 8.72 -13.76
C1 CBE YD . -25.53 10.32 -2.95
C2 CBE YD . -24.11 9.90 -3.12
C3 CBE YD . -23.16 10.32 -2.26
S4 CBE YD . -21.52 10.02 -2.51
C5 CBE YD . -21.44 8.74 -3.72
C6 CBE YD . -22.50 8.92 -4.79
O7 CBE YD . -23.79 9.04 -4.23
C8 CBE YD . -23.51 11.02 -1.04
O9 CBE YD . -24.34 11.91 -1.05
N10 CBE YD . -22.85 10.59 0.03
C11 CBE YD . -22.85 11.24 1.21
C12 CBE YD . -22.97 12.63 1.25
C13 CBE YD . -22.97 13.28 2.47
C14 CBE YD . -22.84 12.55 3.64
C15 CBE YD . -22.72 11.17 3.60
C16 CBE YD . -22.72 10.51 2.37
C1 BOG ZD . -13.87 3.20 11.16
O1 BOG ZD . -14.03 4.60 10.92
C2 BOG ZD . -15.10 2.70 11.93
O2 BOG ZD . -15.06 3.23 13.25
C3 BOG ZD . -15.15 1.17 11.99
O3 BOG ZD . -16.40 0.75 12.55
C4 BOG ZD . -15.01 0.61 10.58
O4 BOG ZD . -15.05 -0.82 10.62
C5 BOG ZD . -13.72 1.11 9.97
O5 BOG ZD . -13.69 2.54 9.91
C6 BOG ZD . -13.56 0.58 8.55
O6 BOG ZD . -14.63 1.09 7.77
C1' BOG ZD . -13.13 5.06 9.91
C2' BOG ZD . -13.40 6.52 9.58
C3' BOG ZD . -13.25 6.78 8.07
C4' BOG ZD . -12.15 7.80 7.76
C5' BOG ZD . -12.73 9.19 7.47
C6' BOG ZD . -11.62 10.21 7.21
C1 UNL AE . -12.87 -8.05 -4.58
C2 UNL AE . -12.36 -7.43 -5.85
C3 UNL AE . -11.19 -5.55 -6.70
C4 UNL AE . -10.53 -4.27 -6.28
C5 UNL AE . -9.11 -2.52 -7.04
C6 UNL AE . -8.31 -2.05 -8.22
O1 UNL AE . -13.33 -9.38 -4.77
O2 UNL AE . -11.87 -6.13 -5.59
O3 UNL AE . -9.73 -3.76 -7.35
O UNL BE . -45.76 11.18 -4.29
C1 UNL BE . -44.35 11.04 -4.32
C2 UNL BE . -43.74 11.18 -5.65
O1 UNL CE . -3.41 6.15 -13.19
O2 UNL CE . -3.11 5.03 -12.85
O UNL DE . 4.54 22.80 -12.07
C1 UNL DE . 3.45 22.09 -12.66
C2 UNL DE . 3.82 20.76 -13.18
O UNL EE . -48.82 9.38 6.19
O UNL FE . -36.39 19.68 11.42
O UNL FE . -35.88 20.70 13.57
O UNL GE . -18.97 6.64 -5.41
O UNL GE . -20.07 7.80 -6.88
O UNL HE . -22.63 -8.95 6.46
O UNL HE . -21.06 -9.56 4.59
O UNL IE . -47.30 16.68 14.52
O UNL IE . -47.77 18.49 13.29
O UNL JE . 13.66 24.65 -15.46
O UNL JE . 12.15 23.64 -14.93
O UNL KE . -50.19 2.69 -6.67
O UNL LE . -49.32 0.63 2.63
O UNL ME . 4.36 35.12 -21.59
O UNL ME . 2.95 34.45 -20.87
O UNL NE . -31.42 18.60 12.70
O UNL OE . -20.23 16.57 9.73
O UNL PE . -51.35 14.22 11.81
O UNL QE . -14.58 19.57 -6.53
O UNL RE . -10.71 8.02 2.12
O UNL SE . -2.59 25.89 -19.44
C1 BOG TE . -27.83 13.03 -22.22
O1 BOG TE . -26.59 12.80 -22.91
C2 BOG TE . -28.20 11.80 -21.39
O2 BOG TE . -28.46 10.66 -22.23
C3 BOG TE . -29.43 12.06 -20.51
O3 BOG TE . -29.63 10.95 -19.63
C4 BOG TE . -29.25 13.37 -19.73
O4 BOG TE . -30.45 13.70 -19.00
C5 BOG TE . -28.97 14.50 -20.72
O5 BOG TE . -27.75 14.22 -21.42
C6 BOG TE . -28.96 15.88 -20.05
O6 BOG TE . -28.17 15.92 -18.85
C1' BOG TE . -26.39 13.70 -24.01
C2' BOG TE . -25.10 13.35 -24.75
C3' BOG TE . -23.89 14.12 -24.21
C4' BOG TE . -23.88 15.56 -24.72
C5' BOG TE . -22.61 16.29 -24.32
C10 UNL UE . 7.63 11.67 -20.53
C11 UNL UE . 8.51 11.06 -19.48
C12 UNL UE . 9.23 9.29 -20.88
C4 UNL UE . -0.28 12.80 -15.91
C5 UNL UE . 0.17 11.36 -15.93
C6 UNL UE . 2.36 11.91 -16.66
C7 UNL UE . 3.29 11.84 -17.85
C8 UNL UE . 4.43 10.36 -19.29
C9 UNL UE . 5.68 11.18 -19.29
O3 UNL UE . 1.17 11.17 -16.91
O4 UNL UE . 3.73 10.51 -18.07
O5 UNL UE . 6.36 11.04 -20.52
O6 UNL UE . 8.63 9.66 -19.65
C10 UNL VE . 4.75 9.87 -22.84
C11 UNL VE . 5.60 8.93 -23.64
C3 UNL VE . -6.08 13.57 -18.69
C4 UNL VE . -4.64 12.23 -20.02
C5 UNL VE . -4.39 10.80 -20.42
C6 UNL VE . -2.10 10.96 -21.06
C7 UNL VE . -1.17 10.59 -22.18
C8 UNL VE . 1.09 10.22 -22.77
C9 UNL VE . 2.50 10.42 -22.32
O2 UNL VE . -5.75 12.26 -19.13
O3 UNL VE . -3.44 10.72 -21.48
O4 UNL VE . 0.18 10.72 -21.79
O5 UNL VE . 3.38 9.72 -23.19
O6 UNL VE . 5.41 9.12 -25.03
C1 UNL WE . -23.78 16.75 0.25
C2 UNL WE . -25.18 17.27 0.29
C3 UNL WE . -26.90 18.02 1.75
C4 UNL WE . -27.16 18.41 3.17
C5 UNL WE . -28.82 19.28 4.65
C6 UNL WE . -27.89 20.30 5.20
O1 UNL WE . -23.31 16.53 -1.06
O2 UNL WE . -25.59 17.49 1.64
O3 UNL WE . -28.46 18.98 3.30
C1 UNL XE . -17.08 17.70 -18.99
C2 UNL XE . -18.54 18.02 -19.27
O1 UNL XE . -16.65 18.45 -17.85
O2 UNL XE . -18.92 17.34 -20.47
C1 UNL YE . -36.27 25.56 -18.85
C2 UNL YE . -35.63 26.51 -19.87
C3 UNL YE . -34.17 26.19 -20.16
O1 UNL YE . -37.67 25.78 -18.75
O2 UNL YE . -35.77 27.85 -19.43
O3 UNL YE . -33.35 26.47 -19.02
O UNL ZE . -30.15 17.55 -1.39
O UNL AF . -7.61 15.64 -38.34
O UNL AF . -5.24 16.96 -35.97
O UNL BF . -42.34 18.98 -9.22
O UNL CF . -43.12 16.11 -9.37
O UNL DF . -12.06 9.39 -33.14
PA FAD EF . 51.47 8.60 -18.29
O1A FAD EF . 51.03 9.26 -19.52
O2A FAD EF . 50.60 7.45 -17.56
O5B FAD EF . 51.76 9.72 -17.19
C5B FAD EF . 52.52 10.88 -17.51
C4B FAD EF . 52.91 11.60 -16.20
O4B FAD EF . 53.77 12.71 -16.53
C3B FAD EF . 51.68 12.15 -15.50
O3B FAD EF . 51.71 11.85 -14.11
C2B FAD EF . 51.77 13.67 -15.72
O2B FAD EF . 51.25 14.29 -14.57
C1B FAD EF . 53.29 13.89 -15.88
N9A FAD EF . 53.62 15.08 -16.61
C8A FAD EF . 53.44 15.37 -17.94
N7A FAD EF . 53.87 16.55 -18.26
C5A FAD EF . 54.34 17.11 -17.11
C6A FAD EF . 54.90 18.36 -16.77
N6A FAD EF . 55.08 19.35 -17.72
N1A FAD EF . 55.28 18.57 -15.51
C2A FAD EF . 55.10 17.60 -14.61
N3A FAD EF . 54.57 16.39 -14.79
C4A FAD EF . 54.20 16.20 -16.06
N1 FAD EF . 49.42 0.03 -22.96
C2 FAD EF . 49.40 -1.25 -22.57
O2 FAD EF . 50.46 -1.87 -22.54
N3 FAD EF . 48.27 -1.92 -22.21
C4 FAD EF . 47.03 -1.35 -22.22
O4 FAD EF . 46.08 -2.03 -21.88
C4X FAD EF . 47.00 0.07 -22.63
N5 FAD EF . 45.86 0.71 -22.67
C5X FAD EF . 45.88 2.00 -23.03
C6 FAD EF . 44.67 2.70 -23.06
C7 FAD EF . 44.62 4.01 -23.42
C7M FAD EF . 43.27 4.68 -23.43
C8 FAD EF . 45.80 4.69 -23.77
C8M FAD EF . 45.77 6.15 -24.17
C9 FAD EF . 47.01 4.04 -23.75
C9A FAD EF . 47.06 2.69 -23.38
N10 FAD EF . 48.25 2.01 -23.36
C10 FAD EF . 48.27 0.70 -22.98
C1' FAD EF . 49.52 2.67 -23.66
C2' FAD EF . 50.10 2.91 -22.24
O2' FAD EF . 49.04 2.84 -21.29
C3' FAD EF . 50.71 4.30 -22.01
O3' FAD EF . 51.73 4.48 -22.97
C4' FAD EF . 51.34 4.37 -20.60
O4' FAD EF . 50.33 4.41 -19.59
C5' FAD EF . 52.25 5.59 -20.41
O5' FAD EF . 52.64 5.65 -19.02
P FAD EF . 53.69 6.74 -18.54
O1P FAD EF . 54.00 6.54 -17.11
O2P FAD EF . 54.91 6.85 -19.56
O3P FAD EF . 52.97 8.17 -18.66
C1 Y3P FF . 44.24 -2.07 -25.40
O1 Y3P FF . 43.62 -2.22 -26.47
C2 Y3P FF . 45.59 -1.31 -25.51
O2 Y3P FF . 43.89 -2.55 -24.24
C3 Y3P FF . 46.74 -1.87 -25.25
O3 Y3P FF . 45.48 -0.01 -25.99
C4 Y3P FF . 48.06 -1.20 -25.45
O4 Y3P FF . 48.08 0.02 -25.89
O5 Y3P FF . 49.11 -1.89 -25.26
HC3 Y3P FF . 46.79 -2.73 -24.91
HO3 Y3P FF . 45.86 -0.01 -26.75
K K GF . 57.96 5.93 -26.63
N1 AZI HF . 64.76 -6.33 -46.53
N2 AZI HF . 63.73 -6.09 -47.02
N3 AZI HF . 62.71 -5.84 -47.50
C1 GOL IF . 64.13 -2.42 -6.72
O1 GOL IF . 63.37 -3.22 -7.62
C2 GOL IF . 63.62 -0.99 -6.67
O2 GOL IF . 62.23 -0.96 -6.33
C3 GOL IF . 64.41 -0.12 -5.71
O3 GOL IF . 65.73 0.11 -6.19
C UNL JF . 44.69 -7.37 -50.42
O UNL JF . 43.45 -7.84 -49.97
O1 UNL KF . 42.27 7.30 -46.40
O2 UNL KF . 43.47 7.23 -46.26
C UNL LF . 71.78 -12.05 -18.98
O1 UNL LF . 70.71 -11.72 -18.49
O2 UNL LF . 72.74 -11.32 -19.11
O3 UNL LF . 71.90 -13.30 -19.39
C UNL MF . 37.93 7.26 -32.75
O UNL MF . 38.64 8.10 -33.63
O UNL NF . 59.68 43.15 -9.28
C1 UNL NF . 58.90 43.39 -8.12
C2 UNL NF . 59.65 43.23 -6.87
C11 UNL OF . 55.44 14.67 0.17
C12 UNL OF . 54.05 14.05 0.20
C14 UNL OF . 51.88 14.69 -0.61
C15 UNL OF . 51.12 15.19 -1.85
C3 UNL OF . 52.62 22.36 -2.46
C5 UNL OF . 53.59 20.24 -1.90
C6 UNL OF . 54.30 19.69 -0.64
C8 UNL OF . 56.13 18.31 -0.02
C9 UNL OF . 56.48 16.83 0.00
O10 UNL OF . 55.31 16.08 0.34
O13 UNL OF . 53.28 14.63 -0.87
O16 UNL OF . 51.11 16.62 -1.91
O4 UNL OF . 52.67 21.27 -1.52
O7 UNL OF . 55.08 18.54 -0.96
O1 UNL PF . 62.01 -25.40 -37.51
O2 UNL PF . 61.35 -25.33 -38.52
O1 UNL QF . 66.31 25.92 -21.55
O2 UNL QF . 65.84 26.40 -22.55
N1 UNL RF . 61.26 37.07 -15.33
N2 UNL RF . 61.70 37.71 -14.45
N3 UNL RF . 62.14 38.35 -13.59
C UNL SF . 71.60 15.45 -0.93
O UNL SF . 70.27 15.38 -0.48
N1 UNL TF . 72.75 19.67 -34.58
N2 UNL TF . 73.41 19.50 -33.65
N3 UNL TF . 74.07 19.32 -32.71
O1 UNL UF . 33.02 -16.46 -18.57
O2 UNL UF . 33.84 -16.85 -17.76
C1 UNL VF . 62.99 19.87 -0.20
C2 UNL VF . 64.29 20.23 0.49
C3 UNL VF . 64.92 21.50 -0.04
O1 UNL VF . 62.04 20.93 -0.10
O2 UNL VF . 65.21 19.14 0.40
O3 UNL VF . 66.18 21.76 0.57
O UNL WF . 50.39 12.03 -0.45
C1 UNL WF . 50.98 11.87 -1.75
C2 UNL WF . 50.11 12.30 -2.84
N1 UNL XF . 37.08 -7.10 -51.70
N2 UNL XF . 35.98 -7.28 -51.32
N3 UNL XF . 34.90 -7.45 -50.94
C UNL YF . 44.48 21.05 -42.29
O UNL YF . 45.58 21.91 -42.13
O2 UNL ZF . 75.43 3.47 -23.72
O1 UNL AG . 30.72 -14.94 -35.78
O2 UNL AG . 29.80 -14.45 -36.38
N1 UNL BG . 43.84 21.47 -23.97
N2 UNL BG . 43.16 20.67 -24.48
N3 UNL BG . 42.49 19.85 -24.97
N1 UNL CG . 49.41 29.99 -38.83
N2 UNL CG . 48.87 29.61 -39.79
N3 UNL CG . 48.31 29.22 -40.75
N1 UNL DG . 41.80 34.32 -13.51
N2 UNL DG . 40.75 33.86 -13.68
N3 UNL DG . 39.70 33.40 -13.85
C11 UNL EG . 74.40 -1.96 -40.58
C13 UNL EG . 73.57 -2.57 -39.49
C14 UNL EG . 73.10 -1.58 -38.41
C15 UNL EG . 72.04 -0.62 -38.88
O6 UNL EG . 73.75 -0.84 -41.18
O8 UNL EG . 72.63 -2.29 -37.26
OAA UNL EG . 71.45 0.08 -37.78
O UNL FG . 70.69 -3.33 -16.28
C1 UNL FG . 70.00 -2.80 -15.15
C2 UNL FG . 70.75 -1.76 -14.46
O1 UNL GG . 30.09 11.23 -28.83
O2 UNL GG . 29.26 10.47 -28.34
N1 UNL HG . 68.34 25.35 -0.67
N2 UNL HG . 67.39 25.87 -0.26
N3 UNL HG . 66.43 26.40 0.14
C1 UNL IG . 50.25 -23.98 -16.00
C2 UNL IG . 49.30 -24.65 -16.98
O1 UNL IG . 49.64 -23.89 -14.70
O2 UNL IG . 49.95 -24.81 -18.24
C UNL JG . 44.69 -22.05 -24.14
O1 UNL JG . 44.21 -22.34 -23.05
O2 UNL JG . 44.07 -21.86 -25.16
O3 UNL JG . 45.99 -21.92 -24.19
C UNL KG . 41.28 16.65 -40.23
O1 UNL KG . 40.41 16.89 -39.40
O2 UNL KG . 41.41 15.59 -40.83
O3 UNL KG . 42.15 17.59 -40.47
O1 UNL LG . 58.73 30.03 -29.47
O2 UNL LG . 57.60 29.99 -29.04
O UNL MG . 60.19 -17.93 -19.93
O UNL MG . 59.64 -17.24 -18.62
O UNL NG . 57.57 24.54 -20.32
O UNL NG . 58.80 25.65 -20.76
O UNL OG . 58.90 -3.89 -12.44
O UNL OG . 56.98 -4.34 -11.41
O UNL PG . 75.14 1.44 -31.92
O UNL PG . 73.55 2.94 -32.11
O UNL QG . 68.73 7.58 -45.35
O UNL QG . 69.81 8.73 -45.45
O UNL RG . 71.37 22.63 -22.49
O UNL RG . 69.79 24.04 -21.55
O UNL SG . 30.46 11.72 -35.13
O UNL SG . 31.74 12.35 -35.93
O UNL TG . 54.00 39.26 -9.18
O UNL TG . 55.46 38.07 -10.40
O UNL UG . 44.41 7.80 -41.89
O UNL UG . 44.74 8.34 -40.40
O UNL VG . 67.00 -19.60 -27.90
O UNL VG . 68.49 -19.80 -26.21
O UNL WG . 45.59 42.40 -19.88
O UNL WG . 45.65 43.72 -21.46
O UNL XG . 55.93 32.77 -28.34
O UNL YG . 41.52 -26.19 -14.72
O UNL ZG . 45.81 7.52 -44.25
O UNL AH . 65.08 20.98 -43.34
O UNL BH . 30.14 -12.54 -39.47
O UNL CH . 28.67 -10.65 -40.21
O UNL DH . 28.73 7.33 -32.43
O UNL EH . 35.93 9.43 -34.78
O UNL FH . 48.39 14.49 -2.47
O UNL GH . 48.67 2.99 -50.22
O UNL HH . 57.43 6.51 5.74
O UNL IH . 52.48 9.86 -4.88
O UNL JH . 52.36 24.63 -47.70
O UNL KH . 50.54 3.25 -41.07
O UNL LH . 70.26 6.23 2.94
O UNL MH . 79.16 3.83 -43.90
O UNL NH . 21.63 -10.93 -23.99
O UNL OH . 60.39 19.54 -46.73
O UNL PH . 41.33 36.45 -30.14
O UNL QH . 68.72 5.69 -50.28
O UNL RH . 39.78 28.30 -35.55
O UNL SH . 56.08 28.12 -1.76
O UNL TH . 64.40 -21.33 -33.33
O UNL UH . 45.31 -24.42 -17.21
FE1 FES VH . 36.04 13.12 -16.54
FE2 FES VH . 38.56 11.89 -16.56
S1 FES VH . 37.98 13.91 -17.32
S2 FES VH . 36.75 11.42 -15.32
FE1 SF4 WH . 32.72 7.56 -4.63
FE2 SF4 WH . 31.86 6.13 -6.84
FE3 SF4 WH . 34.46 5.99 -5.91
FE4 SF4 WH . 33.58 8.25 -7.16
S1 SF4 WH . 33.76 6.17 -8.10
S2 SF4 WH . 34.82 8.15 -5.26
S3 SF4 WH . 31.41 8.31 -6.40
S4 SF4 WH . 32.59 5.30 -4.83
FE1 F3S XH . 26.57 9.47 3.96
FE3 F3S XH . 26.16 7.38 2.27
FE4 F3S XH . 26.19 7.00 4.98
S1 F3S XH . 25.35 9.42 2.08
S2 F3S XH . 25.31 8.93 5.79
S3 F3S XH . 27.96 7.68 3.65
S4 F3S XH . 24.85 5.95 3.44
O UNL YH . 41.76 15.87 12.13
C1 UNL YH . 41.90 17.24 11.76
C2 UNL YH . 43.28 17.65 11.47
C1 UNL ZH . 26.03 -9.65 12.47
C2 UNL ZH . 24.78 -8.92 12.09
C3 UNL ZH . 23.34 -7.15 12.70
C4 UNL ZH . 23.12 -6.04 13.68
O1 UNL ZH . 26.30 -10.74 11.62
O2 UNL ZH . 24.54 -7.84 12.98
O4 UNL ZH . 21.91 -5.35 13.42
C1 UNL AI . 35.48 21.66 4.21
C2 UNL AI . 35.73 20.32 3.56
C3 UNL AI . 35.92 19.20 4.55
O1 UNL AI . 34.54 21.54 5.28
O2 UNL AI . 36.85 20.38 2.67
O3 UNL AI . 35.59 17.95 3.99
O UNL BI . 38.04 22.33 12.20
C1 UNL BI . 39.38 21.89 12.43
C2 UNL BI . 39.52 20.45 12.25
N1 UNL CI . 41.94 -12.33 6.20
N2 UNL CI . 42.34 -12.88 5.26
N3 UNL CI . 42.74 -13.43 4.31
N1 UNL DI . 18.75 22.48 -35.22
N2 UNL DI . 19.08 21.37 -35.18
N3 UNL DI . 19.41 20.26 -35.14
C UNL EI . 45.81 -0.49 9.49
O1 UNL EI . 46.34 -1.56 9.27
O2 UNL EI . 46.00 0.19 10.49
O3 UNL EI . 44.95 -0.04 8.60
C2 UNL FI . 58.12 -0.40 3.99
C3 UNL FI . 57.61 -2.44 2.90
C4 UNL FI . 57.63 -3.14 1.58
O2 UNL FI . 58.14 -1.13 2.76
O4 UNL FI . 57.21 -4.49 1.69
N1 UNL GI . 50.48 36.23 -6.14
N2 UNL GI . 49.34 36.47 -6.14
N3 UNL GI . 48.21 36.71 -6.14
N1 UNL HI . 29.46 -10.08 8.55
N2 UNL HI . 28.90 -10.86 9.20
N3 UNL HI . 28.34 -11.64 9.86
C1 UNL II . 46.26 20.56 -16.77
C2 UNL II . 45.90 21.38 -17.99
O11 UNL II . 45.69 20.80 -15.68
O12 UNL II . 47.27 19.83 -16.84
O2 UNL II . 44.78 22.26 -17.73
C UNL JI . 36.11 22.99 -28.66
O1 UNL JI . 36.65 22.63 -27.64
O2 UNL JI . 35.09 22.52 -29.12
O3 UNL JI . 36.66 23.99 -29.31
O UNL KI . 38.70 -11.15 11.03
C1 UNL KI . 37.61 -10.93 10.16
C2 UNL KI . 36.50 -10.20 10.78
O UNL LI . 23.76 15.52 -25.07
O UNL MI . 20.22 20.49 -16.65
O UNL MI . 19.36 22.02 -18.23
O UNL NI . 54.36 -17.47 -9.83
O UNL NI . 53.87 -19.78 -9.50
O UNL OI . 41.38 0.25 -7.09
O UNL OI . 40.96 2.11 -6.80
O UNL PI . 26.24 4.75 12.78
O UNL PI . 26.27 6.48 14.64
O UNL QI . 48.92 5.28 8.89
O UNL RI . 59.56 -7.49 -5.95
O UNL RI . 58.52 -6.23 -4.32
O UNL SI . 29.23 -5.73 -2.02
O UNL SI . 30.53 -5.54 -3.67
O UNL TI . 35.55 -19.18 -17.19
O UNL TI . 36.21 -18.70 -15.30
O UNL UI . 51.26 -15.80 0.39
O UNL UI . 49.65 -14.39 4.00
O UNL VI . 35.31 35.01 -0.59
O UNL WI . 20.11 13.56 -23.50
O UNL WI . 20.22 13.84 -21.54
O UNL XI . 48.71 19.11 -1.35
O UNL YI . 46.17 17.82 -3.71
O UNL ZI . 33.41 16.74 13.49
O UNL AJ . 39.18 15.17 -28.97
O UNL BJ . 30.55 7.58 -15.65
O UNL CJ . 21.96 34.93 -21.43
O UNL DJ . 19.32 31.69 -18.10
O UNL EJ . 20.96 32.27 -15.39
O UNL FJ . 60.51 -14.00 -10.26
O UNL GJ . 19.38 32.19 -33.24
O UNL HJ . 28.05 -14.40 -6.40
CHA HEM IJ . 16.55 7.25 16.16
CHB HEM IJ . 13.57 9.02 19.57
CHC HEM IJ . 10.67 5.16 18.89
CHD HEM IJ . 13.95 3.19 15.87
C1A HEM IJ . 15.98 8.07 17.13
C2A HEM IJ . 16.51 9.34 17.57
C3A HEM IJ . 15.70 9.82 18.51
C4A HEM IJ . 14.62 8.89 18.70
CMA HEM IJ . 15.86 11.15 19.27
CAA HEM IJ . 17.80 10.02 17.04
CBA HEM IJ . 17.46 10.80 15.77
CGA HEM IJ . 18.59 10.69 14.76
O1A HEM IJ . 18.38 11.05 13.56
O2A HEM IJ . 19.71 10.22 15.13
C1B HEM IJ . 12.52 8.12 19.70
C2B HEM IJ . 11.40 8.24 20.61
C3B HEM IJ . 10.60 7.18 20.42
C4B HEM IJ . 11.18 6.35 19.38
CMB HEM IJ . 11.18 9.39 21.62
CAB HEM IJ . 9.29 6.90 21.18
C1C HEM IJ . 11.31 4.28 18.03
C2C HEM IJ . 10.82 2.97 17.59
C3C HEM IJ . 11.74 2.45 16.77
C4C HEM IJ . 12.83 3.39 16.65
CMC HEM IJ . 9.50 2.30 17.99
CAC HEM IJ . 11.70 1.09 16.04
C1D HEM IJ . 14.95 4.11 15.71
C2D HEM IJ . 16.16 3.90 14.95
C3D HEM IJ . 16.89 5.01 15.02
C4D HEM IJ . 16.16 5.98 15.84
CMD HEM IJ . 16.51 2.59 14.20
CAD HEM IJ . 18.27 5.20 14.36
CBD HEM IJ . 18.20 6.13 13.14
CGD HEM IJ . 19.58 6.30 12.55
O1D HEM IJ . 20.44 5.40 12.78
O2D HEM IJ . 19.84 7.31 11.84
NA HEM IJ . 14.82 7.82 17.85
NB HEM IJ . 12.36 6.96 18.96
NC HEM IJ . 12.54 4.50 17.43
ND HEM IJ . 14.99 5.39 16.24
FE HEM IJ . 13.69 6.19 17.60
C1 CBE JJ . 23.42 14.14 9.47
C2 CBE JJ . 22.06 13.55 9.26
C3 CBE JJ . 21.09 14.25 8.64
S4 CBE JJ . 19.51 13.71 8.53
C5 CBE JJ . 19.51 12.00 8.99
C6 CBE JJ . 20.52 11.72 10.11
O7 CBE JJ . 21.82 12.19 9.75
C8 CBE JJ . 21.33 15.54 8.02
O9 CBE JJ . 22.05 16.38 8.52
N10 CBE JJ . 20.65 15.72 6.88
C11 CBE JJ . 20.56 16.86 6.17
C12 CBE JJ . 20.67 18.10 6.78
C13 CBE JJ . 20.55 19.25 6.01
C14 CBE JJ . 20.34 19.15 4.63
C15 CBE JJ . 20.22 17.90 4.03
C16 CBE JJ . 20.33 16.76 4.80
C2 UMQ KJ . 13.91 9.88 -10.41
C4 UMQ KJ . 14.84 7.95 -9.13
C5 UMQ KJ . 15.04 8.90 -7.96
O2 UMQ KJ . 12.81 10.40 -11.14
O4 UMQ KJ . 14.59 6.63 -8.65
C1 UMQ KJ . 14.22 10.77 -9.21
C3 UMQ KJ . 13.68 8.44 -9.97
O1 UMQ KJ . 13.07 10.91 -8.39
O3 UMQ KJ . 13.53 7.61 -11.13
O5 UMQ KJ . 15.30 10.23 -8.46
C1' UMQ KJ . 11.96 13.87 -5.65
C2' UMQ KJ . 12.98 14.26 -6.72
C3' UMQ KJ . 12.96 13.27 -7.87
C4' UMQ KJ . 13.14 11.87 -7.33
C5' UMQ KJ . 12.06 11.58 -6.28
C6' UMQ KJ . 12.20 10.21 -5.65
O1' UMQ KJ . 12.12 14.74 -4.57
O3' UMQ KJ . 13.99 13.61 -8.79
O5' UMQ KJ . 12.18 12.54 -5.21
O6' UMQ KJ . 13.51 10.06 -5.09
O2' UMQ KJ . 12.72 15.57 -7.19
CA UMQ KJ . 11.24 14.49 -3.46
CB UMQ KJ . 11.51 15.53 -2.41
CC UMQ KJ . 10.56 15.47 -1.24
CD UMQ KJ . 9.15 15.85 -1.61
CF UMQ KJ . 8.19 15.95 -0.43
C1 BOG LJ . 9.09 4.58 -6.87
O1 BOG LJ . 7.90 3.87 -7.16
C2 BOG LJ . 9.97 4.59 -8.12
O2 BOG LJ . 10.34 3.24 -8.44
C3 BOG LJ . 11.23 5.43 -7.95
O3 BOG LJ . 11.89 5.56 -9.21
C4 BOG LJ . 10.85 6.80 -7.40
O4 BOG LJ . 12.05 7.53 -7.10
C5 BOG LJ . 10.00 6.65 -6.13
O5 BOG LJ . 8.80 5.92 -6.43
C6 BOG LJ . 9.72 7.99 -5.45
O6 BOG LJ . 8.71 8.75 -6.12
C1' BOG LJ . 7.08 3.62 -6.02
C2' BOG LJ . 5.97 2.67 -6.45
C3' BOG LJ . 6.53 1.39 -7.07
C4' BOG LJ . 5.46 0.64 -7.85
C5' BOG LJ . 4.98 1.46 -9.03
C6' BOG LJ . 3.87 0.72 -9.80
C7' BOG LJ . 2.58 0.64 -8.99
C8' BOG LJ . 1.64 -0.37 -9.63
C1 UNL MJ . 13.81 -3.78 2.48
C2 UNL MJ . 12.36 -3.63 2.80
C3 UNL MJ . 10.80 -2.63 4.28
C4 UNL MJ . 10.68 -1.75 5.48
C5 UNL MJ . 9.24 -1.23 7.27
C6 UNL MJ . 7.92 -1.61 7.88
O1 UNL MJ . 14.02 -4.52 1.28
O2 UNL MJ . 12.18 -2.83 3.96
O3 UNL MJ . 9.35 -1.80 5.97
C1 UNL NJ . -14.49 8.64 12.32
C2 UNL NJ . -14.24 8.35 13.78
C3 UNL NJ . -15.25 7.41 14.40
O1 UNL NJ . -13.58 9.60 11.80
O2 UNL NJ . -14.19 9.57 14.53
O3 UNL NJ . -15.11 7.32 15.81
O1 UNL OJ . 22.49 12.74 -5.33
O2 UNL OJ . 22.91 12.17 -4.36
C1 UNL PJ . 3.87 17.14 17.02
C10 UNL PJ . 1.54 8.97 22.39
C11 UNL PJ . 0.67 8.33 21.33
C12 UNL PJ . 0.37 6.86 21.58
C13 UNL PJ . -0.74 6.29 20.71
C14 UNL PJ . -0.78 4.79 20.69
C15 UNL PJ . -2.05 4.18 20.13
C16 UNL PJ . -3.25 4.29 21.04
C17 UNL PJ . -4.44 3.43 20.69
C2 UNL PJ . 4.11 16.37 18.31
C3 UNL PJ . 4.68 15.00 18.11
C4 UNL PJ . 4.86 14.24 19.41
C5 UNL PJ . 3.59 14.10 20.23
C6 UNL PJ . 3.54 12.85 21.08
C7 UNL PJ . 3.48 11.57 20.29
C8 UNL PJ . 3.28 10.31 21.11
C9 UNL PJ . 2.07 10.34 22.02
O1 UNL PJ . 2.71 17.49 16.75
O2 UNL PJ . 4.85 17.37 16.29
N1 UNL QJ . 11.36 -4.35 -1.85
N2 UNL QJ . 10.65 -3.75 -1.16
N3 UNL QJ . 9.94 -3.14 -0.46
O UNL RJ . 45.97 29.65 -0.40
O UNL SJ . 22.40 29.47 -3.70
O UNL TJ . 7.17 16.56 13.77
O UNL UJ . 10.50 -0.29 -12.78
C1 UNL VJ . 4.91 -1.61 41.25
C2 UNL VJ . 5.45 -0.87 42.18
C3 UNL VJ . 6.91 -0.92 42.53
C4 UNL VJ . 7.60 0.42 42.43
O1 UNL VJ . 5.63 -2.41 40.66
O2 UNL VJ . 3.72 -1.46 40.99
O3 UNL VJ . 4.72 -0.10 42.81
C1 UNL WJ . 26.20 8.33 27.40
C1' UNL WJ . 24.38 7.55 28.74
C2 UNL WJ . 26.97 8.06 26.11
C2' UNL WJ . 23.35 6.43 28.84
C3 UNL WJ . 27.96 9.19 25.84
C3' UNL WJ . 22.53 6.52 30.11
C4 UNL WJ . 27.25 10.52 25.87
C4' UNL WJ . 21.57 7.70 30.08
C5 UNL WJ . 26.41 10.69 27.12
C5' UNL WJ . 20.60 7.66 31.25
C6 UNL WJ . 25.56 11.93 26.99
O1 UNL WJ . 25.22 7.32 27.60
O2 UNL WJ . 27.64 6.79 26.19
O3 UNL WJ . 28.57 9.03 24.55
O4 UNL WJ . 28.23 11.55 25.84
O5 UNL WJ . 25.54 9.58 27.32
O6 UNL WJ . 25.90 12.55 25.74
C1 UNL WJ . 26.23 5.22 27.14
C1' UNL WJ . 24.63 4.67 28.82
C2 UNL WJ . 26.93 6.43 26.54
C2' UNL WJ . 23.92 5.20 30.06
C3 UNL WJ . 27.89 6.05 25.43
C3' UNL WJ . 23.29 6.57 29.83
C4 UNL WJ . 28.86 5.02 25.97
C4' UNL WJ . 22.58 7.07 31.07
C5 UNL WJ . 28.08 3.80 26.44
C5' UNL WJ . 21.92 8.42 30.83
C6 UNL WJ . 29.00 2.73 27.00
O1 UNL WJ . 25.58 5.63 28.35
O2 UNL WJ . 25.94 7.33 26.03
O3 UNL WJ . 28.64 7.18 24.97
O4 UNL WJ . 29.81 4.69 24.95
O5 UNL WJ . 27.14 4.17 27.47
O UNL XJ . 28.29 23.42 11.03
C1 UNL XJ . 27.12 22.93 11.67
C2 UNL XJ . 27.18 21.49 11.93
C1 UNL YJ . 22.51 22.04 9.11
C2 UNL YJ . 23.38 23.22 9.49
C3 UNL YJ . 24.67 25.00 8.61
C4 UNL YJ . 25.38 25.42 7.36
C5 UNL YJ . 27.32 26.55 6.58
C6 UNL YJ . 28.50 27.36 7.01
O1 UNL YJ . 22.02 21.35 10.25
O2 UNL YJ . 23.77 23.94 8.31
O3 UNL YJ . 26.55 26.17 7.71
C UNL ZJ . 28.19 4.86 17.85
O1 UNL ZJ . 27.14 4.42 17.42
O2 UNL ZJ . 29.24 5.31 18.28
C10 UNL AK . 5.57 7.55 22.77
C2 UNL AK . -5.91 -1.41 25.65
C3 UNL AK . -4.54 -1.11 26.18
C4 UNL AK . -3.09 0.69 26.77
C5 UNL AK . -1.90 0.26 25.96
C8 UNL AK . 3.23 5.03 24.11
C9 UNL AK . 4.50 5.55 23.51
O1 UNL AK . -6.21 -2.79 25.75
O2 UNL AK . -4.30 0.29 26.13
O3 UNL AK . -1.84 1.02 24.76
O4 UNL AK . 3.26 3.61 24.12
O5 UNL AK . 4.42 6.97 23.40
C1 UNL BK . 15.49 12.04 26.68
C2 UNL BK . 14.17 12.27 25.94
C3 UNL BK . 13.33 11.06 25.76
O1 UNL BK . 15.73 10.88 27.09
O2 UNL BK . 16.25 13.00 26.85
O UNL CK . 26.90 1.08 26.01
O UNL DK . 26.78 15.20 34.71
#